data_7UPR
#
_entry.id   7UPR
#
_cell.length_a   1.00
_cell.length_b   1.00
_cell.length_c   1.00
_cell.angle_alpha   90.00
_cell.angle_beta   90.00
_cell.angle_gamma   90.00
#
_symmetry.space_group_name_H-M   'P 1'
#
loop_
_entity.id
_entity.type
_entity.pdbx_description
1 polymer 'Outer mitochondrial transmembrane helix translocase'
2 polymer 'Unknown peptide substrate'
3 non-polymer "ADENOSINE-5'-TRIPHOSPHATE"
4 non-polymer 'MAGNESIUM ION'
#
loop_
_entity_poly.entity_id
_entity_poly.type
_entity_poly.pdbx_seq_one_letter_code
_entity_poly.pdbx_strand_id
1 'polypeptide(L)'
;MGSSHHHHHHSSGLVPRGSGSDPTRKQKVEAQKQAEKLMKQIGVKNVKLSEYEMSIAAHLVDPLNMHVTWSDIAGLDDVI
TDLKDTVILPIKKKHLFENSRLLQPPKGVLLYGPPGCGKTLIAKATAKEAGCRFINLQPSTLTDKWYGESQKLAAAVFSL
AIKLQPSIIFIDQIDSFLRNRSSSDHEATAMMKAQFMSLWDGLDTDHSCQVIVMGATNRPQDLDSAIMRRMPTRFHINQP
ALKQREAILKLILKNENVDRHVDLLEVAQETDGFSGSDLKEMCRDAALLCVREYVNSTSEESHDEDEIRPVQQQDLHRAI
EKMKKSKDAAFQNVLTHVCLD
;
C,B,E,D,F,A
2 'polypeptide(L)' (UNK)(UNK)(UNK)(UNK)(UNK)(UNK)(UNK)(UNK)(UNK)(UNK) G
#
loop_
_chem_comp.id
_chem_comp.type
_chem_comp.name
_chem_comp.formula
ATP non-polymer ADENOSINE-5'-TRIPHOSPHATE 'C10 H16 N5 O13 P3'
MG non-polymer 'MAGNESIUM ION' 'Mg 2'
#
# COMPACT_ATOMS: atom_id res chain seq x y z
N THR A 24 1.08 -25.69 18.15
CA THR A 24 0.09 -26.29 19.05
C THR A 24 -0.63 -25.21 19.83
N ARG A 25 0.08 -24.12 20.13
CA ARG A 25 -0.46 -22.99 20.89
C ARG A 25 -0.96 -23.45 22.26
N LYS A 26 -0.02 -23.96 23.05
CA LYS A 26 -0.29 -24.46 24.40
C LYS A 26 0.18 -23.47 25.47
N GLN A 27 0.14 -22.19 25.14
CA GLN A 27 0.46 -21.14 26.10
C GLN A 27 -0.75 -20.70 26.92
N LYS A 28 -1.96 -21.04 26.47
CA LYS A 28 -3.17 -20.67 27.20
C LYS A 28 -3.13 -21.19 28.63
N VAL A 29 -2.34 -22.23 28.87
CA VAL A 29 -2.12 -22.78 30.21
C VAL A 29 -1.72 -21.65 31.16
N GLU A 30 -0.72 -20.86 30.78
CA GLU A 30 -0.34 -19.73 31.62
C GLU A 30 -1.47 -18.70 31.66
N ALA A 31 -2.15 -18.49 30.52
CA ALA A 31 -3.35 -17.67 30.50
C ALA A 31 -4.47 -18.27 31.32
N GLN A 32 -4.43 -19.57 31.57
CA GLN A 32 -5.36 -20.23 32.48
C GLN A 32 -4.91 -20.15 33.93
N LYS A 33 -3.64 -19.82 34.18
CA LYS A 33 -3.12 -19.62 35.52
C LYS A 33 -3.00 -18.14 35.86
N GLN A 34 -3.66 -17.29 35.06
CA GLN A 34 -3.66 -15.85 35.28
C GLN A 34 -5.09 -15.32 35.19
N ALA A 35 -6.00 -16.19 34.76
CA ALA A 35 -7.41 -15.85 34.62
C ALA A 35 -8.21 -16.65 35.65
N GLU A 36 -7.51 -17.19 36.65
CA GLU A 36 -8.17 -17.92 37.72
C GLU A 36 -8.05 -17.16 39.03
N LYS A 37 -6.81 -16.86 39.44
CA LYS A 37 -6.58 -16.07 40.65
C LYS A 37 -7.28 -14.71 40.53
N LEU A 38 -7.15 -14.06 39.39
CA LEU A 38 -7.85 -12.80 39.16
C LEU A 38 -9.36 -12.98 39.33
N MET A 39 -9.88 -14.13 38.90
CA MET A 39 -11.30 -14.41 39.12
C MET A 39 -11.63 -14.42 40.60
N LYS A 40 -10.76 -15.01 41.43
CA LYS A 40 -10.96 -14.99 42.86
C LYS A 40 -10.91 -13.57 43.41
N GLN A 41 -10.26 -12.66 42.69
CA GLN A 41 -10.23 -11.26 43.11
C GLN A 41 -11.51 -10.51 42.75
N ILE A 42 -12.38 -11.13 41.96
CA ILE A 42 -13.64 -10.50 41.56
C ILE A 42 -14.83 -11.10 42.29
N GLY A 43 -14.80 -12.41 42.54
CA GLY A 43 -15.86 -13.06 43.28
C GLY A 43 -16.87 -13.79 42.42
N VAL A 44 -16.39 -14.58 41.46
CA VAL A 44 -17.23 -15.42 40.64
C VAL A 44 -17.17 -16.84 41.18
N LYS A 45 -18.34 -17.46 41.33
CA LYS A 45 -18.43 -18.76 41.98
C LYS A 45 -18.36 -19.92 40.97
N ASN A 46 -19.32 -19.96 40.04
CA ASN A 46 -19.44 -21.07 39.08
C ASN A 46 -19.55 -20.49 37.67
N VAL A 47 -18.39 -20.28 37.04
CA VAL A 47 -18.31 -19.82 35.65
C VAL A 47 -17.40 -20.78 34.91
N LYS A 48 -17.99 -21.71 34.16
CA LYS A 48 -17.26 -22.68 33.38
C LYS A 48 -16.99 -22.10 32.00
N LEU A 49 -15.71 -21.97 31.65
CA LEU A 49 -15.29 -21.36 30.39
C LEU A 49 -14.39 -22.33 29.63
N SER A 50 -14.09 -21.96 28.39
CA SER A 50 -13.21 -22.72 27.53
C SER A 50 -11.81 -22.12 27.55
N GLU A 51 -10.92 -22.63 26.70
CA GLU A 51 -9.56 -22.11 26.64
C GLU A 51 -9.53 -20.68 26.10
N TYR A 52 -10.27 -20.43 25.00
CA TYR A 52 -10.31 -19.09 24.44
C TYR A 52 -11.03 -18.13 25.37
N GLU A 53 -12.12 -18.57 26.01
CA GLU A 53 -12.81 -17.72 26.97
C GLU A 53 -11.92 -17.37 28.14
N MET A 54 -11.11 -18.33 28.60
CA MET A 54 -10.18 -18.04 29.69
C MET A 54 -9.08 -17.08 29.25
N SER A 55 -8.56 -17.27 28.04
CA SER A 55 -7.54 -16.35 27.52
C SER A 55 -8.09 -14.95 27.37
N ILE A 56 -9.38 -14.82 27.06
CA ILE A 56 -9.99 -13.49 26.97
C ILE A 56 -10.22 -12.90 28.36
N ALA A 57 -10.72 -13.72 29.29
CA ALA A 57 -10.96 -13.25 30.65
C ALA A 57 -9.68 -12.93 31.40
N ALA A 58 -8.53 -13.40 30.90
CA ALA A 58 -7.25 -13.07 31.51
C ALA A 58 -6.94 -11.58 31.48
N HIS A 59 -7.75 -10.77 30.79
CA HIS A 59 -7.56 -9.32 30.75
C HIS A 59 -8.60 -8.58 31.59
N LEU A 60 -9.25 -9.27 32.52
CA LEU A 60 -10.20 -8.63 33.41
C LEU A 60 -9.48 -7.67 34.36
N VAL A 61 -10.06 -6.51 34.58
CA VAL A 61 -9.48 -5.48 35.43
C VAL A 61 -10.09 -5.57 36.82
N ASP A 62 -9.25 -5.47 37.84
CA ASP A 62 -9.75 -5.51 39.21
C ASP A 62 -10.40 -4.17 39.56
N PRO A 63 -11.66 -4.18 40.02
CA PRO A 63 -12.30 -2.90 40.36
C PRO A 63 -11.64 -2.19 41.52
N LEU A 64 -11.01 -2.91 42.45
CA LEU A 64 -10.35 -2.29 43.58
C LEU A 64 -8.95 -1.80 43.26
N ASN A 65 -8.39 -2.16 42.10
CA ASN A 65 -7.06 -1.72 41.71
C ASN A 65 -7.02 -0.28 41.22
N MET A 66 -8.18 0.34 40.97
CA MET A 66 -8.23 1.71 40.52
C MET A 66 -8.23 2.66 41.72
N HIS A 67 -7.70 3.86 41.51
CA HIS A 67 -7.59 4.87 42.55
C HIS A 67 -8.13 6.21 42.06
N VAL A 68 -9.26 6.18 41.37
CA VAL A 68 -9.88 7.39 40.84
C VAL A 68 -11.39 7.18 40.78
N THR A 69 -12.14 8.12 41.34
CA THR A 69 -13.59 8.07 41.38
C THR A 69 -14.16 9.27 40.63
N TRP A 70 -15.49 9.43 40.72
CA TRP A 70 -16.13 10.54 40.03
C TRP A 70 -15.75 11.88 40.64
N SER A 71 -15.35 11.90 41.92
CA SER A 71 -14.91 13.14 42.54
C SER A 71 -13.56 13.60 42.02
N ASP A 72 -12.76 12.69 41.45
CA ASP A 72 -11.45 13.04 40.90
C ASP A 72 -11.51 13.53 39.47
N ILE A 73 -12.70 13.60 38.87
CA ILE A 73 -12.88 14.07 37.51
C ILE A 73 -13.68 15.37 37.58
N ALA A 74 -13.01 16.49 37.38
CA ALA A 74 -13.62 17.80 37.42
C ALA A 74 -13.54 18.46 36.06
N GLY A 75 -14.12 19.66 35.96
CA GLY A 75 -14.14 20.39 34.72
C GLY A 75 -15.44 20.21 33.97
N LEU A 76 -15.97 18.99 33.98
CA LEU A 76 -17.23 18.66 33.34
C LEU A 76 -18.08 17.88 34.33
N ASP A 77 -19.36 18.25 34.44
CA ASP A 77 -20.29 17.61 35.36
C ASP A 77 -21.52 17.06 34.68
N ASP A 78 -22.03 17.72 33.65
CA ASP A 78 -23.20 17.22 32.94
C ASP A 78 -22.90 15.91 32.23
N VAL A 79 -21.69 15.78 31.68
CA VAL A 79 -21.32 14.54 31.01
C VAL A 79 -21.24 13.39 32.01
N ILE A 80 -20.71 13.66 33.21
CA ILE A 80 -20.63 12.61 34.23
C ILE A 80 -22.01 12.16 34.66
N THR A 81 -22.92 13.11 34.89
CA THR A 81 -24.27 12.75 35.28
C THR A 81 -25.00 12.00 34.17
N ASP A 82 -24.79 12.42 32.92
CA ASP A 82 -25.40 11.71 31.80
C ASP A 82 -24.90 10.28 31.71
N LEU A 83 -23.58 10.09 31.84
CA LEU A 83 -23.04 8.73 31.78
C LEU A 83 -23.52 7.89 32.94
N LYS A 84 -23.66 8.50 34.13
CA LYS A 84 -24.11 7.74 35.29
C LYS A 84 -25.57 7.34 35.15
N ASP A 85 -26.40 8.22 34.59
CA ASP A 85 -27.82 7.91 34.41
C ASP A 85 -28.10 7.10 33.16
N THR A 86 -27.12 6.96 32.27
CA THR A 86 -27.30 6.16 31.05
C THR A 86 -26.70 4.76 31.16
N VAL A 87 -25.60 4.60 31.88
CA VAL A 87 -24.90 3.32 31.99
C VAL A 87 -25.11 2.70 33.37
N ILE A 88 -24.81 3.44 34.43
CA ILE A 88 -24.87 2.88 35.78
C ILE A 88 -26.31 2.75 36.26
N LEU A 89 -27.15 3.74 35.95
CA LEU A 89 -28.53 3.71 36.43
C LEU A 89 -29.33 2.53 35.90
N PRO A 90 -29.29 2.18 34.61
CA PRO A 90 -30.01 0.99 34.15
C PRO A 90 -29.46 -0.31 34.71
N ILE A 91 -28.18 -0.36 35.10
CA ILE A 91 -27.62 -1.57 35.68
C ILE A 91 -28.28 -1.87 37.03
N LYS A 92 -28.39 -0.85 37.88
CA LYS A 92 -29.08 -0.99 39.15
C LYS A 92 -30.58 -0.77 38.95
N LYS A 93 -31.34 -1.02 40.02
CA LYS A 93 -32.80 -0.85 40.03
C LYS A 93 -33.43 -1.61 38.86
N LYS A 94 -33.06 -2.89 38.72
CA LYS A 94 -33.58 -3.71 37.64
C LYS A 94 -35.07 -3.94 37.75
N HIS A 95 -35.64 -3.87 38.96
CA HIS A 95 -37.07 -4.06 39.13
C HIS A 95 -37.87 -2.95 38.47
N LEU A 96 -37.27 -1.77 38.31
CA LEU A 96 -37.99 -0.65 37.70
C LEU A 96 -37.95 -0.71 36.18
N PHE A 97 -36.88 -1.28 35.60
CA PHE A 97 -36.72 -1.34 34.16
C PHE A 97 -37.01 -2.71 33.56
N GLU A 98 -37.45 -3.67 34.38
CA GLU A 98 -37.75 -5.00 33.85
C GLU A 98 -39.05 -5.03 33.08
N ASN A 99 -39.96 -4.10 33.37
CA ASN A 99 -41.25 -4.08 32.70
C ASN A 99 -41.17 -3.42 31.32
N SER A 100 -40.47 -2.29 31.22
CA SER A 100 -40.37 -1.59 29.96
C SER A 100 -39.47 -2.35 29.00
N ARG A 101 -39.68 -2.09 27.70
CA ARG A 101 -38.93 -2.78 26.65
C ARG A 101 -37.69 -2.00 26.23
N LEU A 102 -37.76 -0.68 26.20
CA LEU A 102 -36.66 0.17 25.74
C LEU A 102 -36.02 0.96 26.88
N LEU A 103 -36.03 0.40 28.09
CA LEU A 103 -35.39 1.01 29.24
C LEU A 103 -34.20 0.19 29.73
N GLN A 104 -33.46 -0.38 28.78
CA GLN A 104 -32.26 -1.16 29.07
C GLN A 104 -31.02 -0.35 28.75
N PRO A 105 -29.86 -0.71 29.33
CA PRO A 105 -28.64 0.01 29.03
C PRO A 105 -28.25 -0.16 27.57
N PRO A 106 -27.61 0.84 26.97
CA PRO A 106 -27.25 0.74 25.55
C PRO A 106 -26.16 -0.31 25.33
N LYS A 107 -25.96 -0.64 24.06
CA LYS A 107 -24.97 -1.62 23.65
C LYS A 107 -23.68 -0.98 23.14
N GLY A 108 -23.44 0.29 23.50
CA GLY A 108 -22.23 0.98 23.08
C GLY A 108 -22.17 2.41 23.55
N VAL A 109 -21.00 2.81 24.06
CA VAL A 109 -20.78 4.18 24.54
C VAL A 109 -19.46 4.66 23.95
N LEU A 110 -19.54 5.62 23.04
CA LEU A 110 -18.36 6.15 22.35
C LEU A 110 -17.94 7.45 23.02
N LEU A 111 -16.83 7.42 23.73
CA LEU A 111 -16.26 8.61 24.36
C LEU A 111 -15.33 9.28 23.36
N TYR A 112 -15.83 10.31 22.68
CA TYR A 112 -15.07 10.97 21.63
C TYR A 112 -14.77 12.42 22.04
N GLY A 113 -13.83 13.02 21.32
CA GLY A 113 -13.40 14.37 21.60
C GLY A 113 -11.91 14.55 21.41
N PRO A 114 -11.39 15.73 21.74
CA PRO A 114 -9.95 15.94 21.65
C PRO A 114 -9.22 15.03 22.61
N PRO A 115 -7.98 14.66 22.28
CA PRO A 115 -7.23 13.78 23.17
C PRO A 115 -6.86 14.47 24.48
N GLY A 116 -6.55 13.66 25.47
CA GLY A 116 -6.16 14.18 26.77
C GLY A 116 -7.22 14.03 27.85
N CYS A 117 -7.93 15.10 28.16
CA CYS A 117 -8.80 15.13 29.32
C CYS A 117 -10.00 14.22 29.13
N GLY A 118 -10.33 13.47 30.19
CA GLY A 118 -11.64 12.84 30.32
C GLY A 118 -11.77 11.40 29.90
N LYS A 119 -11.19 11.01 28.76
CA LYS A 119 -11.46 9.70 28.19
C LYS A 119 -11.03 8.56 29.10
N THR A 120 -9.72 8.45 29.35
CA THR A 120 -9.24 7.35 30.18
C THR A 120 -9.66 7.52 31.63
N LEU A 121 -9.84 8.75 32.09
CA LEU A 121 -10.30 8.95 33.47
C LEU A 121 -11.73 8.47 33.65
N ILE A 122 -12.61 8.80 32.71
CA ILE A 122 -13.97 8.27 32.76
C ILE A 122 -13.97 6.76 32.58
N ALA A 123 -13.05 6.23 31.78
CA ALA A 123 -12.93 4.78 31.64
C ALA A 123 -12.58 4.13 32.97
N LYS A 124 -11.61 4.70 33.70
CA LYS A 124 -11.24 4.16 35.00
C LYS A 124 -12.38 4.31 36.00
N ALA A 125 -13.11 5.42 35.96
CA ALA A 125 -14.24 5.62 36.86
C ALA A 125 -15.34 4.58 36.59
N THR A 126 -15.57 4.26 35.31
CA THR A 126 -16.56 3.24 34.97
C THR A 126 -16.04 1.85 35.31
N ALA A 127 -14.71 1.67 35.34
CA ALA A 127 -14.17 0.38 35.76
C ALA A 127 -14.28 0.19 37.26
N LYS A 128 -14.18 1.27 38.03
CA LYS A 128 -14.14 1.16 39.48
C LYS A 128 -15.52 1.32 40.13
N GLU A 129 -16.16 2.47 39.92
CA GLU A 129 -17.34 2.85 40.69
C GLU A 129 -18.64 2.76 39.89
N ALA A 130 -18.68 1.95 38.83
CA ALA A 130 -19.89 1.84 38.04
C ALA A 130 -20.72 0.61 38.36
N GLY A 131 -20.13 -0.41 38.96
CA GLY A 131 -20.89 -1.62 39.26
C GLY A 131 -20.35 -2.89 38.64
N CYS A 132 -21.07 -3.40 37.64
CA CYS A 132 -20.80 -4.72 37.08
C CYS A 132 -19.36 -4.88 36.61
N ARG A 133 -18.96 -6.14 36.43
CA ARG A 133 -17.59 -6.51 36.10
C ARG A 133 -17.08 -5.82 34.86
N PHE A 134 -15.97 -5.09 34.99
CA PHE A 134 -15.34 -4.41 33.88
C PHE A 134 -14.30 -5.33 33.24
N ILE A 135 -14.17 -5.20 31.91
CA ILE A 135 -13.24 -6.03 31.14
C ILE A 135 -12.57 -5.15 30.09
N ASN A 136 -11.25 -5.16 30.06
CA ASN A 136 -10.48 -4.48 29.02
C ASN A 136 -10.20 -5.47 27.90
N LEU A 137 -10.42 -5.02 26.65
CA LEU A 137 -10.28 -5.93 25.52
C LEU A 137 -8.81 -6.16 25.16
N GLN A 138 -8.03 -5.09 25.03
CA GLN A 138 -6.63 -5.16 24.59
C GLN A 138 -6.55 -5.93 23.29
N PRO A 139 -6.95 -5.32 22.16
CA PRO A 139 -7.07 -6.07 20.90
C PRO A 139 -5.78 -6.71 20.41
N SER A 140 -4.65 -6.50 21.09
CA SER A 140 -3.41 -7.17 20.71
C SER A 140 -3.51 -8.67 20.95
N THR A 141 -4.32 -9.10 21.91
CA THR A 141 -4.49 -10.52 22.20
C THR A 141 -5.46 -11.20 21.26
N LEU A 142 -6.28 -10.44 20.53
CA LEU A 142 -7.22 -11.04 19.59
C LEU A 142 -6.49 -11.55 18.35
N THR A 143 -5.58 -10.75 17.81
CA THR A 143 -4.80 -11.16 16.65
C THR A 143 -3.81 -12.24 17.04
N ASP A 144 -3.91 -13.40 16.42
CA ASP A 144 -3.05 -14.54 16.73
C ASP A 144 -2.30 -14.95 15.46
N LYS A 145 -1.18 -15.65 15.68
CA LYS A 145 -0.35 -16.08 14.57
C LYS A 145 -0.97 -17.25 13.81
N TRP A 146 -1.56 -18.20 14.54
CA TRP A 146 -2.14 -19.38 13.91
C TRP A 146 -3.40 -19.01 13.14
N TYR A 147 -3.67 -19.79 12.09
CA TYR A 147 -4.86 -19.57 11.27
C TYR A 147 -6.10 -20.08 12.01
N GLY A 148 -7.20 -19.36 11.85
CA GLY A 148 -8.44 -19.74 12.50
C GLY A 148 -8.42 -19.63 14.01
N GLU A 149 -7.63 -18.70 14.54
CA GLU A 149 -7.54 -18.48 15.97
C GLU A 149 -8.00 -17.09 16.41
N SER A 150 -7.92 -16.09 15.53
CA SER A 150 -8.36 -14.75 15.90
C SER A 150 -9.89 -14.67 15.95
N GLN A 151 -10.56 -15.34 15.01
CA GLN A 151 -12.02 -15.33 15.01
C GLN A 151 -12.58 -16.07 16.23
N LYS A 152 -11.92 -17.16 16.63
CA LYS A 152 -12.37 -17.88 17.82
C LYS A 152 -12.25 -17.01 19.06
N LEU A 153 -11.18 -16.22 19.16
CA LEU A 153 -11.03 -15.32 20.30
C LEU A 153 -12.04 -14.18 20.24
N ALA A 154 -12.32 -13.66 19.04
CA ALA A 154 -13.32 -12.62 18.90
C ALA A 154 -14.70 -13.12 19.30
N ALA A 155 -14.99 -14.39 19.03
CA ALA A 155 -16.25 -14.98 19.47
C ALA A 155 -16.25 -15.22 20.97
N ALA A 156 -15.12 -15.67 21.52
CA ALA A 156 -15.02 -15.94 22.95
C ALA A 156 -15.16 -14.66 23.76
N VAL A 157 -14.78 -13.51 23.18
CA VAL A 157 -14.98 -12.24 23.86
C VAL A 157 -16.46 -12.06 24.22
N PHE A 158 -17.32 -12.12 23.20
CA PHE A 158 -18.75 -11.96 23.45
C PHE A 158 -19.33 -13.12 24.22
N SER A 159 -18.77 -14.33 24.05
CA SER A 159 -19.23 -15.47 24.84
C SER A 159 -19.02 -15.23 26.33
N LEU A 160 -17.83 -14.75 26.70
CA LEU A 160 -17.54 -14.41 28.09
C LEU A 160 -18.40 -13.25 28.56
N ALA A 161 -18.62 -12.26 27.69
CA ALA A 161 -19.46 -11.12 28.06
C ALA A 161 -20.87 -11.56 28.39
N ILE A 162 -21.43 -12.48 27.60
CA ILE A 162 -22.78 -12.98 27.87
C ILE A 162 -22.76 -13.93 29.07
N LYS A 163 -21.64 -14.62 29.31
CA LYS A 163 -21.59 -15.62 30.37
C LYS A 163 -21.80 -14.99 31.74
N LEU A 164 -21.22 -13.82 31.98
CA LEU A 164 -21.40 -13.09 33.23
C LEU A 164 -22.07 -11.76 32.92
N GLN A 165 -23.27 -11.57 33.46
CA GLN A 165 -24.03 -10.36 33.23
C GLN A 165 -24.23 -9.59 34.52
N PRO A 166 -24.07 -8.25 34.50
CA PRO A 166 -23.68 -7.49 33.30
C PRO A 166 -22.17 -7.34 33.18
N SER A 167 -21.72 -6.75 32.07
CA SER A 167 -20.30 -6.55 31.84
C SER A 167 -20.13 -5.40 30.85
N ILE A 168 -19.00 -4.71 30.94
CA ILE A 168 -18.70 -3.56 30.10
C ILE A 168 -17.41 -3.86 29.34
N ILE A 169 -17.54 -4.15 28.05
CA ILE A 169 -16.40 -4.43 27.19
C ILE A 169 -15.78 -3.10 26.77
N PHE A 170 -14.56 -2.84 27.24
CA PHE A 170 -13.87 -1.60 26.93
C PHE A 170 -12.81 -1.85 25.86
N ILE A 171 -12.80 -1.02 24.83
CA ILE A 171 -11.83 -1.10 23.74
C ILE A 171 -11.18 0.27 23.64
N ASP A 172 -9.99 0.40 24.23
CA ASP A 172 -9.27 1.66 24.17
C ASP A 172 -8.71 1.89 22.77
N GLN A 173 -8.88 3.11 22.27
CA GLN A 173 -8.49 3.49 20.92
C GLN A 173 -9.11 2.56 19.89
N ILE A 174 -10.46 2.58 19.87
CA ILE A 174 -11.23 1.70 19.01
C ILE A 174 -11.17 2.08 17.54
N ASP A 175 -10.55 3.19 17.21
CA ASP A 175 -10.49 3.67 15.82
C ASP A 175 -9.24 3.13 15.12
N SER A 176 -8.70 2.04 15.67
CA SER A 176 -7.54 1.39 15.09
C SER A 176 -7.77 -0.10 14.93
N PHE A 177 -8.62 -0.67 15.77
CA PHE A 177 -8.98 -2.08 15.63
C PHE A 177 -10.19 -2.25 14.72
N LEU A 178 -11.27 -1.53 15.00
CA LEU A 178 -12.45 -1.54 14.14
C LEU A 178 -12.40 -0.34 13.19
N ARG A 179 -11.38 -0.36 12.34
CA ARG A 179 -11.18 0.72 11.38
C ARG A 179 -12.22 0.66 10.27
N ASN A 180 -12.16 1.64 9.37
CA ASN A 180 -13.05 1.66 8.22
C ASN A 180 -12.71 0.51 7.28
N ARG A 181 -13.71 -0.29 6.93
CA ARG A 181 -13.49 -1.46 6.09
C ARG A 181 -13.04 -1.03 4.70
N SER A 182 -11.92 -1.61 4.25
CA SER A 182 -11.38 -1.34 2.93
C SER A 182 -10.92 -2.66 2.32
N SER A 183 -10.27 -2.57 1.16
CA SER A 183 -9.77 -3.76 0.47
C SER A 183 -8.39 -4.17 0.92
N SER A 184 -7.61 -3.26 1.48
CA SER A 184 -6.25 -3.56 1.95
C SER A 184 -6.26 -3.98 3.41
N ASP A 185 -7.01 -5.05 3.69
CA ASP A 185 -7.12 -5.60 5.03
C ASP A 185 -6.90 -7.10 4.98
N HIS A 186 -6.25 -7.63 6.01
CA HIS A 186 -6.02 -9.07 6.10
C HIS A 186 -7.34 -9.81 6.28
N GLU A 187 -7.34 -11.09 5.91
CA GLU A 187 -8.55 -11.89 6.00
C GLU A 187 -8.98 -12.08 7.44
N ALA A 188 -8.02 -12.30 8.34
CA ALA A 188 -8.36 -12.52 9.75
C ALA A 188 -8.89 -11.25 10.39
N THR A 189 -8.26 -10.11 10.12
CA THR A 189 -8.72 -8.84 10.68
C THR A 189 -10.11 -8.47 10.14
N ALA A 190 -10.33 -8.67 8.84
CA ALA A 190 -11.64 -8.38 8.27
C ALA A 190 -12.70 -9.32 8.84
N MET A 191 -12.35 -10.59 9.03
CA MET A 191 -13.30 -11.53 9.61
C MET A 191 -13.64 -11.16 11.04
N MET A 192 -12.64 -10.71 11.82
CA MET A 192 -12.90 -10.27 13.18
C MET A 192 -13.77 -9.02 13.21
N LYS A 193 -13.50 -8.08 12.30
CA LYS A 193 -14.30 -6.85 12.24
C LYS A 193 -15.73 -7.14 11.83
N ALA A 194 -15.95 -8.14 10.98
CA ALA A 194 -17.31 -8.52 10.62
C ALA A 194 -17.99 -9.28 11.75
N GLN A 195 -17.23 -10.14 12.45
CA GLN A 195 -17.82 -10.90 13.55
C GLN A 195 -18.20 -10.00 14.72
N PHE A 196 -17.44 -8.92 14.94
CA PHE A 196 -17.80 -7.99 16.00
C PHE A 196 -19.17 -7.38 15.77
N MET A 197 -19.42 -6.87 14.56
CA MET A 197 -20.72 -6.28 14.25
C MET A 197 -21.79 -7.34 14.04
N SER A 198 -21.43 -8.59 13.78
CA SER A 198 -22.42 -9.65 13.69
C SER A 198 -22.84 -10.15 15.07
N LEU A 199 -21.96 -10.07 16.06
CA LEU A 199 -22.27 -10.47 17.43
C LEU A 199 -22.65 -9.29 18.30
N TRP A 200 -22.65 -8.07 17.75
CA TRP A 200 -23.10 -6.91 18.51
C TRP A 200 -24.62 -6.86 18.59
N ASP A 201 -25.28 -6.75 17.45
CA ASP A 201 -26.75 -6.71 17.37
C ASP A 201 -27.23 -7.59 16.22
N GLY A 202 -26.66 -8.79 16.11
CA GLY A 202 -26.96 -9.67 15.01
C GLY A 202 -28.24 -10.48 15.16
N LEU A 203 -28.17 -11.76 14.82
CA LEU A 203 -29.33 -12.64 14.79
C LEU A 203 -29.64 -13.29 16.13
N ASP A 204 -28.68 -13.35 17.05
CA ASP A 204 -28.87 -13.99 18.34
C ASP A 204 -28.73 -13.05 19.52
N THR A 205 -28.09 -11.89 19.34
CA THR A 205 -27.87 -10.94 20.43
C THR A 205 -29.03 -9.95 20.48
N ASP A 206 -28.85 -8.84 21.20
CA ASP A 206 -29.84 -7.79 21.41
C ASP A 206 -31.02 -8.25 22.25
N HIS A 207 -30.84 -9.30 23.04
CA HIS A 207 -31.84 -9.74 23.99
C HIS A 207 -31.58 -9.09 25.35
N SER A 208 -32.26 -9.58 26.39
CA SER A 208 -32.08 -9.04 27.75
C SER A 208 -30.81 -9.63 28.33
N CYS A 209 -29.68 -9.07 27.93
CA CYS A 209 -28.37 -9.51 28.38
C CYS A 209 -27.58 -8.45 29.14
N GLN A 210 -27.89 -7.17 28.96
CA GLN A 210 -27.24 -6.07 29.68
C GLN A 210 -25.73 -6.03 29.41
N VAL A 211 -25.30 -6.48 28.24
CA VAL A 211 -23.89 -6.44 27.85
C VAL A 211 -23.67 -5.16 27.06
N ILE A 212 -22.86 -4.26 27.61
CA ILE A 212 -22.59 -2.96 27.02
C ILE A 212 -21.14 -2.90 26.57
N VAL A 213 -20.91 -2.36 25.38
CA VAL A 213 -19.57 -2.17 24.83
C VAL A 213 -19.31 -0.68 24.71
N MET A 214 -18.21 -0.23 25.31
CA MET A 214 -17.82 1.17 25.28
C MET A 214 -16.40 1.28 24.76
N GLY A 215 -16.09 2.44 24.17
CA GLY A 215 -14.77 2.71 23.63
C GLY A 215 -14.42 4.17 23.63
N ALA A 216 -13.19 4.50 24.02
CA ALA A 216 -12.72 5.87 24.04
C ALA A 216 -11.81 6.11 22.84
N THR A 217 -12.07 7.18 22.11
CA THR A 217 -11.29 7.50 20.92
C THR A 217 -11.18 9.01 20.76
N ASN A 218 -10.10 9.45 20.12
CA ASN A 218 -9.88 10.85 19.84
C ASN A 218 -10.00 11.18 18.35
N ARG A 219 -10.22 10.18 17.51
CA ARG A 219 -10.41 10.37 16.06
C ARG A 219 -11.61 9.56 15.62
N PRO A 220 -12.82 10.01 15.93
CA PRO A 220 -14.03 9.28 15.52
C PRO A 220 -14.45 9.53 14.08
N GLN A 221 -13.70 10.34 13.33
CA GLN A 221 -14.10 10.66 11.96
C GLN A 221 -13.94 9.47 11.04
N ASP A 222 -12.90 8.66 11.24
CA ASP A 222 -12.60 7.52 10.40
C ASP A 222 -12.73 6.20 11.16
N LEU A 223 -13.71 6.11 12.06
CA LEU A 223 -13.90 4.88 12.83
C LEU A 223 -14.53 3.80 11.97
N ASP A 224 -15.78 4.00 11.55
CA ASP A 224 -16.51 3.05 10.73
C ASP A 224 -17.88 3.58 10.35
N SER A 225 -18.61 2.85 9.52
CA SER A 225 -19.99 3.17 9.19
C SER A 225 -21.00 2.26 9.87
N ALA A 226 -20.66 0.98 10.07
CA ALA A 226 -21.54 0.05 10.77
C ALA A 226 -21.28 0.01 12.26
N ILE A 227 -20.05 0.28 12.69
CA ILE A 227 -19.76 0.31 14.12
C ILE A 227 -20.22 1.63 14.74
N MET A 228 -20.24 2.71 13.95
CA MET A 228 -20.67 4.00 14.47
C MET A 228 -22.13 3.96 14.92
N ARG A 229 -22.98 3.28 14.16
CA ARG A 229 -24.38 3.18 14.55
C ARG A 229 -24.58 2.21 15.71
N ARG A 230 -23.69 1.23 15.86
CA ARG A 230 -23.78 0.32 16.99
C ARG A 230 -23.36 0.96 18.30
N MET A 231 -22.72 2.14 18.26
CA MET A 231 -22.39 2.93 19.44
C MET A 231 -23.10 4.27 19.32
N PRO A 232 -24.42 4.29 19.51
CA PRO A 232 -25.15 5.55 19.29
C PRO A 232 -24.94 6.56 20.39
N THR A 233 -24.80 6.12 21.64
CA THR A 233 -24.56 7.03 22.76
C THR A 233 -23.12 7.51 22.68
N ARG A 234 -22.93 8.72 22.14
CA ARG A 234 -21.61 9.29 21.95
C ARG A 234 -21.47 10.50 22.87
N PHE A 235 -20.52 10.42 23.80
CA PHE A 235 -20.25 11.49 24.76
C PHE A 235 -19.05 12.29 24.28
N HIS A 236 -19.27 13.60 24.07
CA HIS A 236 -18.22 14.51 23.59
C HIS A 236 -17.46 15.04 24.79
N ILE A 237 -16.26 14.52 25.00
CA ILE A 237 -15.37 15.04 26.04
C ILE A 237 -14.57 16.18 25.43
N ASN A 238 -15.15 17.39 25.48
CA ASN A 238 -14.56 18.53 24.81
C ASN A 238 -13.27 18.98 25.50
N GLN A 239 -12.61 19.96 24.88
CA GLN A 239 -11.41 20.56 25.43
C GLN A 239 -11.81 21.58 26.48
N PRO A 240 -11.14 21.63 27.64
CA PRO A 240 -11.59 22.51 28.73
C PRO A 240 -11.66 23.98 28.34
N ALA A 241 -12.72 24.65 28.78
CA ALA A 241 -12.87 26.09 28.59
C ALA A 241 -12.42 26.79 29.86
N LEU A 242 -12.64 28.11 29.92
CA LEU A 242 -12.21 28.92 31.06
C LEU A 242 -12.72 28.34 32.38
N LYS A 243 -14.02 28.05 32.45
CA LYS A 243 -14.57 27.49 33.68
C LYS A 243 -14.01 26.09 33.96
N GLN A 244 -13.94 25.25 32.92
CA GLN A 244 -13.40 23.90 33.10
C GLN A 244 -11.92 23.96 33.44
N ARG A 245 -11.18 24.90 32.84
CA ARG A 245 -9.76 25.04 33.15
C ARG A 245 -9.57 25.47 34.60
N GLU A 246 -10.35 26.44 35.07
CA GLU A 246 -10.28 26.82 36.47
C GLU A 246 -10.63 25.65 37.39
N ALA A 247 -11.63 24.87 37.01
CA ALA A 247 -12.05 23.73 37.83
C ALA A 247 -10.94 22.70 37.94
N ILE A 248 -10.32 22.34 36.81
CA ILE A 248 -9.26 21.34 36.86
C ILE A 248 -8.02 21.87 37.55
N LEU A 249 -7.73 23.16 37.40
CA LEU A 249 -6.59 23.74 38.10
C LEU A 249 -6.82 23.77 39.61
N LYS A 250 -8.07 24.00 40.04
CA LYS A 250 -8.36 23.96 41.47
C LYS A 250 -8.37 22.53 42.00
N LEU A 251 -8.76 21.56 41.16
CA LEU A 251 -8.77 20.18 41.60
C LEU A 251 -7.35 19.62 41.74
N ILE A 252 -6.48 19.94 40.78
CA ILE A 252 -5.11 19.41 40.83
C ILE A 252 -4.36 19.97 42.02
N LEU A 253 -4.39 21.30 42.20
CA LEU A 253 -3.69 21.95 43.31
C LEU A 253 -4.56 21.92 44.57
N LYS A 254 -4.78 20.70 45.07
CA LYS A 254 -5.60 20.48 46.26
C LYS A 254 -4.78 19.94 47.43
N ASN A 255 -4.06 18.84 47.24
CA ASN A 255 -3.28 18.24 48.31
C ASN A 255 -1.89 18.87 48.44
N GLU A 256 -1.31 19.29 47.33
CA GLU A 256 0.03 19.89 47.37
C GLU A 256 -0.01 21.25 48.04
N ASN A 257 1.07 21.59 48.73
CA ASN A 257 1.15 22.87 49.41
C ASN A 257 1.26 24.01 48.41
N VAL A 258 0.47 25.06 48.61
CA VAL A 258 0.46 26.22 47.74
C VAL A 258 0.20 27.47 48.57
N ASP A 259 0.54 28.62 48.00
CA ASP A 259 0.35 29.89 48.70
C ASP A 259 -1.13 30.18 48.88
N ARG A 260 -1.44 31.00 49.88
CA ARG A 260 -2.83 31.31 50.20
C ARG A 260 -3.49 32.12 49.08
N HIS A 261 -2.89 33.25 48.71
CA HIS A 261 -3.48 34.14 47.71
C HIS A 261 -3.02 33.76 46.30
N VAL A 262 -3.47 32.60 45.86
CA VAL A 262 -3.23 32.11 44.50
C VAL A 262 -4.59 31.87 43.86
N ASP A 263 -4.98 32.73 42.92
CA ASP A 263 -6.24 32.60 42.22
C ASP A 263 -6.07 31.74 40.98
N LEU A 264 -6.76 30.60 40.95
CA LEU A 264 -6.67 29.70 39.80
C LEU A 264 -7.36 30.26 38.58
N LEU A 265 -8.20 31.29 38.73
CA LEU A 265 -8.86 31.89 37.58
C LEU A 265 -7.87 32.68 36.72
N GLU A 266 -6.89 33.31 37.34
CA GLU A 266 -5.92 34.11 36.60
C GLU A 266 -5.09 33.24 35.66
N VAL A 267 -4.52 32.16 36.18
CA VAL A 267 -3.71 31.27 35.35
C VAL A 267 -4.56 30.56 34.31
N ALA A 268 -5.81 30.25 34.64
CA ALA A 268 -6.70 29.61 33.67
C ALA A 268 -7.03 30.55 32.52
N GLN A 269 -7.26 31.83 32.82
CA GLN A 269 -7.52 32.80 31.77
C GLN A 269 -6.27 33.10 30.96
N GLU A 270 -5.10 33.08 31.61
CA GLU A 270 -3.86 33.34 30.88
C GLU A 270 -3.49 32.18 29.97
N THR A 271 -3.77 30.94 30.38
CA THR A 271 -3.40 29.77 29.60
C THR A 271 -4.10 29.75 28.25
N ASP A 272 -5.42 29.60 28.25
CA ASP A 272 -6.29 29.69 27.08
C ASP A 272 -5.94 28.68 25.98
N GLY A 273 -5.00 27.76 26.23
CA GLY A 273 -4.59 26.86 25.17
C GLY A 273 -4.22 25.45 25.57
N PHE A 274 -4.44 25.08 26.83
CA PHE A 274 -4.03 23.76 27.31
C PHE A 274 -5.23 22.83 27.43
N SER A 275 -4.94 21.54 27.40
CA SER A 275 -5.95 20.51 27.64
C SER A 275 -5.92 20.13 29.12
N GLY A 276 -6.61 19.04 29.47
CA GLY A 276 -6.61 18.58 30.85
C GLY A 276 -5.32 17.93 31.28
N SER A 277 -4.47 17.54 30.33
CA SER A 277 -3.20 16.90 30.66
C SER A 277 -2.03 17.89 30.70
N ASP A 278 -2.13 19.02 30.01
CA ASP A 278 -1.05 19.99 30.00
C ASP A 278 -0.99 20.77 31.30
N LEU A 279 -2.14 21.02 31.93
CA LEU A 279 -2.15 21.73 33.20
C LEU A 279 -1.54 20.86 34.31
N LYS A 280 -1.78 19.55 34.26
CA LYS A 280 -1.10 18.64 35.17
C LYS A 280 0.41 18.74 35.02
N GLU A 281 0.88 18.81 33.77
CA GLU A 281 2.32 18.96 33.53
C GLU A 281 2.83 20.31 34.02
N MET A 282 2.02 21.36 33.89
CA MET A 282 2.44 22.67 34.38
C MET A 282 2.57 22.67 35.90
N CYS A 283 1.60 22.07 36.60
CA CYS A 283 1.70 21.97 38.05
C CYS A 283 2.88 21.10 38.47
N ARG A 284 3.13 20.02 37.74
CA ARG A 284 4.27 19.16 38.04
C ARG A 284 5.58 19.93 37.85
N ASP A 285 5.66 20.75 36.80
CA ASP A 285 6.87 21.53 36.57
C ASP A 285 7.06 22.60 37.64
N ALA A 286 5.96 23.20 38.11
CA ALA A 286 6.05 24.16 39.20
C ALA A 286 6.56 23.48 40.47
N ALA A 287 6.00 22.32 40.81
CA ALA A 287 6.46 21.59 41.97
C ALA A 287 7.92 21.16 41.84
N LEU A 288 8.33 20.80 40.62
CA LEU A 288 9.72 20.42 40.40
C LEU A 288 10.65 21.60 40.56
N LEU A 289 10.25 22.77 40.05
CA LEU A 289 11.04 23.98 40.27
C LEU A 289 11.17 24.29 41.74
N CYS A 290 10.07 24.16 42.50
CA CYS A 290 10.12 24.42 43.94
C CYS A 290 11.07 23.44 44.64
N VAL A 291 10.94 22.15 44.36
CA VAL A 291 11.78 21.17 45.04
C VAL A 291 13.23 21.29 44.59
N ARG A 292 13.47 21.80 43.38
CA ARG A 292 14.84 22.02 42.93
C ARG A 292 15.47 23.21 43.63
N GLU A 293 14.72 24.31 43.77
CA GLU A 293 15.21 25.46 44.51
C GLU A 293 15.39 25.13 45.99
N TYR A 294 14.63 24.16 46.50
CA TYR A 294 14.80 23.75 47.89
C TYR A 294 15.99 22.83 48.08
N VAL A 295 16.20 21.90 47.14
CA VAL A 295 17.24 20.89 47.30
C VAL A 295 18.64 21.48 47.12
N ASN A 296 18.75 22.66 46.52
CA ASN A 296 20.06 23.28 46.33
C ASN A 296 20.67 23.72 47.66
N SER A 297 19.85 24.05 48.64
CA SER A 297 20.35 24.47 49.95
C SER A 297 20.21 23.35 50.97
N ILE A 308 9.51 21.66 49.96
CA ILE A 308 8.92 22.14 51.19
C ILE A 308 8.46 23.59 51.01
N ARG A 309 8.85 24.19 49.88
CA ARG A 309 8.48 25.57 49.59
C ARG A 309 7.21 25.61 48.76
N PRO A 310 6.21 26.39 49.16
CA PRO A 310 4.98 26.47 48.37
C PRO A 310 5.15 27.33 47.13
N VAL A 311 4.23 27.15 46.19
CA VAL A 311 4.24 27.91 44.94
C VAL A 311 3.57 29.26 45.18
N GLN A 312 4.32 30.34 44.94
CA GLN A 312 3.83 31.69 45.15
C GLN A 312 3.22 32.29 43.89
N GLN A 313 2.69 31.46 42.99
CA GLN A 313 2.02 31.89 41.76
C GLN A 313 3.02 32.49 40.78
N GLN A 314 4.29 32.59 41.17
CA GLN A 314 5.32 33.07 40.26
C GLN A 314 5.91 31.94 39.43
N ASP A 315 6.07 30.75 40.03
CA ASP A 315 6.54 29.60 39.27
C ASP A 315 5.46 29.11 38.31
N LEU A 316 4.19 29.35 38.63
CA LEU A 316 3.11 28.95 37.72
C LEU A 316 3.20 29.70 36.40
N HIS A 317 3.43 31.01 36.45
CA HIS A 317 3.56 31.78 35.21
C HIS A 317 4.78 31.36 34.43
N ARG A 318 5.89 31.06 35.11
CA ARG A 318 7.10 30.62 34.41
C ARG A 318 6.87 29.29 33.73
N ALA A 319 6.22 28.34 34.41
CA ALA A 319 5.92 27.05 33.80
C ALA A 319 4.95 27.20 32.64
N ILE A 320 3.97 28.09 32.77
CA ILE A 320 3.02 28.32 31.68
C ILE A 320 3.74 28.89 30.46
N GLU A 321 4.63 29.86 30.66
CA GLU A 321 5.39 30.41 29.55
C GLU A 321 6.30 29.37 28.91
N LYS A 322 6.93 28.53 29.73
CA LYS A 322 7.79 27.47 29.20
C LYS A 322 6.98 26.49 28.36
N MET A 323 5.83 26.05 28.86
CA MET A 323 5.00 25.11 28.11
C MET A 323 4.45 25.75 26.84
N LYS A 324 4.10 27.04 26.89
CA LYS A 324 3.58 27.71 25.70
C LYS A 324 4.67 27.89 24.64
N LYS A 325 5.91 28.14 25.06
CA LYS A 325 7.00 28.25 24.10
C LYS A 325 7.47 26.89 23.61
N SER A 326 7.19 25.82 24.36
CA SER A 326 7.56 24.48 23.92
C SER A 326 6.48 23.82 23.06
N LYS A 327 5.23 24.24 23.18
CA LYS A 327 4.15 23.69 22.37
C LYS A 327 4.16 24.20 20.93
N ASP A 328 5.09 25.07 20.59
CA ASP A 328 5.23 25.57 19.23
C ASP A 328 6.14 24.70 18.37
N ALA A 329 6.47 23.50 18.84
CA ALA A 329 7.32 22.60 18.06
C ALA A 329 6.60 22.11 16.80
N ALA A 330 5.30 21.88 16.90
CA ALA A 330 4.54 21.42 15.74
C ALA A 330 4.40 22.52 14.70
N PHE A 331 4.42 23.78 15.11
CA PHE A 331 4.30 24.90 14.19
C PHE A 331 5.62 25.65 14.05
N ALA B 35 -27.15 -32.49 15.78
CA ALA B 35 -28.10 -33.43 15.20
C ALA B 35 -29.30 -33.63 16.12
N GLU B 36 -29.22 -34.64 16.99
CA GLU B 36 -30.31 -34.90 17.93
C GLU B 36 -30.44 -33.83 18.99
N LYS B 37 -29.36 -33.10 19.28
CA LYS B 37 -29.44 -32.05 20.30
C LYS B 37 -30.26 -30.86 19.82
N LEU B 38 -30.34 -30.65 18.50
CA LEU B 38 -31.10 -29.55 17.92
C LEU B 38 -32.18 -30.06 16.97
N MET B 39 -32.54 -31.35 17.07
CA MET B 39 -33.59 -31.90 16.23
C MET B 39 -34.98 -31.43 16.65
N LYS B 40 -35.11 -30.88 17.87
CA LYS B 40 -36.41 -30.52 18.42
C LYS B 40 -37.20 -29.54 17.56
N GLN B 41 -36.56 -28.90 16.58
CA GLN B 41 -37.22 -27.90 15.75
C GLN B 41 -37.29 -28.27 14.28
N ILE B 42 -36.37 -29.12 13.78
CA ILE B 42 -36.40 -29.47 12.37
C ILE B 42 -37.61 -30.34 12.06
N GLY B 43 -38.09 -31.10 13.03
CA GLY B 43 -39.31 -31.88 12.85
C GLY B 43 -39.23 -32.99 11.83
N VAL B 44 -38.03 -33.46 11.51
CA VAL B 44 -37.84 -34.56 10.56
C VAL B 44 -36.94 -35.61 11.19
N LYS B 45 -37.33 -36.88 11.06
CA LYS B 45 -36.55 -37.99 11.58
C LYS B 45 -35.65 -38.60 10.51
N ASN B 46 -34.85 -37.75 9.86
CA ASN B 46 -33.98 -38.22 8.79
C ASN B 46 -32.53 -37.91 9.12
N VAL B 47 -32.11 -38.21 10.36
CA VAL B 47 -30.80 -37.85 10.86
C VAL B 47 -29.85 -39.00 10.56
N LYS B 48 -29.04 -38.84 9.50
CA LYS B 48 -27.92 -39.71 9.20
C LYS B 48 -26.64 -38.88 9.06
N LEU B 49 -26.45 -37.94 9.99
CA LEU B 49 -25.38 -36.96 9.87
C LEU B 49 -24.04 -37.57 10.29
N SER B 50 -22.98 -37.09 9.66
CA SER B 50 -21.62 -37.47 10.03
C SER B 50 -21.06 -36.45 11.02
N GLU B 51 -19.75 -36.52 11.27
CA GLU B 51 -19.13 -35.63 12.26
C GLU B 51 -19.22 -34.17 11.84
N TYR B 52 -18.81 -33.86 10.61
CA TYR B 52 -18.88 -32.49 10.13
C TYR B 52 -20.33 -32.02 10.02
N GLU B 53 -21.22 -32.89 9.55
CA GLU B 53 -22.64 -32.54 9.53
C GLU B 53 -23.17 -32.29 10.93
N MET B 54 -22.72 -33.08 11.91
CA MET B 54 -23.13 -32.85 13.29
C MET B 54 -22.64 -31.50 13.79
N SER B 55 -21.40 -31.15 13.46
CA SER B 55 -20.85 -29.86 13.90
C SER B 55 -21.58 -28.69 13.24
N ILE B 56 -22.02 -28.87 11.99
CA ILE B 56 -22.73 -27.79 11.31
C ILE B 56 -24.17 -27.69 11.81
N ALA B 57 -24.78 -28.82 12.19
CA ALA B 57 -26.19 -28.81 12.61
C ALA B 57 -26.39 -28.01 13.89
N ALA B 58 -25.35 -27.90 14.72
CA ALA B 58 -25.44 -27.10 15.95
C ALA B 58 -25.37 -25.61 15.68
N HIS B 59 -25.46 -25.17 14.42
CA HIS B 59 -25.32 -23.77 14.07
C HIS B 59 -26.58 -23.15 13.50
N LEU B 60 -27.59 -23.93 13.16
CA LEU B 60 -28.82 -23.38 12.60
C LEU B 60 -29.56 -22.54 13.65
N VAL B 61 -30.29 -21.54 13.18
CA VAL B 61 -30.94 -20.60 14.08
C VAL B 61 -32.03 -21.30 14.89
N ASP B 62 -32.42 -20.65 15.98
CA ASP B 62 -33.47 -21.16 16.87
C ASP B 62 -34.73 -20.33 16.67
N PRO B 63 -35.68 -20.78 15.85
CA PRO B 63 -36.88 -19.96 15.60
C PRO B 63 -37.79 -19.78 16.81
N LEU B 64 -37.52 -20.45 17.93
CA LEU B 64 -38.36 -20.28 19.11
C LEU B 64 -38.15 -18.92 19.75
N ASN B 65 -36.91 -18.56 20.02
CA ASN B 65 -36.60 -17.28 20.66
C ASN B 65 -36.33 -16.18 19.64
N MET B 66 -37.26 -16.00 18.70
CA MET B 66 -37.19 -14.97 17.67
C MET B 66 -38.51 -14.22 17.68
N HIS B 67 -38.57 -13.13 18.45
CA HIS B 67 -39.81 -12.37 18.62
C HIS B 67 -39.93 -11.25 17.60
N VAL B 68 -39.89 -11.61 16.31
CA VAL B 68 -39.97 -10.65 15.23
C VAL B 68 -40.81 -11.24 14.10
N THR B 69 -41.86 -10.52 13.71
CA THR B 69 -42.69 -10.92 12.57
C THR B 69 -42.77 -9.77 11.56
N TRP B 70 -43.63 -9.90 10.56
CA TRP B 70 -43.80 -8.81 9.61
C TRP B 70 -44.38 -7.57 10.27
N SER B 71 -45.17 -7.74 11.33
CA SER B 71 -45.72 -6.60 12.05
C SER B 71 -44.66 -5.84 12.84
N ASP B 72 -43.53 -6.48 13.14
CA ASP B 72 -42.46 -5.79 13.87
C ASP B 72 -41.75 -4.79 12.99
N ILE B 73 -41.49 -5.14 11.73
CA ILE B 73 -40.84 -4.25 10.79
C ILE B 73 -41.86 -3.25 10.27
N ALA B 74 -41.54 -1.96 10.38
CA ALA B 74 -42.42 -0.89 9.93
C ALA B 74 -41.66 0.02 8.97
N GLY B 75 -42.38 0.94 8.37
CA GLY B 75 -41.80 1.89 7.43
C GLY B 75 -41.68 1.40 6.00
N LEU B 76 -41.02 0.25 5.81
CA LEU B 76 -40.81 -0.33 4.49
C LEU B 76 -41.71 -1.56 4.38
N ASP B 77 -42.94 -1.35 3.92
CA ASP B 77 -43.88 -2.44 3.70
C ASP B 77 -43.83 -2.96 2.27
N ASP B 78 -43.53 -2.09 1.30
CA ASP B 78 -43.41 -2.54 -0.08
C ASP B 78 -42.25 -3.52 -0.23
N VAL B 79 -41.13 -3.25 0.45
CA VAL B 79 -40.00 -4.17 0.40
C VAL B 79 -40.37 -5.50 1.04
N ILE B 80 -41.15 -5.46 2.12
CA ILE B 80 -41.57 -6.69 2.80
C ILE B 80 -42.45 -7.52 1.87
N THR B 81 -43.44 -6.89 1.24
CA THR B 81 -44.31 -7.65 0.35
C THR B 81 -43.59 -8.12 -0.90
N ASP B 82 -42.57 -7.37 -1.35
CA ASP B 82 -41.75 -7.83 -2.47
C ASP B 82 -40.97 -9.08 -2.09
N LEU B 83 -40.30 -9.05 -0.94
CA LEU B 83 -39.60 -10.24 -0.45
C LEU B 83 -40.56 -11.42 -0.33
N LYS B 84 -41.77 -11.16 0.18
CA LYS B 84 -42.77 -12.20 0.35
C LYS B 84 -43.14 -12.82 -0.99
N ASP B 85 -43.75 -12.03 -1.88
CA ASP B 85 -44.21 -12.57 -3.16
C ASP B 85 -43.06 -12.94 -4.10
N THR B 86 -41.81 -12.75 -3.67
CA THR B 86 -40.67 -13.24 -4.45
C THR B 86 -40.13 -14.57 -3.93
N VAL B 87 -40.05 -14.77 -2.62
CA VAL B 87 -39.34 -15.91 -2.04
C VAL B 87 -40.30 -16.84 -1.28
N ILE B 88 -41.24 -16.28 -0.52
CA ILE B 88 -41.97 -17.06 0.47
C ILE B 88 -42.88 -18.09 -0.17
N LEU B 89 -43.76 -17.67 -1.09
CA LEU B 89 -44.69 -18.62 -1.72
C LEU B 89 -43.99 -19.74 -2.48
N PRO B 90 -42.84 -19.52 -3.14
CA PRO B 90 -42.08 -20.66 -3.65
C PRO B 90 -41.74 -21.71 -2.60
N ILE B 91 -41.87 -21.40 -1.31
CA ILE B 91 -41.60 -22.37 -0.25
C ILE B 91 -42.87 -22.94 0.35
N LYS B 92 -43.82 -22.09 0.77
CA LYS B 92 -45.06 -22.60 1.36
C LYS B 92 -45.96 -23.20 0.29
N LYS B 93 -46.25 -22.45 -0.77
CA LYS B 93 -47.05 -22.96 -1.86
C LYS B 93 -46.25 -24.02 -2.62
N LYS B 94 -46.51 -25.29 -2.32
CA LYS B 94 -45.76 -26.41 -2.90
C LYS B 94 -46.68 -27.36 -3.66
N HIS B 95 -47.87 -26.92 -4.01
CA HIS B 95 -48.82 -27.73 -4.76
C HIS B 95 -49.15 -27.15 -6.13
N LEU B 96 -49.17 -25.83 -6.26
CA LEU B 96 -49.47 -25.21 -7.54
C LEU B 96 -48.25 -25.28 -8.47
N PHE B 97 -47.08 -24.89 -7.97
CA PHE B 97 -45.88 -24.92 -8.79
C PHE B 97 -45.21 -26.29 -8.78
N GLU B 98 -45.78 -27.24 -8.03
CA GLU B 98 -45.16 -28.52 -7.72
C GLU B 98 -44.48 -29.18 -8.92
N ASN B 99 -45.22 -29.38 -10.01
CA ASN B 99 -44.67 -30.14 -11.13
C ASN B 99 -43.49 -29.42 -11.79
N SER B 100 -43.75 -28.31 -12.48
CA SER B 100 -42.70 -27.67 -13.26
C SER B 100 -42.73 -26.14 -13.21
N ARG B 101 -43.82 -25.56 -12.69
CA ARG B 101 -44.14 -24.15 -12.90
C ARG B 101 -43.00 -23.19 -12.56
N LEU B 102 -42.99 -22.04 -13.22
CA LEU B 102 -41.88 -21.09 -13.19
C LEU B 102 -41.61 -20.51 -11.81
N LEU B 103 -42.58 -20.53 -10.89
CA LEU B 103 -42.36 -19.97 -9.57
C LEU B 103 -41.25 -20.73 -8.86
N GLN B 104 -40.10 -20.08 -8.67
CA GLN B 104 -38.92 -20.70 -8.09
C GLN B 104 -38.27 -19.77 -7.10
N PRO B 105 -37.75 -20.29 -6.00
CA PRO B 105 -37.02 -19.46 -5.04
C PRO B 105 -35.68 -19.04 -5.61
N PRO B 106 -35.47 -17.73 -5.82
CA PRO B 106 -34.20 -17.28 -6.43
C PRO B 106 -33.00 -17.58 -5.55
N LYS B 107 -32.07 -18.37 -6.08
CA LYS B 107 -30.87 -18.73 -5.32
C LYS B 107 -29.99 -17.51 -5.12
N GLY B 108 -29.99 -16.96 -3.91
CA GLY B 108 -29.21 -15.79 -3.61
C GLY B 108 -30.03 -14.52 -3.57
N VAL B 109 -30.39 -14.07 -2.36
CA VAL B 109 -31.13 -12.84 -2.15
C VAL B 109 -30.26 -11.90 -1.34
N LEU B 110 -29.94 -10.75 -1.91
CA LEU B 110 -29.01 -9.80 -1.31
C LEU B 110 -29.79 -8.58 -0.84
N LEU B 111 -29.89 -8.42 0.48
CA LEU B 111 -30.51 -7.24 1.08
C LEU B 111 -29.41 -6.22 1.35
N TYR B 112 -29.31 -5.23 0.48
CA TYR B 112 -28.24 -4.23 0.58
C TYR B 112 -28.83 -2.88 0.93
N GLY B 113 -28.04 -2.08 1.66
CA GLY B 113 -28.45 -0.75 2.01
C GLY B 113 -27.50 -0.05 2.96
N PRO B 114 -27.94 1.06 3.55
CA PRO B 114 -27.12 1.75 4.54
C PRO B 114 -27.06 0.96 5.84
N PRO B 115 -26.02 1.16 6.65
CA PRO B 115 -25.90 0.40 7.90
C PRO B 115 -27.05 0.63 8.86
N GLY B 116 -27.84 -0.41 9.12
CA GLY B 116 -28.96 -0.33 10.03
C GLY B 116 -30.29 -0.39 9.30
N CYS B 117 -31.35 -0.21 10.09
CA CYS B 117 -32.72 -0.02 9.64
C CYS B 117 -33.16 -1.09 8.63
N GLY B 118 -33.22 -2.32 9.12
CA GLY B 118 -33.98 -3.34 8.41
C GLY B 118 -33.35 -4.69 8.13
N LYS B 119 -32.06 -4.72 7.82
CA LYS B 119 -31.43 -5.93 7.28
C LYS B 119 -31.54 -7.13 8.21
N THR B 120 -30.90 -7.06 9.39
CA THR B 120 -30.94 -8.19 10.30
C THR B 120 -32.33 -8.39 10.88
N LEU B 121 -33.13 -7.33 10.98
CA LEU B 121 -34.50 -7.47 11.45
C LEU B 121 -35.33 -8.30 10.47
N ILE B 122 -35.22 -8.00 9.17
CA ILE B 122 -35.92 -8.79 8.16
C ILE B 122 -35.38 -10.21 8.12
N ALA B 123 -34.06 -10.37 8.26
CA ALA B 123 -33.48 -11.71 8.29
C ALA B 123 -34.01 -12.53 9.46
N LYS B 124 -34.17 -11.88 10.62
CA LYS B 124 -34.67 -12.59 11.80
C LYS B 124 -36.15 -12.91 11.67
N ALA B 125 -36.93 -12.00 11.08
CA ALA B 125 -38.33 -12.30 10.80
C ALA B 125 -38.47 -13.49 9.87
N THR B 126 -37.62 -13.55 8.84
CA THR B 126 -37.61 -14.70 7.94
C THR B 126 -37.23 -15.97 8.69
N ALA B 127 -36.17 -15.92 9.50
CA ALA B 127 -35.78 -17.07 10.31
C ALA B 127 -36.92 -17.52 11.22
N LYS B 128 -37.77 -16.58 11.64
CA LYS B 128 -38.88 -16.92 12.52
C LYS B 128 -40.01 -17.61 11.76
N GLU B 129 -40.49 -17.00 10.69
CA GLU B 129 -41.76 -17.42 10.08
C GLU B 129 -41.64 -17.55 8.57
N ALA B 130 -40.60 -18.24 8.09
CA ALA B 130 -40.51 -18.59 6.67
C ALA B 130 -40.99 -20.00 6.38
N GLY B 131 -41.20 -20.82 7.40
CA GLY B 131 -41.62 -22.19 7.21
C GLY B 131 -40.51 -23.16 6.87
N CYS B 132 -39.27 -22.69 6.72
CA CYS B 132 -38.14 -23.53 6.38
C CYS B 132 -37.10 -23.49 7.50
N ARG B 133 -36.17 -24.43 7.44
CA ARG B 133 -35.12 -24.55 8.45
C ARG B 133 -34.06 -23.49 8.18
N PHE B 134 -34.14 -22.37 8.89
CA PHE B 134 -33.18 -21.29 8.74
C PHE B 134 -31.88 -21.64 9.47
N ILE B 135 -30.75 -21.35 8.82
CA ILE B 135 -29.44 -21.67 9.35
C ILE B 135 -28.51 -20.48 9.13
N ASN B 136 -27.84 -20.06 10.19
CA ASN B 136 -26.86 -18.98 10.11
C ASN B 136 -25.49 -19.56 9.78
N LEU B 137 -24.66 -18.75 9.11
CA LEU B 137 -23.36 -19.20 8.67
C LEU B 137 -22.27 -18.85 9.68
N GLN B 138 -22.07 -17.56 9.95
CA GLN B 138 -21.02 -17.08 10.84
C GLN B 138 -19.67 -17.65 10.42
N PRO B 139 -19.08 -17.15 9.33
CA PRO B 139 -17.88 -17.78 8.74
C PRO B 139 -16.72 -18.00 9.70
N SER B 140 -16.81 -17.44 10.91
CA SER B 140 -15.76 -17.67 11.90
C SER B 140 -15.66 -19.14 12.29
N THR B 141 -16.77 -19.88 12.22
CA THR B 141 -16.75 -21.30 12.56
C THR B 141 -16.22 -22.16 11.42
N LEU B 142 -16.12 -21.62 10.20
CA LEU B 142 -15.63 -22.41 9.08
C LEU B 142 -14.11 -22.56 9.12
N THR B 143 -13.40 -21.50 9.51
CA THR B 143 -11.94 -21.51 9.47
C THR B 143 -11.37 -22.34 10.61
N ASP B 144 -11.13 -23.63 10.34
CA ASP B 144 -10.53 -24.51 11.33
C ASP B 144 -9.02 -24.35 11.34
N LYS B 145 -8.42 -24.47 12.52
CA LYS B 145 -6.98 -24.28 12.65
C LYS B 145 -6.21 -25.47 12.10
N TRP B 146 -6.74 -26.67 12.26
CA TRP B 146 -6.03 -27.88 11.86
C TRP B 146 -5.90 -27.95 10.35
N TYR B 147 -4.66 -27.84 9.85
CA TYR B 147 -4.29 -27.94 8.44
C TYR B 147 -4.86 -26.82 7.59
N GLY B 148 -5.63 -25.90 8.16
CA GLY B 148 -6.28 -24.87 7.37
C GLY B 148 -7.27 -25.42 6.37
N GLU B 149 -7.82 -26.61 6.63
CA GLU B 149 -8.80 -27.23 5.74
C GLU B 149 -10.19 -26.81 6.19
N SER B 150 -10.77 -25.84 5.48
CA SER B 150 -12.12 -25.37 5.74
C SER B 150 -13.07 -25.63 4.59
N GLN B 151 -12.62 -26.36 3.55
CA GLN B 151 -13.51 -26.74 2.45
C GLN B 151 -14.43 -27.90 2.84
N LYS B 152 -13.99 -28.77 3.75
CA LYS B 152 -14.86 -29.86 4.21
C LYS B 152 -16.09 -29.34 4.92
N LEU B 153 -15.94 -28.30 5.75
CA LEU B 153 -17.09 -27.67 6.38
C LEU B 153 -17.97 -26.95 5.37
N ALA B 154 -17.36 -26.32 4.35
CA ALA B 154 -18.13 -25.68 3.30
C ALA B 154 -18.93 -26.68 2.48
N ALA B 155 -18.46 -27.93 2.40
CA ALA B 155 -19.24 -28.96 1.75
C ALA B 155 -20.30 -29.54 2.69
N ALA B 156 -19.96 -29.66 3.97
CA ALA B 156 -20.90 -30.22 4.94
C ALA B 156 -22.09 -29.32 5.17
N VAL B 157 -21.89 -28.00 5.14
CA VAL B 157 -23.02 -27.09 5.35
C VAL B 157 -24.03 -27.22 4.21
N PHE B 158 -23.53 -27.34 2.97
CA PHE B 158 -24.42 -27.52 1.84
C PHE B 158 -25.07 -28.89 1.84
N SER B 159 -24.33 -29.94 2.23
CA SER B 159 -24.93 -31.26 2.34
C SER B 159 -26.06 -31.27 3.38
N LEU B 160 -25.86 -30.54 4.48
CA LEU B 160 -26.90 -30.45 5.51
C LEU B 160 -28.10 -29.66 5.00
N ALA B 161 -27.84 -28.54 4.30
CA ALA B 161 -28.94 -27.74 3.78
C ALA B 161 -29.77 -28.52 2.77
N ILE B 162 -29.11 -29.36 1.95
CA ILE B 162 -29.85 -30.17 0.99
C ILE B 162 -30.54 -31.35 1.67
N LYS B 163 -29.96 -31.83 2.77
CA LYS B 163 -30.53 -32.99 3.46
C LYS B 163 -31.91 -32.67 4.03
N LEU B 164 -32.09 -31.45 4.54
CA LEU B 164 -33.34 -31.03 5.15
C LEU B 164 -33.93 -29.82 4.44
N GLN B 165 -33.94 -29.87 3.10
CA GLN B 165 -34.56 -28.81 2.32
C GLN B 165 -36.06 -28.73 2.64
N PRO B 166 -36.66 -27.53 2.57
CA PRO B 166 -36.05 -26.25 2.22
C PRO B 166 -35.17 -25.66 3.32
N SER B 167 -34.17 -24.88 2.93
CA SER B 167 -33.26 -24.25 3.89
C SER B 167 -32.74 -22.94 3.31
N ILE B 168 -32.49 -21.99 4.21
CA ILE B 168 -31.97 -20.68 3.84
C ILE B 168 -30.62 -20.52 4.53
N ILE B 169 -29.55 -20.49 3.74
CA ILE B 169 -28.20 -20.28 4.27
C ILE B 169 -27.94 -18.77 4.31
N PHE B 170 -27.85 -18.23 5.52
CA PHE B 170 -27.69 -16.79 5.72
C PHE B 170 -26.26 -16.52 6.17
N ILE B 171 -25.56 -15.68 5.41
CA ILE B 171 -24.20 -15.28 5.72
C ILE B 171 -24.22 -13.78 5.99
N ASP B 172 -24.26 -13.40 7.27
CA ASP B 172 -24.28 -12.00 7.65
C ASP B 172 -22.93 -11.35 7.35
N GLN B 173 -22.97 -10.09 6.91
CA GLN B 173 -21.80 -9.34 6.49
C GLN B 173 -21.01 -10.12 5.44
N ILE B 174 -21.70 -10.39 4.32
CA ILE B 174 -21.13 -11.19 3.24
C ILE B 174 -20.07 -10.44 2.45
N ASP B 175 -19.89 -9.14 2.70
CA ASP B 175 -18.85 -8.38 2.02
C ASP B 175 -17.47 -8.80 2.50
N SER B 176 -17.26 -8.80 3.82
CA SER B 176 -15.96 -9.18 4.37
C SER B 176 -15.68 -10.66 4.16
N PHE B 177 -16.72 -11.49 4.10
CA PHE B 177 -16.52 -12.92 3.89
C PHE B 177 -16.11 -13.23 2.45
N LEU B 178 -16.58 -12.44 1.49
CA LEU B 178 -16.25 -12.65 0.07
C LEU B 178 -15.79 -11.32 -0.51
N ARG B 179 -14.48 -11.12 -0.57
CA ARG B 179 -13.91 -9.90 -1.12
C ARG B 179 -13.25 -10.16 -2.47
N ALA B 190 -7.17 -19.56 -0.78
CA ALA B 190 -8.57 -19.29 -1.09
C ALA B 190 -9.23 -20.50 -1.73
N MET B 191 -8.78 -21.70 -1.34
CA MET B 191 -9.36 -22.92 -1.89
C MET B 191 -10.80 -23.10 -1.42
N MET B 192 -11.09 -22.74 -0.17
CA MET B 192 -12.44 -22.87 0.35
C MET B 192 -13.41 -21.97 -0.40
N LYS B 193 -12.97 -20.76 -0.77
CA LYS B 193 -13.84 -19.84 -1.50
C LYS B 193 -14.22 -20.42 -2.86
N ALA B 194 -13.24 -20.92 -3.61
CA ALA B 194 -13.54 -21.52 -4.90
C ALA B 194 -14.39 -22.77 -4.76
N GLN B 195 -14.12 -23.59 -3.75
CA GLN B 195 -14.92 -24.80 -3.54
C GLN B 195 -16.37 -24.45 -3.23
N PHE B 196 -16.59 -23.48 -2.34
CA PHE B 196 -17.94 -23.07 -2.00
C PHE B 196 -18.65 -22.44 -3.20
N MET B 197 -17.93 -21.66 -4.00
CA MET B 197 -18.52 -21.07 -5.19
C MET B 197 -18.96 -22.15 -6.17
N SER B 198 -18.07 -23.09 -6.46
CA SER B 198 -18.42 -24.19 -7.37
C SER B 198 -19.56 -25.03 -6.81
N LEU B 199 -19.59 -25.24 -5.49
CA LEU B 199 -20.67 -26.01 -4.89
C LEU B 199 -22.01 -25.30 -5.06
N TRP B 200 -22.07 -24.01 -4.70
CA TRP B 200 -23.29 -23.24 -4.84
C TRP B 200 -23.72 -23.15 -6.30
N ASP B 201 -22.77 -23.17 -7.23
CA ASP B 201 -23.12 -23.07 -8.64
C ASP B 201 -23.61 -24.41 -9.20
N GLY B 202 -23.07 -25.52 -8.69
CA GLY B 202 -23.35 -26.81 -9.26
C GLY B 202 -24.48 -27.60 -8.63
N LEU B 203 -24.63 -27.57 -7.31
CA LEU B 203 -25.62 -28.43 -6.68
C LEU B 203 -27.03 -27.88 -6.79
N ASP B 204 -27.17 -26.57 -7.04
CA ASP B 204 -28.50 -25.95 -7.14
C ASP B 204 -28.94 -25.90 -8.60
N THR B 205 -29.12 -27.08 -9.18
CA THR B 205 -29.61 -27.22 -10.54
C THR B 205 -30.70 -28.26 -10.72
N ASP B 206 -30.84 -29.23 -9.80
CA ASP B 206 -31.81 -30.30 -9.94
C ASP B 206 -33.22 -29.90 -9.56
N HIS B 207 -33.42 -28.66 -9.09
CA HIS B 207 -34.72 -28.12 -8.70
C HIS B 207 -35.49 -29.08 -7.78
N SER B 208 -34.77 -29.91 -7.03
CA SER B 208 -35.37 -30.82 -6.07
C SER B 208 -35.18 -30.36 -4.63
N CYS B 209 -34.24 -29.45 -4.38
CA CYS B 209 -34.00 -28.88 -3.05
C CYS B 209 -34.15 -27.38 -3.14
N GLN B 210 -34.86 -26.80 -2.15
CA GLN B 210 -35.14 -25.37 -2.14
C GLN B 210 -34.10 -24.58 -1.35
N VAL B 211 -32.85 -25.05 -1.29
CA VAL B 211 -31.81 -24.32 -0.60
C VAL B 211 -31.59 -22.97 -1.29
N ILE B 212 -31.60 -21.90 -0.51
CA ILE B 212 -31.45 -20.54 -1.01
C ILE B 212 -30.43 -19.82 -0.15
N VAL B 213 -29.46 -19.17 -0.79
CA VAL B 213 -28.42 -18.42 -0.10
C VAL B 213 -28.86 -16.96 -0.03
N MET B 214 -28.94 -16.43 1.19
CA MET B 214 -29.37 -15.06 1.44
C MET B 214 -28.29 -14.34 2.23
N GLY B 215 -28.09 -13.07 1.93
CA GLY B 215 -27.07 -12.29 2.60
C GLY B 215 -27.46 -10.83 2.73
N ALA B 216 -27.01 -10.22 3.81
CA ALA B 216 -27.23 -8.79 4.07
C ALA B 216 -25.92 -8.04 3.83
N THR B 217 -26.04 -6.78 3.41
CA THR B 217 -24.86 -6.01 3.02
C THR B 217 -25.11 -4.53 3.26
N ASN B 218 -24.17 -3.89 3.96
CA ASN B 218 -24.21 -2.46 4.17
C ASN B 218 -23.27 -1.70 3.24
N ARG B 219 -22.36 -2.40 2.56
CA ARG B 219 -21.45 -1.80 1.58
C ARG B 219 -21.51 -2.63 0.31
N PRO B 220 -22.52 -2.40 -0.55
CA PRO B 220 -22.68 -3.24 -1.75
C PRO B 220 -21.71 -2.91 -2.87
N GLN B 221 -21.05 -1.75 -2.84
CA GLN B 221 -20.20 -1.37 -3.97
C GLN B 221 -18.93 -2.21 -4.01
N ASP B 222 -18.35 -2.54 -2.85
CA ASP B 222 -17.11 -3.28 -2.78
C ASP B 222 -17.32 -4.77 -2.48
N LEU B 223 -18.52 -5.29 -2.70
CA LEU B 223 -18.81 -6.69 -2.39
C LEU B 223 -17.96 -7.64 -3.23
N ASP B 224 -18.20 -7.65 -4.55
CA ASP B 224 -17.54 -8.60 -5.45
C ASP B 224 -17.94 -8.32 -6.89
N SER B 225 -17.33 -9.03 -7.83
CA SER B 225 -17.68 -8.94 -9.24
C SER B 225 -18.52 -10.12 -9.72
N ALA B 226 -18.37 -11.29 -9.11
CA ALA B 226 -19.13 -12.47 -9.51
C ALA B 226 -20.28 -12.76 -8.54
N ILE B 227 -20.09 -12.49 -7.25
CA ILE B 227 -21.14 -12.75 -6.27
C ILE B 227 -22.33 -11.83 -6.49
N MET B 228 -22.05 -10.55 -6.80
CA MET B 228 -23.13 -9.61 -7.08
C MET B 228 -23.95 -10.07 -8.28
N ARG B 229 -23.29 -10.63 -9.30
CA ARG B 229 -24.02 -11.15 -10.45
C ARG B 229 -24.70 -12.48 -10.12
N ARG B 230 -24.10 -13.28 -9.25
CA ARG B 230 -24.66 -14.58 -8.91
C ARG B 230 -25.98 -14.48 -8.16
N MET B 231 -26.23 -13.36 -7.49
CA MET B 231 -27.47 -13.18 -6.75
C MET B 231 -28.44 -12.36 -7.60
N PRO B 232 -29.49 -12.96 -8.16
CA PRO B 232 -30.37 -12.18 -9.04
C PRO B 232 -31.25 -11.19 -8.29
N THR B 233 -31.75 -11.56 -7.12
CA THR B 233 -32.66 -10.71 -6.37
C THR B 233 -31.89 -9.82 -5.41
N ARG B 234 -32.04 -8.51 -5.57
CA ARG B 234 -31.40 -7.52 -4.71
C ARG B 234 -32.48 -6.59 -4.17
N PHE B 235 -32.55 -6.48 -2.85
CA PHE B 235 -33.51 -5.61 -2.17
C PHE B 235 -32.77 -4.45 -1.54
N HIS B 236 -33.14 -3.23 -1.95
CA HIS B 236 -32.52 -2.01 -1.42
C HIS B 236 -33.31 -1.58 -0.19
N ILE B 237 -32.73 -1.83 0.98
CA ILE B 237 -33.36 -1.43 2.24
C ILE B 237 -32.92 -0.01 2.56
N ASN B 238 -33.61 0.97 2.00
CA ASN B 238 -33.25 2.38 2.18
C ASN B 238 -33.46 2.82 3.62
N GLN B 239 -32.84 3.95 3.99
CA GLN B 239 -33.04 4.53 5.31
C GLN B 239 -34.41 5.19 5.35
N PRO B 240 -35.11 5.19 6.49
CA PRO B 240 -36.48 5.71 6.53
C PRO B 240 -36.61 7.15 6.05
N ALA B 241 -37.56 7.40 5.16
CA ALA B 241 -37.89 8.73 4.69
C ALA B 241 -38.82 9.42 5.68
N LEU B 242 -39.38 10.55 5.26
CA LEU B 242 -40.24 11.35 6.12
C LEU B 242 -41.45 10.55 6.61
N LYS B 243 -41.98 9.67 5.78
CA LYS B 243 -43.12 8.85 6.17
C LYS B 243 -42.70 7.59 6.92
N GLN B 244 -41.66 6.90 6.43
CA GLN B 244 -41.18 5.71 7.12
C GLN B 244 -40.64 6.05 8.51
N ARG B 245 -40.06 7.24 8.66
CA ARG B 245 -39.60 7.69 9.98
C ARG B 245 -40.77 7.80 10.94
N GLU B 246 -41.86 8.43 10.50
CA GLU B 246 -43.05 8.54 11.34
C GLU B 246 -43.63 7.16 11.65
N ALA B 247 -43.62 6.26 10.67
CA ALA B 247 -44.17 4.91 10.89
C ALA B 247 -43.36 4.17 11.95
N ILE B 248 -42.03 4.17 11.82
CA ILE B 248 -41.21 3.45 12.78
C ILE B 248 -41.24 4.13 14.14
N LEU B 249 -41.41 5.46 14.18
CA LEU B 249 -41.52 6.14 15.46
C LEU B 249 -42.82 5.80 16.16
N LYS B 250 -43.92 5.71 15.41
CA LYS B 250 -45.18 5.30 16.00
C LYS B 250 -45.15 3.84 16.43
N LEU B 251 -44.39 3.00 15.72
CA LEU B 251 -44.29 1.60 16.10
C LEU B 251 -43.41 1.41 17.33
N ILE B 252 -42.40 2.27 17.52
CA ILE B 252 -41.48 2.10 18.64
C ILE B 252 -42.20 2.29 19.97
N LEU B 253 -42.96 3.38 20.09
CA LEU B 253 -43.66 3.71 21.32
C LEU B 253 -45.14 3.34 21.14
N LYS B 254 -45.48 2.11 21.50
CA LYS B 254 -46.86 1.64 21.45
C LYS B 254 -47.39 1.27 22.83
N ASN B 255 -46.67 0.43 23.57
CA ASN B 255 -47.11 0.00 24.90
C ASN B 255 -46.70 0.97 25.99
N GLU B 256 -45.79 1.90 25.71
CA GLU B 256 -45.31 2.82 26.72
C GLU B 256 -46.36 3.89 27.03
N ASN B 257 -46.24 4.47 28.22
CA ASN B 257 -47.18 5.49 28.68
C ASN B 257 -46.76 6.85 28.11
N VAL B 258 -47.01 7.01 26.82
CA VAL B 258 -46.72 8.27 26.13
C VAL B 258 -47.90 9.21 26.30
N ASP B 259 -47.62 10.52 26.24
CA ASP B 259 -48.67 11.52 26.38
C ASP B 259 -49.59 11.50 25.16
N ARG B 260 -50.77 12.10 25.33
CA ARG B 260 -51.76 12.10 24.27
C ARG B 260 -51.41 13.07 23.14
N HIS B 261 -50.86 14.23 23.48
CA HIS B 261 -50.54 15.25 22.49
C HIS B 261 -49.11 15.12 21.99
N VAL B 262 -48.76 13.93 21.52
CA VAL B 262 -47.44 13.65 20.95
C VAL B 262 -47.66 13.21 19.51
N ASP B 263 -47.55 14.16 18.59
CA ASP B 263 -47.69 13.87 17.16
C ASP B 263 -46.35 13.39 16.62
N LEU B 264 -46.28 12.14 16.19
CA LEU B 264 -45.04 11.59 15.66
C LEU B 264 -44.66 12.22 14.32
N LEU B 265 -45.61 12.85 13.62
CA LEU B 265 -45.29 13.51 12.36
C LEU B 265 -44.34 14.68 12.60
N GLU B 266 -44.51 15.40 13.71
CA GLU B 266 -43.58 16.48 14.03
C GLU B 266 -42.18 15.94 14.31
N VAL B 267 -42.09 14.82 15.03
CA VAL B 267 -40.79 14.21 15.29
C VAL B 267 -40.14 13.78 13.99
N ALA B 268 -40.92 13.20 13.07
CA ALA B 268 -40.38 12.77 11.78
C ALA B 268 -39.89 13.97 10.97
N GLN B 269 -40.67 15.05 10.94
CA GLN B 269 -40.27 16.26 10.23
C GLN B 269 -39.17 17.02 10.95
N GLU B 270 -38.83 16.66 12.18
CA GLU B 270 -37.75 17.28 12.91
C GLU B 270 -36.44 16.50 12.83
N THR B 271 -36.49 15.17 12.68
CA THR B 271 -35.27 14.37 12.65
C THR B 271 -34.44 14.69 11.40
N ASP B 272 -34.99 14.40 10.22
CA ASP B 272 -34.36 14.71 8.94
C ASP B 272 -32.97 14.06 8.82
N GLY B 273 -32.96 12.73 8.82
CA GLY B 273 -31.73 12.01 8.59
C GLY B 273 -31.43 10.92 9.60
N PHE B 274 -32.40 10.64 10.48
CA PHE B 274 -32.21 9.62 11.50
C PHE B 274 -32.41 8.22 10.91
N SER B 275 -31.58 7.28 11.33
CA SER B 275 -31.65 5.92 10.86
C SER B 275 -32.63 5.12 11.72
N GLY B 276 -32.66 3.81 11.55
CA GLY B 276 -33.57 2.98 12.33
C GLY B 276 -33.13 2.85 13.78
N SER B 277 -31.84 2.58 14.00
CA SER B 277 -31.32 2.46 15.36
C SER B 277 -31.20 3.81 16.04
N ASP B 278 -30.97 4.88 15.27
CA ASP B 278 -30.86 6.21 15.86
C ASP B 278 -32.18 6.64 16.50
N LEU B 279 -33.29 6.32 15.85
CA LEU B 279 -34.59 6.67 16.42
C LEU B 279 -34.88 5.86 17.69
N LYS B 280 -34.51 4.58 17.69
CA LYS B 280 -34.67 3.77 18.88
C LYS B 280 -33.83 4.33 20.03
N GLU B 281 -32.60 4.74 19.74
CA GLU B 281 -31.75 5.32 20.78
C GLU B 281 -32.31 6.64 21.28
N MET B 282 -32.87 7.45 20.37
CA MET B 282 -33.48 8.71 20.78
C MET B 282 -34.68 8.47 21.68
N CYS B 283 -35.52 7.49 21.34
CA CYS B 283 -36.66 7.17 22.18
C CYS B 283 -36.22 6.64 23.54
N ARG B 284 -35.16 5.83 23.56
CA ARG B 284 -34.63 5.33 24.83
C ARG B 284 -34.10 6.47 25.69
N ASP B 285 -33.39 7.41 25.08
CA ASP B 285 -32.88 8.56 25.83
C ASP B 285 -34.02 9.42 26.36
N ALA B 286 -35.08 9.58 25.56
CA ALA B 286 -36.24 10.35 26.02
C ALA B 286 -36.92 9.66 27.20
N ALA B 287 -37.07 8.33 27.13
CA ALA B 287 -37.67 7.60 28.24
C ALA B 287 -36.80 7.70 29.49
N LEU B 288 -35.48 7.62 29.32
CA LEU B 288 -34.59 7.76 30.47
C LEU B 288 -34.68 9.15 31.07
N LEU B 289 -34.75 10.19 30.23
CA LEU B 289 -34.87 11.55 30.74
C LEU B 289 -36.21 11.77 31.44
N CYS B 290 -37.27 11.10 30.97
CA CYS B 290 -38.57 11.25 31.62
C CYS B 290 -38.59 10.51 32.96
N VAL B 291 -37.95 9.34 33.04
CA VAL B 291 -37.90 8.60 34.29
C VAL B 291 -36.86 9.16 35.25
N ARG B 292 -35.97 10.03 34.78
CA ARG B 292 -34.98 10.64 35.66
C ARG B 292 -35.62 11.52 36.72
N GLU B 293 -36.76 12.14 36.41
CA GLU B 293 -37.44 12.98 37.38
C GLU B 293 -38.08 12.16 38.49
N TYR B 294 -38.29 10.86 38.25
CA TYR B 294 -38.90 9.99 39.25
C TYR B 294 -37.88 9.14 40.01
N VAL B 295 -36.79 8.73 39.35
CA VAL B 295 -35.84 7.85 40.01
C VAL B 295 -35.06 8.60 41.10
N ASN B 296 -34.90 9.92 40.94
CA ASN B 296 -34.12 10.67 41.92
C ASN B 296 -34.85 10.79 43.25
N SER B 297 -36.18 10.76 43.24
CA SER B 297 -36.97 10.86 44.46
C SER B 297 -36.87 9.57 45.28
N ILE B 308 -42.40 6.93 35.39
CA ILE B 308 -43.82 6.99 35.75
C ILE B 308 -44.45 8.24 35.15
N ARG B 309 -43.60 9.13 34.62
CA ARG B 309 -44.08 10.37 34.01
C ARG B 309 -44.28 10.16 32.52
N PRO B 310 -45.40 10.62 31.96
CA PRO B 310 -45.63 10.44 30.52
C PRO B 310 -44.65 11.27 29.70
N VAL B 311 -44.09 10.65 28.67
CA VAL B 311 -43.13 11.32 27.80
C VAL B 311 -43.84 12.42 27.03
N GLN B 312 -43.38 13.66 27.19
CA GLN B 312 -43.95 14.81 26.52
C GLN B 312 -43.13 15.14 25.28
N GLN B 313 -43.49 16.25 24.62
CA GLN B 313 -42.77 16.66 23.42
C GLN B 313 -41.42 17.30 23.76
N GLN B 314 -41.29 17.89 24.94
CA GLN B 314 -40.03 18.54 25.30
C GLN B 314 -38.91 17.52 25.46
N ASP B 315 -39.21 16.36 26.06
CA ASP B 315 -38.19 15.32 26.19
C ASP B 315 -37.74 14.81 24.83
N LEU B 316 -38.69 14.62 23.91
CA LEU B 316 -38.34 14.17 22.57
C LEU B 316 -37.51 15.21 21.84
N HIS B 317 -37.85 16.49 22.01
CA HIS B 317 -37.09 17.56 21.37
C HIS B 317 -35.67 17.62 21.92
N ARG B 318 -35.52 17.48 23.25
CA ARG B 318 -34.19 17.49 23.84
C ARG B 318 -33.37 16.29 23.38
N ALA B 319 -34.00 15.12 23.29
CA ALA B 319 -33.28 13.94 22.80
C ALA B 319 -32.87 14.10 21.35
N ILE B 320 -33.74 14.67 20.52
CA ILE B 320 -33.41 14.92 19.12
C ILE B 320 -32.25 15.88 19.01
N GLU B 321 -32.27 16.95 19.80
CA GLU B 321 -31.16 17.92 19.77
C GLU B 321 -29.86 17.28 20.21
N LYS B 322 -29.90 16.48 21.27
CA LYS B 322 -28.68 15.81 21.74
C LYS B 322 -28.14 14.84 20.69
N MET B 323 -29.04 14.08 20.04
CA MET B 323 -28.59 13.13 19.03
C MET B 323 -28.03 13.84 17.80
N LYS B 324 -28.64 14.97 17.41
CA LYS B 324 -28.13 15.71 16.27
C LYS B 324 -26.78 16.36 16.59
N LYS B 325 -26.58 16.77 17.84
CA LYS B 325 -25.27 17.29 18.23
C LYS B 325 -24.23 16.18 18.27
N SER B 326 -24.63 14.98 18.70
CA SER B 326 -23.70 13.86 18.79
C SER B 326 -23.35 13.26 17.43
N LYS B 327 -24.26 13.35 16.46
CA LYS B 327 -24.02 12.77 15.15
C LYS B 327 -22.91 13.48 14.38
N ASP B 328 -22.44 14.63 14.84
CA ASP B 328 -21.36 15.35 14.20
C ASP B 328 -19.98 14.86 14.65
N ALA B 329 -19.91 13.67 15.26
CA ALA B 329 -18.62 13.14 15.70
C ALA B 329 -17.76 12.70 14.51
N ALA B 330 -18.40 12.13 13.49
CA ALA B 330 -17.66 11.67 12.31
C ALA B 330 -17.22 12.81 11.40
N PHE B 331 -17.65 14.04 11.67
CA PHE B 331 -17.27 15.17 10.84
C PHE B 331 -16.38 16.14 11.61
N PRO C 23 6.45 -19.23 3.23
CA PRO C 23 6.56 -17.77 3.27
C PRO C 23 7.48 -17.21 2.19
N THR C 24 8.49 -16.45 2.61
CA THR C 24 9.47 -15.86 1.69
C THR C 24 10.86 -16.47 1.88
N ARG C 25 10.90 -17.70 2.41
CA ARG C 25 12.16 -18.38 2.68
C ARG C 25 12.82 -18.95 1.43
N LYS C 26 12.13 -18.88 0.29
CA LYS C 26 12.70 -19.35 -0.97
C LYS C 26 13.70 -18.34 -1.53
N GLN C 27 13.28 -17.07 -1.63
CA GLN C 27 14.18 -16.02 -2.11
C GLN C 27 15.43 -15.93 -1.24
N LYS C 28 15.30 -16.24 0.05
CA LYS C 28 16.42 -16.19 0.98
C LYS C 28 17.19 -17.50 1.06
N VAL C 29 16.76 -18.53 0.34
CA VAL C 29 17.49 -19.79 0.30
C VAL C 29 18.34 -19.94 -0.95
N GLU C 30 18.09 -19.13 -1.99
CA GLU C 30 18.92 -19.11 -3.18
C GLU C 30 20.12 -18.18 -3.02
N ALA C 31 19.90 -16.96 -2.53
CA ALA C 31 21.01 -16.04 -2.28
C ALA C 31 22.00 -16.65 -1.30
N GLN C 32 21.50 -17.44 -0.35
CA GLN C 32 22.40 -18.13 0.58
C GLN C 32 23.37 -19.05 -0.15
N LYS C 33 22.92 -19.71 -1.22
CA LYS C 33 23.81 -20.53 -2.02
C LYS C 33 24.62 -19.71 -3.01
N GLN C 34 24.29 -18.42 -3.18
CA GLN C 34 25.04 -17.53 -4.05
C GLN C 34 25.97 -16.60 -3.29
N ALA C 35 25.56 -16.14 -2.10
CA ALA C 35 26.42 -15.27 -1.31
C ALA C 35 27.62 -16.02 -0.75
N GLU C 36 27.47 -17.32 -0.47
CA GLU C 36 28.58 -18.09 0.08
C GLU C 36 29.72 -18.22 -0.93
N LYS C 37 29.40 -18.64 -2.15
CA LYS C 37 30.42 -18.77 -3.18
C LYS C 37 31.13 -17.43 -3.42
N LEU C 38 30.35 -16.35 -3.55
CA LEU C 38 30.95 -15.02 -3.71
C LEU C 38 31.77 -14.64 -2.49
N MET C 39 31.44 -15.17 -1.32
CA MET C 39 32.23 -14.93 -0.12
C MET C 39 33.47 -15.82 -0.06
N LYS C 40 33.52 -16.88 -0.84
CA LYS C 40 34.68 -17.77 -0.81
C LYS C 40 35.88 -17.14 -1.51
N GLN C 41 35.65 -16.44 -2.61
CA GLN C 41 36.74 -15.82 -3.36
C GLN C 41 37.18 -14.48 -2.80
N ILE C 42 36.32 -13.81 -2.01
CA ILE C 42 36.70 -12.51 -1.47
C ILE C 42 37.77 -12.67 -0.39
N GLY C 43 37.54 -13.54 0.59
CA GLY C 43 38.55 -13.80 1.59
C GLY C 43 38.05 -13.71 3.03
N VAL C 44 36.73 -13.66 3.21
CA VAL C 44 36.18 -13.66 4.57
C VAL C 44 36.33 -15.06 5.15
N LYS C 45 37.00 -15.14 6.30
CA LYS C 45 37.34 -16.44 6.87
C LYS C 45 36.17 -17.02 7.66
N ASN C 46 35.73 -16.33 8.70
CA ASN C 46 34.69 -16.84 9.60
C ASN C 46 33.71 -15.69 9.86
N VAL C 47 32.62 -15.67 9.10
CA VAL C 47 31.55 -14.69 9.27
C VAL C 47 30.24 -15.44 9.33
N LYS C 48 29.57 -15.40 10.49
CA LYS C 48 28.30 -16.08 10.70
C LYS C 48 27.18 -15.07 10.47
N LEU C 49 26.36 -15.31 9.45
CA LEU C 49 25.29 -14.42 9.06
C LEU C 49 23.95 -15.10 9.19
N SER C 50 22.89 -14.28 9.22
CA SER C 50 21.52 -14.77 9.27
C SER C 50 20.96 -14.80 7.85
N GLU C 51 19.64 -15.01 7.74
CA GLU C 51 19.02 -15.04 6.42
C GLU C 51 19.03 -13.67 5.76
N TYR C 52 18.63 -12.63 6.51
CA TYR C 52 18.64 -11.28 5.95
C TYR C 52 20.07 -10.80 5.69
N GLU C 53 20.99 -11.12 6.59
CA GLU C 53 22.38 -10.73 6.37
C GLU C 53 22.96 -11.40 5.14
N MET C 54 22.62 -12.67 4.92
CA MET C 54 23.10 -13.36 3.72
C MET C 54 22.45 -12.80 2.46
N SER C 55 21.15 -12.50 2.52
CA SER C 55 20.49 -11.91 1.36
C SER C 55 21.06 -10.54 1.03
N ILE C 56 21.55 -9.81 2.03
CA ILE C 56 22.19 -8.52 1.77
C ILE C 56 23.59 -8.72 1.22
N ALA C 57 24.36 -9.64 1.81
CA ALA C 57 25.72 -9.91 1.36
C ALA C 57 25.76 -10.52 -0.03
N ALA C 58 24.64 -11.07 -0.51
CA ALA C 58 24.57 -11.59 -1.87
C ALA C 58 24.78 -10.51 -2.92
N HIS C 59 24.80 -9.24 -2.54
CA HIS C 59 25.02 -8.14 -3.47
C HIS C 59 26.42 -7.56 -3.37
N LEU C 60 27.34 -8.28 -2.74
CA LEU C 60 28.73 -7.85 -2.68
C LEU C 60 29.35 -7.89 -4.08
N VAL C 61 30.20 -6.90 -4.35
CA VAL C 61 30.84 -6.76 -5.66
C VAL C 61 32.20 -7.43 -5.62
N ASP C 62 32.59 -8.03 -6.73
CA ASP C 62 33.88 -8.70 -6.82
C ASP C 62 34.98 -7.68 -7.06
N PRO C 63 36.05 -7.69 -6.25
CA PRO C 63 37.12 -6.69 -6.47
C PRO C 63 37.86 -6.87 -7.79
N LEU C 64 38.03 -8.12 -8.25
CA LEU C 64 38.75 -8.37 -9.48
C LEU C 64 37.90 -8.14 -10.73
N ASN C 65 36.58 -8.07 -10.59
CA ASN C 65 35.72 -7.87 -11.75
C ASN C 65 35.87 -6.45 -12.31
N MET C 66 36.11 -5.47 -11.45
CA MET C 66 36.28 -4.09 -11.92
C MET C 66 37.61 -3.96 -12.66
N HIS C 67 37.56 -3.35 -13.84
CA HIS C 67 38.74 -3.19 -14.69
C HIS C 67 39.10 -1.73 -14.91
N VAL C 68 38.75 -0.85 -13.96
CA VAL C 68 39.04 0.57 -14.05
C VAL C 68 39.73 1.01 -12.77
N THR C 69 40.87 1.67 -12.90
CA THR C 69 41.67 2.14 -11.77
C THR C 69 41.75 3.66 -11.82
N TRP C 70 42.59 4.23 -10.94
CA TRP C 70 42.78 5.67 -10.92
C TRP C 70 43.43 6.16 -12.21
N SER C 71 44.25 5.32 -12.84
CA SER C 71 44.89 5.70 -14.09
C SER C 71 43.88 5.81 -15.24
N ASP C 72 42.75 5.13 -15.15
CA ASP C 72 41.71 5.18 -16.17
C ASP C 72 40.74 6.33 -15.98
N ILE C 73 40.96 7.17 -14.97
CA ILE C 73 40.09 8.32 -14.70
C ILE C 73 40.93 9.57 -14.85
N ALA C 74 40.70 10.31 -15.94
CA ALA C 74 41.40 11.54 -16.22
C ALA C 74 40.41 12.70 -16.24
N GLY C 75 40.95 13.91 -16.28
CA GLY C 75 40.13 15.11 -16.28
C GLY C 75 40.16 15.83 -14.95
N LEU C 76 40.16 15.07 -13.86
CA LEU C 76 40.23 15.63 -12.52
C LEU C 76 41.37 14.96 -11.76
N ASP C 77 42.19 15.75 -11.09
CA ASP C 77 43.34 15.26 -10.34
C ASP C 77 43.28 15.61 -8.86
N ASP C 78 42.77 16.79 -8.50
CA ASP C 78 42.66 17.16 -7.10
C ASP C 78 41.63 16.29 -6.38
N VAL C 79 40.53 15.94 -7.07
CA VAL C 79 39.52 15.10 -6.46
C VAL C 79 40.09 13.71 -6.18
N ILE C 80 40.92 13.19 -7.08
CA ILE C 80 41.48 11.85 -6.90
C ILE C 80 42.37 11.81 -5.66
N THR C 81 43.31 12.75 -5.54
CA THR C 81 44.20 12.76 -4.39
C THR C 81 43.45 13.10 -3.10
N ASP C 82 42.42 13.95 -3.18
CA ASP C 82 41.61 14.22 -2.00
C ASP C 82 40.90 12.97 -1.51
N LEU C 83 40.34 12.20 -2.44
CA LEU C 83 39.69 10.94 -2.05
C LEU C 83 40.70 9.95 -1.51
N LYS C 84 41.89 9.89 -2.11
CA LYS C 84 42.92 8.96 -1.64
C LYS C 84 43.40 9.34 -0.24
N ASP C 85 43.41 10.64 0.09
CA ASP C 85 43.84 11.06 1.41
C ASP C 85 42.72 10.94 2.45
N THR C 86 41.47 11.09 2.03
CA THR C 86 40.35 11.09 2.96
C THR C 86 39.82 9.68 3.25
N VAL C 87 39.76 8.82 2.24
CA VAL C 87 39.18 7.48 2.37
C VAL C 87 40.26 6.40 2.30
N ILE C 88 41.13 6.48 1.29
CA ILE C 88 42.10 5.40 1.08
C ILE C 88 43.21 5.47 2.12
N LEU C 89 43.58 6.68 2.54
CA LEU C 89 44.69 6.82 3.48
C LEU C 89 44.33 6.34 4.88
N PRO C 90 43.23 6.76 5.50
CA PRO C 90 42.95 6.31 6.88
C PRO C 90 42.65 4.82 6.99
N ILE C 91 42.32 4.14 5.89
CA ILE C 91 42.08 2.70 5.96
C ILE C 91 43.37 1.97 6.31
N LYS C 92 44.47 2.33 5.67
CA LYS C 92 45.77 1.75 5.98
C LYS C 92 46.50 2.65 6.97
N LYS C 93 47.66 2.19 7.44
CA LYS C 93 48.50 2.91 8.38
C LYS C 93 47.71 3.32 9.62
N LYS C 94 47.10 2.32 10.27
CA LYS C 94 46.28 2.56 11.44
C LYS C 94 47.08 3.01 12.65
N HIS C 95 48.41 2.88 12.62
CA HIS C 95 49.22 3.32 13.75
C HIS C 95 49.23 4.83 13.90
N LEU C 96 48.92 5.56 12.83
CA LEU C 96 48.94 7.02 12.89
C LEU C 96 47.61 7.58 13.37
N PHE C 97 46.50 6.93 13.02
CA PHE C 97 45.17 7.41 13.36
C PHE C 97 44.54 6.67 14.53
N GLU C 98 45.34 6.04 15.38
CA GLU C 98 44.82 5.32 16.53
C GLU C 98 44.96 6.10 17.83
N ASN C 99 45.78 7.14 17.86
CA ASN C 99 46.00 7.89 19.10
C ASN C 99 44.99 9.02 19.24
N SER C 100 44.79 9.80 18.18
CA SER C 100 43.86 10.93 18.24
C SER C 100 42.42 10.45 18.32
N ARG C 101 41.53 11.38 18.63
CA ARG C 101 40.12 11.04 18.79
C ARG C 101 39.39 11.03 17.45
N LEU C 102 39.58 12.07 16.64
CA LEU C 102 38.87 12.23 15.38
C LEU C 102 39.88 12.22 14.23
N LEU C 103 40.27 11.02 13.80
CA LEU C 103 41.07 10.89 12.58
C LEU C 103 40.62 9.69 11.74
N GLN C 104 39.57 8.98 12.13
CA GLN C 104 39.06 7.85 11.37
C GLN C 104 38.43 8.34 10.05
N PRO C 105 38.28 7.44 9.08
CA PRO C 105 37.63 7.84 7.84
C PRO C 105 36.19 8.26 8.09
N PRO C 106 35.67 9.18 7.30
CA PRO C 106 34.30 9.66 7.53
C PRO C 106 33.27 8.57 7.27
N LYS C 107 32.07 8.81 7.79
CA LYS C 107 30.96 7.87 7.67
C LYS C 107 30.09 8.16 6.45
N GLY C 108 30.59 8.90 5.48
CA GLY C 108 29.83 9.18 4.28
C GLY C 108 30.56 10.05 3.27
N VAL C 109 30.52 9.66 2.00
CA VAL C 109 31.16 10.41 0.92
C VAL C 109 30.11 10.64 -0.16
N LEU C 110 29.68 11.89 -0.33
CA LEU C 110 28.64 12.25 -1.28
C LEU C 110 29.31 12.77 -2.55
N LEU C 111 29.23 12.00 -3.64
CA LEU C 111 29.77 12.41 -4.94
C LEU C 111 28.63 13.06 -5.72
N TYR C 112 28.62 14.40 -5.74
CA TYR C 112 27.56 15.14 -6.40
C TYR C 112 28.10 15.91 -7.59
N GLY C 113 27.30 16.01 -8.63
CA GLY C 113 27.68 16.72 -9.83
C GLY C 113 26.74 16.45 -10.99
N PRO C 114 26.97 17.10 -12.13
CA PRO C 114 26.14 16.82 -13.29
C PRO C 114 26.32 15.38 -13.74
N PRO C 115 25.30 14.82 -14.40
CA PRO C 115 25.41 13.42 -14.84
C PRO C 115 26.51 13.25 -15.89
N GLY C 116 27.13 12.08 -15.88
CA GLY C 116 28.22 11.82 -16.81
C GLY C 116 29.52 11.41 -16.15
N CYS C 117 30.52 12.27 -16.22
CA CYS C 117 31.86 11.91 -15.78
C CYS C 117 31.93 11.76 -14.27
N GLY C 118 32.86 10.92 -13.82
CA GLY C 118 33.25 10.86 -12.43
C GLY C 118 32.55 9.87 -11.52
N LYS C 119 31.26 10.07 -11.28
CA LYS C 119 30.55 9.41 -10.18
C LYS C 119 30.67 7.88 -10.23
N THR C 120 30.08 7.26 -11.25
CA THR C 120 30.12 5.81 -11.33
C THR C 120 31.53 5.30 -11.58
N LEU C 121 32.35 6.06 -12.31
CA LEU C 121 33.72 5.65 -12.55
C LEU C 121 34.55 5.69 -11.26
N ILE C 122 34.38 6.74 -10.45
CA ILE C 122 35.07 6.80 -9.17
C ILE C 122 34.59 5.69 -8.25
N ALA C 123 33.28 5.39 -8.28
CA ALA C 123 32.76 4.29 -7.48
C ALA C 123 33.37 2.97 -7.90
N LYS C 124 33.46 2.73 -9.22
CA LYS C 124 34.05 1.49 -9.71
C LYS C 124 35.53 1.40 -9.37
N ALA C 125 36.24 2.53 -9.40
CA ALA C 125 37.66 2.52 -9.05
C ALA C 125 37.87 2.24 -7.57
N THR C 126 36.99 2.79 -6.71
CA THR C 126 37.06 2.50 -5.29
C THR C 126 36.59 1.09 -4.97
N ALA C 127 35.79 0.48 -5.85
CA ALA C 127 35.39 -0.90 -5.64
C ALA C 127 36.55 -1.87 -5.82
N LYS C 128 37.65 -1.43 -6.42
CA LYS C 128 38.80 -2.29 -6.68
C LYS C 128 40.06 -1.85 -5.95
N GLU C 129 40.44 -0.58 -6.06
CA GLU C 129 41.72 -0.10 -5.53
C GLU C 129 41.58 0.59 -4.18
N ALA C 130 40.67 0.13 -3.33
CA ALA C 130 40.51 0.70 -2.00
C ALA C 130 40.88 -0.25 -0.87
N GLY C 131 41.07 -1.53 -1.15
CA GLY C 131 41.37 -2.47 -0.09
C GLY C 131 40.14 -3.16 0.47
N CYS C 132 39.60 -2.59 1.53
CA CYS C 132 38.47 -3.18 2.25
C CYS C 132 37.33 -3.58 1.31
N ARG C 133 36.55 -4.56 1.75
CA ARG C 133 35.49 -5.18 0.96
C ARG C 133 34.44 -4.16 0.52
N PHE C 134 34.27 -4.01 -0.78
CA PHE C 134 33.25 -3.11 -1.31
C PHE C 134 31.92 -3.85 -1.42
N ILE C 135 30.82 -3.12 -1.15
CA ILE C 135 29.48 -3.69 -1.19
C ILE C 135 28.54 -2.68 -1.84
N ASN C 136 27.80 -3.14 -2.84
CA ASN C 136 26.76 -2.33 -3.47
C ASN C 136 25.44 -2.59 -2.77
N LEU C 137 24.68 -1.51 -2.53
CA LEU C 137 23.43 -1.64 -1.79
C LEU C 137 22.30 -2.18 -2.67
N GLN C 138 22.13 -1.59 -3.86
CA GLN C 138 21.04 -1.94 -4.77
C GLN C 138 19.70 -1.86 -4.04
N PRO C 139 19.20 -0.64 -3.77
CA PRO C 139 18.01 -0.50 -2.93
C PRO C 139 16.76 -1.19 -3.47
N SER C 140 16.81 -1.77 -4.67
CA SER C 140 15.67 -2.51 -5.18
C SER C 140 15.40 -3.78 -4.38
N THR C 141 16.42 -4.32 -3.72
CA THR C 141 16.26 -5.54 -2.91
C THR C 141 15.85 -5.24 -1.48
N LEU C 142 15.97 -3.99 -1.03
CA LEU C 142 15.57 -3.67 0.34
C LEU C 142 14.05 -3.73 0.50
N THR C 143 13.32 -3.14 -0.44
CA THR C 143 11.87 -3.17 -0.38
C THR C 143 11.35 -4.59 -0.64
N ASP C 144 10.47 -5.07 0.22
CA ASP C 144 9.90 -6.40 0.11
C ASP C 144 8.39 -6.31 0.17
N LYS C 145 7.74 -7.38 -0.31
CA LYS C 145 6.28 -7.42 -0.33
C LYS C 145 5.69 -7.64 1.05
N TRP C 146 6.27 -8.57 1.82
CA TRP C 146 5.74 -8.89 3.13
C TRP C 146 5.98 -7.74 4.11
N TYR C 147 5.09 -7.63 5.09
CA TYR C 147 5.19 -6.58 6.09
C TYR C 147 6.33 -6.88 7.05
N GLY C 148 7.01 -5.83 7.49
CA GLY C 148 8.10 -5.99 8.44
C GLY C 148 9.30 -6.74 7.89
N GLU C 149 9.54 -6.65 6.58
CA GLU C 149 10.68 -7.31 5.95
C GLU C 149 11.70 -6.35 5.38
N SER C 150 11.29 -5.12 5.01
CA SER C 150 12.24 -4.15 4.49
C SER C 150 13.11 -3.57 5.59
N GLN C 151 12.53 -3.32 6.77
CA GLN C 151 13.31 -2.80 7.88
C GLN C 151 14.34 -3.80 8.37
N LYS C 152 13.97 -5.09 8.36
CA LYS C 152 14.93 -6.12 8.76
C LYS C 152 16.11 -6.17 7.80
N LEU C 153 15.86 -6.01 6.50
CA LEU C 153 16.95 -5.98 5.53
C LEU C 153 17.80 -4.72 5.68
N ALA C 154 17.16 -3.59 5.96
CA ALA C 154 17.92 -2.36 6.19
C ALA C 154 18.81 -2.49 7.42
N ALA C 155 18.33 -3.20 8.45
CA ALA C 155 19.16 -3.44 9.62
C ALA C 155 20.29 -4.42 9.31
N ALA C 156 19.98 -5.47 8.53
CA ALA C 156 21.00 -6.46 8.17
C ALA C 156 22.10 -5.85 7.32
N VAL C 157 21.78 -4.81 6.54
CA VAL C 157 22.82 -4.11 5.79
C VAL C 157 23.92 -3.63 6.73
N PHE C 158 23.55 -2.82 7.72
CA PHE C 158 24.54 -2.29 8.65
C PHE C 158 25.11 -3.38 9.54
N SER C 159 24.33 -4.42 9.85
CA SER C 159 24.86 -5.53 10.63
C SER C 159 26.00 -6.23 9.89
N LEU C 160 25.82 -6.48 8.60
CA LEU C 160 26.88 -7.07 7.79
C LEU C 160 28.05 -6.11 7.63
N ALA C 161 27.76 -4.83 7.48
CA ALA C 161 28.84 -3.83 7.35
C ALA C 161 29.72 -3.84 8.60
N ILE C 162 29.11 -3.87 9.79
CA ILE C 162 29.88 -3.92 11.02
C ILE C 162 30.55 -5.28 11.20
N LYS C 163 29.93 -6.34 10.68
CA LYS C 163 30.47 -7.68 10.89
C LYS C 163 31.84 -7.85 10.23
N LEU C 164 32.03 -7.27 9.05
CA LEU C 164 33.31 -7.32 8.35
C LEU C 164 33.84 -5.89 8.22
N GLN C 165 34.95 -5.61 8.92
CA GLN C 165 35.56 -4.29 8.92
C GLN C 165 36.91 -4.34 8.22
N PRO C 166 37.21 -3.36 7.35
CA PRO C 166 36.31 -2.27 6.99
C PRO C 166 35.44 -2.61 5.78
N SER C 167 34.52 -1.71 5.43
CA SER C 167 33.64 -1.92 4.29
C SER C 167 33.10 -0.58 3.82
N ILE C 168 32.74 -0.51 2.55
CA ILE C 168 32.24 0.71 1.93
C ILE C 168 30.87 0.41 1.35
N ILE C 169 29.83 0.94 2.00
CA ILE C 169 28.45 0.76 1.53
C ILE C 169 28.18 1.81 0.46
N PHE C 170 28.02 1.36 -0.78
CA PHE C 170 27.76 2.25 -1.90
C PHE C 170 26.26 2.26 -2.20
N ILE C 171 25.68 3.46 -2.22
CA ILE C 171 24.26 3.64 -2.51
C ILE C 171 24.18 4.46 -3.79
N ASP C 172 24.06 3.79 -4.92
CA ASP C 172 23.96 4.48 -6.20
C ASP C 172 22.63 5.20 -6.31
N GLN C 173 22.67 6.44 -6.78
CA GLN C 173 21.49 7.30 -6.91
C GLN C 173 20.75 7.41 -5.58
N ILE C 174 21.48 7.98 -4.61
CA ILE C 174 20.94 8.11 -3.26
C ILE C 174 19.89 9.22 -3.16
N ASP C 175 19.70 9.99 -4.22
CA ASP C 175 18.72 11.07 -4.20
C ASP C 175 17.30 10.54 -4.33
N SER C 176 17.16 9.23 -4.46
CA SER C 176 15.85 8.58 -4.58
C SER C 176 15.49 7.73 -3.37
N PHE C 177 16.43 6.93 -2.86
CA PHE C 177 16.14 6.10 -1.71
C PHE C 177 16.05 6.94 -0.43
N LEU C 178 17.12 7.65 -0.09
CA LEU C 178 17.12 8.52 1.08
C LEU C 178 16.71 9.94 0.69
N ARG C 179 15.51 10.03 0.09
CA ARG C 179 15.00 11.30 -0.38
C ARG C 179 14.52 12.15 0.79
N ASN C 180 14.05 13.36 0.48
CA ASN C 180 13.57 14.27 1.51
C ASN C 180 12.30 13.71 2.14
N ARG C 181 12.24 13.72 3.47
CA ARG C 181 11.09 13.20 4.18
C ARG C 181 9.90 14.15 4.02
N SER C 182 8.72 13.57 3.78
CA SER C 182 7.49 14.33 3.62
C SER C 182 6.35 13.51 4.20
N SER C 183 5.12 13.95 3.93
CA SER C 183 3.94 13.25 4.41
C SER C 183 3.39 12.24 3.41
N SER C 184 3.63 12.46 2.12
CA SER C 184 3.12 11.57 1.07
C SER C 184 4.15 10.50 0.73
N ASP C 185 4.50 9.70 1.74
CA ASP C 185 5.44 8.61 1.58
C ASP C 185 4.91 7.37 2.28
N HIS C 186 5.30 6.20 1.77
CA HIS C 186 4.87 4.94 2.37
C HIS C 186 5.49 4.78 3.75
N GLU C 187 4.82 3.97 4.57
CA GLU C 187 5.30 3.77 5.94
C GLU C 187 6.58 2.93 5.97
N ALA C 188 6.70 1.98 5.05
CA ALA C 188 7.89 1.12 5.04
C ALA C 188 9.12 1.89 4.59
N THR C 189 9.00 2.68 3.52
CA THR C 189 10.14 3.46 3.05
C THR C 189 10.52 4.54 4.06
N ALA C 190 9.53 5.09 4.77
CA ALA C 190 9.83 6.08 5.80
C ALA C 190 10.54 5.43 6.99
N MET C 191 10.10 4.24 7.40
CA MET C 191 10.77 3.53 8.48
C MET C 191 12.19 3.16 8.08
N MET C 192 12.41 2.76 6.82
CA MET C 192 13.76 2.45 6.36
C MET C 192 14.63 3.70 6.32
N LYS C 193 14.09 4.82 5.85
CA LYS C 193 14.85 6.06 5.80
C LYS C 193 15.21 6.55 7.20
N ALA C 194 14.32 6.33 8.18
CA ALA C 194 14.64 6.70 9.55
C ALA C 194 15.66 5.76 10.18
N GLN C 195 15.54 4.46 9.89
CA GLN C 195 16.48 3.50 10.45
C GLN C 195 17.87 3.66 9.87
N PHE C 196 17.97 4.11 8.61
CA PHE C 196 19.30 4.35 8.03
C PHE C 196 20.05 5.43 8.80
N MET C 197 19.40 6.56 9.07
CA MET C 197 20.04 7.62 9.84
C MET C 197 20.12 7.29 11.32
N SER C 198 19.32 6.36 11.81
CA SER C 198 19.44 5.93 13.21
C SER C 198 20.60 4.96 13.41
N LEU C 199 20.95 4.19 12.38
CA LEU C 199 22.08 3.27 12.44
C LEU C 199 23.34 3.85 11.83
N TRP C 200 23.27 5.04 11.22
CA TRP C 200 24.47 5.66 10.66
C TRP C 200 25.38 6.19 11.77
N ASP C 201 24.87 7.11 12.59
CA ASP C 201 25.61 7.69 13.70
C ASP C 201 24.73 7.72 14.95
N GLY C 202 24.07 6.60 15.23
CA GLY C 202 23.12 6.53 16.31
C GLY C 202 23.72 6.29 17.68
N LEU C 203 23.08 5.41 18.46
CA LEU C 203 23.44 5.20 19.86
C LEU C 203 24.57 4.20 20.05
N ASP C 204 24.84 3.34 19.06
CA ASP C 204 25.87 2.33 19.22
C ASP C 204 26.71 2.17 17.96
N THR C 205 26.83 3.23 17.15
CA THR C 205 27.60 3.18 15.92
C THR C 205 28.68 4.23 15.81
N ASP C 206 28.74 5.20 16.72
CA ASP C 206 29.77 6.23 16.65
C ASP C 206 31.16 5.71 17.01
N HIS C 207 31.25 4.52 17.59
CA HIS C 207 32.55 3.95 17.92
C HIS C 207 33.35 3.66 16.65
N SER C 208 34.66 3.55 16.81
CA SER C 208 35.55 3.28 15.69
C SER C 208 35.26 1.92 15.08
N CYS C 209 34.71 1.92 13.86
CA CYS C 209 34.40 0.69 13.15
C CYS C 209 34.85 0.68 11.70
N GLN C 210 35.31 1.81 11.16
CA GLN C 210 35.82 1.91 9.79
C GLN C 210 34.76 1.53 8.77
N VAL C 211 33.49 1.69 9.12
CA VAL C 211 32.39 1.43 8.20
C VAL C 211 31.97 2.75 7.58
N ILE C 212 32.26 2.91 6.29
CA ILE C 212 32.04 4.15 5.56
C ILE C 212 30.94 3.93 4.54
N VAL C 213 30.04 4.89 4.42
CA VAL C 213 28.95 4.87 3.46
C VAL C 213 29.15 6.00 2.47
N MET C 214 29.16 5.66 1.18
CA MET C 214 29.30 6.64 0.12
C MET C 214 28.14 6.50 -0.86
N GLY C 215 27.83 7.60 -1.53
CA GLY C 215 26.75 7.64 -2.49
C GLY C 215 26.98 8.65 -3.59
N ALA C 216 26.73 8.24 -4.84
CA ALA C 216 26.88 9.10 -6.00
C ALA C 216 25.51 9.53 -6.49
N THR C 217 25.33 10.83 -6.68
CA THR C 217 24.05 11.36 -7.11
C THR C 217 24.27 12.59 -7.97
N ASN C 218 23.28 12.86 -8.83
CA ASN C 218 23.30 14.03 -9.70
C ASN C 218 22.28 15.09 -9.30
N ARG C 219 21.52 14.86 -8.23
CA ARG C 219 20.52 15.81 -7.74
C ARG C 219 20.66 15.90 -6.22
N PRO C 220 21.68 16.62 -5.73
CA PRO C 220 21.86 16.76 -4.29
C PRO C 220 21.01 17.87 -3.66
N GLN C 221 20.27 18.63 -4.45
CA GLN C 221 19.49 19.74 -3.92
C GLN C 221 18.34 19.25 -3.03
N ASP C 222 17.73 18.12 -3.38
CA ASP C 222 16.60 17.57 -2.65
C ASP C 222 16.94 16.21 -2.06
N LEU C 223 18.14 16.06 -1.52
CA LEU C 223 18.54 14.78 -0.93
C LEU C 223 17.90 14.59 0.44
N ASP C 224 18.28 15.44 1.41
CA ASP C 224 17.74 15.38 2.76
C ASP C 224 18.32 16.49 3.63
N SER C 225 17.83 16.61 4.86
CA SER C 225 18.40 17.52 5.83
C SER C 225 19.19 16.81 6.93
N ALA C 226 18.83 15.56 7.23
CA ALA C 226 19.56 14.77 8.22
C ALA C 226 20.57 13.81 7.59
N ILE C 227 20.33 13.39 6.35
CA ILE C 227 21.31 12.55 5.66
C ILE C 227 22.45 13.39 5.10
N MET C 228 22.18 14.66 4.77
CA MET C 228 23.23 15.52 4.22
C MET C 228 24.35 15.75 5.23
N ARG C 229 24.00 15.91 6.51
CA ARG C 229 25.02 16.11 7.53
C ARG C 229 25.77 14.82 7.83
N ARG C 230 25.13 13.67 7.61
CA ARG C 230 25.79 12.38 7.81
C ARG C 230 26.78 12.04 6.70
N MET C 231 26.76 12.80 5.59
CA MET C 231 27.72 12.66 4.51
C MET C 231 28.49 13.98 4.42
N PRO C 232 29.45 14.21 5.32
CA PRO C 232 30.11 15.52 5.33
C PRO C 232 31.07 15.71 4.16
N THR C 233 31.84 14.70 3.81
CA THR C 233 32.78 14.79 2.69
C THR C 233 31.98 14.78 1.39
N ARG C 234 31.77 15.97 0.82
CA ARG C 234 30.99 16.13 -0.41
C ARG C 234 31.93 16.54 -1.53
N PHE C 235 32.13 15.64 -2.48
CA PHE C 235 33.02 15.88 -3.62
C PHE C 235 32.19 16.29 -4.84
N HIS C 236 32.52 17.43 -5.41
CA HIS C 236 31.84 17.95 -6.59
C HIS C 236 32.58 17.49 -7.84
N ILE C 237 31.91 16.73 -8.68
CA ILE C 237 32.46 16.31 -9.97
C ILE C 237 31.86 17.20 -11.05
N ASN C 238 32.55 18.30 -11.37
CA ASN C 238 32.00 19.28 -12.29
C ASN C 238 31.98 18.76 -13.71
N GLN C 239 31.33 19.53 -14.59
CA GLN C 239 31.30 19.24 -16.02
C GLN C 239 32.68 19.56 -16.59
N PRO C 240 33.25 18.70 -17.43
CA PRO C 240 34.63 18.92 -17.89
C PRO C 240 34.84 20.26 -18.57
N ALA C 241 35.87 20.99 -18.12
CA ALA C 241 36.26 22.26 -18.71
C ALA C 241 37.27 21.99 -19.83
N LEU C 242 37.86 23.08 -20.34
CA LEU C 242 38.80 22.98 -21.44
C LEU C 242 39.95 22.02 -21.15
N LYS C 243 40.63 22.22 -20.02
CA LYS C 243 41.74 21.34 -19.67
C LYS C 243 41.25 19.92 -19.38
N GLN C 244 40.13 19.78 -18.67
CA GLN C 244 39.59 18.46 -18.38
C GLN C 244 39.12 17.77 -19.64
N ARG C 245 38.51 18.52 -20.57
CA ARG C 245 38.07 17.93 -21.83
C ARG C 245 39.26 17.47 -22.65
N GLU C 246 40.33 18.28 -22.69
CA GLU C 246 41.54 17.84 -23.39
C GLU C 246 42.13 16.59 -22.75
N ALA C 247 42.13 16.54 -21.42
CA ALA C 247 42.69 15.38 -20.73
C ALA C 247 41.90 14.12 -21.04
N ILE C 248 40.56 14.20 -20.99
CA ILE C 248 39.78 13.00 -21.25
C ILE C 248 39.84 12.61 -22.72
N LEU C 249 39.92 13.59 -23.63
CA LEU C 249 40.06 13.26 -25.04
C LEU C 249 41.41 12.62 -25.34
N LYS C 250 42.46 13.02 -24.62
CA LYS C 250 43.75 12.37 -24.79
C LYS C 250 43.77 10.99 -24.17
N LEU C 251 43.05 10.80 -23.06
CA LEU C 251 43.01 9.48 -22.43
C LEU C 251 42.23 8.48 -23.28
N ILE C 252 41.09 8.90 -23.83
CA ILE C 252 40.28 7.99 -24.64
C ILE C 252 41.02 7.58 -25.90
N LEU C 253 41.70 8.53 -26.56
CA LEU C 253 42.41 8.26 -27.81
C LEU C 253 43.85 7.83 -27.53
N LYS C 254 43.97 6.75 -26.76
CA LYS C 254 45.27 6.17 -26.43
C LYS C 254 45.39 4.71 -26.85
N ASN C 255 44.33 3.91 -26.66
CA ASN C 255 44.36 2.51 -27.04
C ASN C 255 43.95 2.28 -28.49
N GLU C 256 43.03 3.09 -29.00
CA GLU C 256 42.58 2.94 -30.38
C GLU C 256 43.65 3.42 -31.35
N ASN C 257 43.60 2.87 -32.56
CA ASN C 257 44.57 3.25 -33.60
C ASN C 257 44.23 4.62 -34.15
N VAL C 258 45.16 5.57 -34.00
CA VAL C 258 45.00 6.93 -34.49
C VAL C 258 46.29 7.35 -35.19
N ASP C 259 46.19 8.40 -35.99
CA ASP C 259 47.32 8.87 -36.77
C ASP C 259 48.35 9.54 -35.85
N ARG C 260 49.41 10.07 -36.47
CA ARG C 260 50.52 10.62 -35.69
C ARG C 260 50.14 11.91 -35.00
N HIS C 261 49.61 12.88 -35.75
CA HIS C 261 49.33 14.22 -35.23
C HIS C 261 47.84 14.34 -34.95
N VAL C 262 47.49 14.52 -33.67
CA VAL C 262 46.13 14.75 -33.24
C VAL C 262 46.14 15.93 -32.27
N ASP C 263 45.50 17.02 -32.66
CA ASP C 263 45.40 18.21 -31.81
C ASP C 263 44.20 18.04 -30.89
N LEU C 264 44.44 17.53 -29.68
CA LEU C 264 43.35 17.31 -28.73
C LEU C 264 42.77 18.63 -28.24
N LEU C 265 43.56 19.70 -28.23
CA LEU C 265 43.05 21.00 -27.84
C LEU C 265 42.02 21.53 -28.82
N GLU C 266 42.16 21.18 -30.11
CA GLU C 266 41.24 21.67 -31.12
C GLU C 266 39.81 21.21 -30.84
N VAL C 267 39.62 19.89 -30.73
CA VAL C 267 38.28 19.36 -30.50
C VAL C 267 37.77 19.77 -29.11
N ALA C 268 38.67 19.89 -28.14
CA ALA C 268 38.26 20.30 -26.80
C ALA C 268 37.70 21.71 -26.80
N GLN C 269 38.36 22.63 -27.53
CA GLN C 269 37.84 23.99 -27.65
C GLN C 269 36.62 24.03 -28.55
N GLU C 270 36.50 23.08 -29.48
CA GLU C 270 35.36 23.07 -30.39
C GLU C 270 34.08 22.66 -29.67
N THR C 271 34.16 21.64 -28.81
CA THR C 271 32.99 21.13 -28.11
C THR C 271 32.35 22.20 -27.22
N ASP C 272 33.08 22.62 -26.18
CA ASP C 272 32.72 23.69 -25.26
C ASP C 272 31.52 23.35 -24.39
N GLY C 273 30.83 22.23 -24.65
CA GLY C 273 29.68 21.86 -23.86
C GLY C 273 29.56 20.37 -23.62
N PHE C 274 30.53 19.61 -24.13
CA PHE C 274 30.49 18.16 -24.03
C PHE C 274 30.91 17.71 -22.63
N SER C 275 30.24 16.68 -22.13
CA SER C 275 30.54 16.12 -20.83
C SER C 275 31.56 14.99 -20.96
N GLY C 276 31.79 14.26 -19.88
CA GLY C 276 32.74 13.15 -19.92
C GLY C 276 32.24 11.95 -20.69
N SER C 277 30.93 11.84 -20.91
CA SER C 277 30.36 10.73 -21.67
C SER C 277 30.09 11.09 -23.12
N ASP C 278 29.91 12.37 -23.45
CA ASP C 278 29.64 12.76 -24.83
C ASP C 278 30.88 12.65 -25.70
N LEU C 279 32.06 12.93 -25.13
CA LEU C 279 33.30 12.78 -25.90
C LEU C 279 33.59 11.32 -26.19
N LYS C 280 33.26 10.43 -25.25
CA LYS C 280 33.36 9.00 -25.53
C LYS C 280 32.47 8.61 -26.71
N GLU C 281 31.24 9.15 -26.74
CA GLU C 281 30.34 8.87 -27.85
C GLU C 281 30.87 9.44 -29.16
N MET C 282 31.49 10.63 -29.11
CA MET C 282 32.06 11.21 -30.32
C MET C 282 33.21 10.36 -30.85
N CYS C 283 34.09 9.89 -29.96
CA CYS C 283 35.18 9.02 -30.39
C CYS C 283 34.64 7.70 -30.94
N ARG C 284 33.60 7.16 -30.31
CA ARG C 284 32.99 5.93 -30.82
C ARG C 284 32.38 6.14 -32.19
N ASP C 285 31.73 7.28 -32.41
CA ASP C 285 31.14 7.58 -33.71
C ASP C 285 32.22 7.74 -34.78
N ALA C 286 33.33 8.39 -34.42
CA ALA C 286 34.44 8.52 -35.37
C ALA C 286 35.01 7.16 -35.74
N ALA C 287 35.22 6.30 -34.73
CA ALA C 287 35.74 4.95 -35.01
C ALA C 287 34.75 4.17 -35.86
N LEU C 288 33.45 4.30 -35.60
CA LEU C 288 32.45 3.59 -36.38
C LEU C 288 32.40 4.08 -37.81
N LEU C 289 32.58 5.40 -38.01
CA LEU C 289 32.67 5.93 -39.36
C LEU C 289 33.89 5.38 -40.10
N CYS C 290 35.02 5.27 -39.38
CA CYS C 290 36.22 4.69 -39.99
C CYS C 290 35.97 3.24 -40.41
N VAL C 291 35.38 2.44 -39.52
CA VAL C 291 35.11 1.04 -39.84
C VAL C 291 34.10 0.93 -40.98
N ARG C 292 33.12 1.84 -41.03
CA ARG C 292 32.15 1.81 -42.11
C ARG C 292 32.82 2.13 -43.45
N GLU C 293 33.70 3.13 -43.47
CA GLU C 293 34.42 3.45 -44.70
C GLU C 293 35.35 2.31 -45.10
N TYR C 294 35.88 1.56 -44.13
CA TYR C 294 36.76 0.45 -44.47
C TYR C 294 35.99 -0.75 -45.01
N VAL C 295 34.83 -1.05 -44.41
CA VAL C 295 34.08 -2.24 -44.80
C VAL C 295 33.38 -2.02 -46.14
N ASN C 296 33.02 -0.77 -46.46
CA ASN C 296 32.31 -0.49 -47.71
C ASN C 296 33.12 -0.95 -48.92
N SER C 297 34.44 -0.97 -48.82
CA SER C 297 35.27 -1.47 -49.91
C SER C 297 35.40 -2.99 -49.87
N THR C 298 35.87 -3.52 -48.73
CA THR C 298 36.02 -4.96 -48.57
C THR C 298 35.02 -5.50 -47.55
N ILE C 308 40.71 -0.31 -39.83
CA ILE C 308 42.13 -0.37 -40.08
C ILE C 308 42.65 1.01 -40.49
N ARG C 309 41.72 1.93 -40.75
CA ARG C 309 42.10 3.28 -41.15
C ARG C 309 42.18 4.18 -39.93
N PRO C 310 43.30 4.84 -39.70
CA PRO C 310 43.43 5.72 -38.53
C PRO C 310 42.69 7.03 -38.75
N VAL C 311 42.16 7.57 -37.64
CA VAL C 311 41.45 8.84 -37.67
C VAL C 311 42.45 9.95 -37.96
N GLN C 312 42.20 10.72 -39.02
CA GLN C 312 43.08 11.80 -39.45
C GLN C 312 42.61 13.16 -38.96
N GLN C 313 42.00 13.21 -37.78
CA GLN C 313 41.51 14.45 -37.15
C GLN C 313 40.46 15.15 -38.00
N GLN C 314 39.82 14.44 -38.93
CA GLN C 314 38.74 14.99 -39.72
C GLN C 314 37.40 14.35 -39.41
N ASP C 315 37.37 13.08 -39.03
CA ASP C 315 36.12 12.46 -38.60
C ASP C 315 35.68 12.99 -37.24
N LEU C 316 36.62 13.52 -36.45
CA LEU C 316 36.28 14.06 -35.14
C LEU C 316 35.40 15.29 -35.26
N HIS C 317 35.73 16.20 -36.19
CA HIS C 317 34.91 17.39 -36.38
C HIS C 317 33.52 17.04 -36.89
N ARG C 318 33.44 16.10 -37.84
CA ARG C 318 32.13 15.67 -38.34
C ARG C 318 31.31 15.01 -37.25
N ALA C 319 31.94 14.18 -36.41
CA ALA C 319 31.22 13.56 -35.31
C ALA C 319 30.76 14.59 -34.28
N ILE C 320 31.58 15.61 -34.03
CA ILE C 320 31.18 16.67 -33.10
C ILE C 320 29.98 17.43 -33.65
N GLU C 321 30.01 17.76 -34.94
CA GLU C 321 28.87 18.45 -35.55
C GLU C 321 27.62 17.59 -35.52
N LYS C 322 27.76 16.29 -35.77
CA LYS C 322 26.61 15.39 -35.74
C LYS C 322 26.04 15.28 -34.33
N MET C 323 26.92 15.22 -33.31
CA MET C 323 26.44 15.16 -31.94
C MET C 323 25.75 16.45 -31.54
N LYS C 324 26.27 17.59 -32.01
CA LYS C 324 25.61 18.87 -31.73
C LYS C 324 24.24 18.93 -32.38
N LYS C 325 24.14 18.48 -33.64
CA LYS C 325 22.84 18.47 -34.31
C LYS C 325 21.87 17.52 -33.64
N SER C 326 22.38 16.40 -33.11
CA SER C 326 21.51 15.45 -32.41
C SER C 326 21.02 16.03 -31.10
N LYS C 327 21.90 16.70 -30.34
CA LYS C 327 21.49 17.34 -29.10
C LYS C 327 20.53 18.50 -29.36
N ASP C 328 20.65 19.15 -30.51
CA ASP C 328 19.73 20.23 -30.84
C ASP C 328 18.36 19.68 -31.23
N ALA C 329 18.34 18.66 -32.08
CA ALA C 329 17.08 18.08 -32.55
C ALA C 329 16.36 17.27 -31.48
N ALA C 330 16.99 17.04 -30.33
CA ALA C 330 16.32 16.29 -29.26
C ALA C 330 15.16 17.08 -28.69
N PHE C 331 15.27 18.40 -28.64
CA PHE C 331 14.21 19.25 -28.11
C PHE C 331 13.10 19.44 -29.14
N PRO D 23 7.07 -24.69 16.30
CA PRO D 23 6.27 -23.90 15.35
C PRO D 23 7.14 -23.09 14.40
N THR D 24 6.52 -22.15 13.70
CA THR D 24 7.25 -21.27 12.79
C THR D 24 7.82 -20.10 13.57
N ARG D 25 8.41 -19.13 12.85
CA ARG D 25 8.97 -17.90 13.40
C ARG D 25 9.94 -18.15 14.55
N LYS D 26 10.47 -19.37 14.64
CA LYS D 26 11.37 -19.71 15.74
C LYS D 26 12.76 -19.14 15.50
N GLN D 27 12.83 -17.83 15.25
CA GLN D 27 14.10 -17.11 15.21
C GLN D 27 14.41 -16.48 16.56
N LYS D 28 13.50 -16.66 17.52
CA LYS D 28 13.72 -16.28 18.90
C LYS D 28 14.51 -17.33 19.67
N VAL D 29 15.14 -18.26 18.95
CA VAL D 29 16.00 -19.27 19.56
C VAL D 29 17.32 -18.59 19.89
N GLU D 30 17.60 -17.47 19.22
CA GLU D 30 18.67 -16.60 19.71
C GLU D 30 18.13 -15.19 19.91
N ALA D 31 17.40 -14.99 21.00
CA ALA D 31 17.27 -13.72 21.67
C ALA D 31 17.46 -14.01 23.14
N GLN D 32 16.89 -15.14 23.57
CA GLN D 32 17.04 -15.59 24.95
C GLN D 32 18.47 -16.00 25.26
N LYS D 33 19.19 -16.55 24.28
CA LYS D 33 20.61 -16.79 24.40
C LYS D 33 21.43 -15.56 24.02
N GLN D 34 20.77 -14.47 23.63
CA GLN D 34 21.45 -13.21 23.32
C GLN D 34 21.11 -12.09 24.29
N ALA D 35 19.96 -12.15 24.98
CA ALA D 35 19.61 -11.15 25.97
C ALA D 35 19.74 -11.72 27.37
N GLU D 36 20.54 -12.77 27.53
CA GLU D 36 20.80 -13.33 28.85
C GLU D 36 22.21 -12.99 29.28
N LYS D 37 23.20 -13.33 28.44
CA LYS D 37 24.57 -12.92 28.67
C LYS D 37 24.65 -11.40 28.66
N LEU D 38 23.78 -10.75 27.89
CA LEU D 38 23.68 -9.30 27.91
C LEU D 38 22.99 -8.79 29.16
N MET D 39 22.12 -9.59 29.78
CA MET D 39 21.48 -9.18 31.02
C MET D 39 22.42 -9.34 32.21
N LYS D 40 23.27 -10.37 32.21
CA LYS D 40 24.23 -10.55 33.29
C LYS D 40 25.21 -9.40 33.36
N GLN D 41 25.46 -8.72 32.23
CA GLN D 41 26.32 -7.55 32.24
C GLN D 41 25.66 -6.35 32.91
N ILE D 42 24.36 -6.39 33.12
CA ILE D 42 23.63 -5.31 33.77
C ILE D 42 23.40 -5.59 35.25
N GLY D 43 23.19 -6.86 35.61
CA GLY D 43 23.04 -7.23 37.01
C GLY D 43 21.60 -7.44 37.45
N VAL D 44 20.83 -8.18 36.66
CA VAL D 44 19.47 -8.57 37.03
C VAL D 44 19.52 -9.99 37.59
N LYS D 45 18.87 -10.19 38.74
CA LYS D 45 18.99 -11.46 39.45
C LYS D 45 17.90 -12.45 39.06
N ASN D 46 16.63 -12.08 39.27
CA ASN D 46 15.51 -12.98 39.04
C ASN D 46 14.43 -12.22 38.26
N VAL D 47 14.45 -12.38 36.94
CA VAL D 47 13.44 -11.80 36.05
C VAL D 47 12.85 -12.93 35.21
N LYS D 48 11.54 -13.14 35.34
CA LYS D 48 10.84 -14.18 34.60
C LYS D 48 10.15 -13.54 33.40
N LEU D 49 10.69 -13.79 32.22
CA LEU D 49 10.19 -13.20 30.98
C LEU D 49 9.71 -14.28 30.03
N SER D 50 8.98 -13.84 29.00
CA SER D 50 8.47 -14.71 27.96
C SER D 50 9.35 -14.59 26.71
N GLU D 51 8.93 -15.22 25.61
CA GLU D 51 9.70 -15.15 24.39
C GLU D 51 9.66 -13.75 23.78
N TYR D 52 8.49 -13.11 23.80
CA TYR D 52 8.38 -11.75 23.26
C TYR D 52 9.14 -10.76 24.14
N GLU D 53 9.06 -10.92 25.46
CA GLU D 53 9.78 -10.04 26.36
C GLU D 53 11.29 -10.16 26.15
N MET D 54 11.77 -11.39 25.92
CA MET D 54 13.20 -11.58 25.67
C MET D 54 13.60 -11.03 24.31
N SER D 55 12.75 -11.21 23.29
CA SER D 55 13.03 -10.62 21.99
C SER D 55 13.08 -9.10 22.06
N ILE D 56 12.31 -8.49 22.96
CA ILE D 56 12.37 -7.05 23.15
C ILE D 56 13.63 -6.66 23.92
N ALA D 57 13.94 -7.38 25.00
CA ALA D 57 15.13 -7.11 25.80
C ALA D 57 16.42 -7.36 25.04
N ALA D 58 16.37 -8.07 23.92
CA ALA D 58 17.55 -8.28 23.09
C ALA D 58 18.17 -6.98 22.59
N HIS D 59 17.48 -5.85 22.74
CA HIS D 59 18.00 -4.55 22.32
C HIS D 59 18.37 -3.66 23.50
N LEU D 60 18.66 -4.25 24.65
CA LEU D 60 19.13 -3.48 25.79
C LEU D 60 20.57 -3.03 25.57
N VAL D 61 20.87 -1.81 26.02
CA VAL D 61 22.18 -1.21 25.83
C VAL D 61 22.97 -1.34 27.13
N ASP D 62 24.27 -1.61 27.01
CA ASP D 62 25.12 -1.74 28.18
C ASP D 62 25.53 -0.35 28.67
N PRO D 63 25.31 -0.02 29.94
CA PRO D 63 25.71 1.31 30.42
C PRO D 63 27.21 1.55 30.39
N LEU D 64 28.02 0.51 30.51
CA LEU D 64 29.47 0.68 30.47
C LEU D 64 30.02 0.72 29.04
N ASN D 65 29.20 0.41 28.04
CA ASN D 65 29.64 0.43 26.66
C ASN D 65 29.69 1.84 26.07
N MET D 66 29.16 2.83 26.77
CA MET D 66 29.19 4.21 26.30
C MET D 66 30.47 4.89 26.77
N HIS D 67 30.94 5.85 25.97
CA HIS D 67 32.17 6.58 26.25
C HIS D 67 31.93 8.08 26.14
N VAL D 68 30.77 8.54 26.62
CA VAL D 68 30.44 9.96 26.59
C VAL D 68 29.57 10.30 27.80
N THR D 69 30.01 11.28 28.59
CA THR D 69 29.32 11.71 29.79
C THR D 69 28.80 13.13 29.60
N TRP D 70 28.26 13.70 30.69
CA TRP D 70 27.74 15.06 30.61
C TRP D 70 28.84 16.08 30.35
N SER D 71 30.08 15.76 30.73
CA SER D 71 31.19 16.67 30.49
C SER D 71 31.58 16.73 29.02
N ASP D 72 31.24 15.71 28.25
CA ASP D 72 31.56 15.67 26.82
C ASP D 72 30.54 16.39 25.96
N ILE D 73 29.49 16.95 26.56
CA ILE D 73 28.44 17.67 25.84
C ILE D 73 28.52 19.14 26.25
N ALA D 74 29.03 19.97 25.36
CA ALA D 74 29.15 21.40 25.60
C ALA D 74 28.26 22.17 24.63
N GLY D 75 28.22 23.48 24.82
CA GLY D 75 27.38 24.34 24.00
C GLY D 75 26.09 24.72 24.69
N LEU D 76 25.50 23.77 25.41
CA LEU D 76 24.28 23.99 26.16
C LEU D 76 24.48 23.55 27.60
N ASP D 77 24.03 24.36 28.54
CA ASP D 77 24.17 24.08 29.96
C ASP D 77 22.85 24.03 30.70
N ASP D 78 21.91 24.93 30.37
CA ASP D 78 20.61 24.93 31.04
C ASP D 78 19.81 23.69 30.68
N VAL D 79 19.92 23.21 29.43
CA VAL D 79 19.21 22.01 29.02
C VAL D 79 19.72 20.80 29.78
N ILE D 80 21.04 20.73 30.01
CA ILE D 80 21.60 19.61 30.75
C ILE D 80 21.09 19.59 32.19
N THR D 81 21.09 20.75 32.85
CA THR D 81 20.59 20.82 34.22
C THR D 81 19.10 20.52 34.29
N ASP D 82 18.34 20.98 33.30
CA ASP D 82 16.90 20.71 33.28
C ASP D 82 16.63 19.22 33.12
N LEU D 83 17.35 18.57 32.19
CA LEU D 83 17.18 17.13 32.02
C LEU D 83 17.62 16.36 33.26
N LYS D 84 18.67 16.85 33.93
CA LYS D 84 19.16 16.16 35.12
C LYS D 84 18.18 16.28 36.28
N ASP D 85 17.57 17.44 36.44
CA ASP D 85 16.62 17.64 37.54
C ASP D 85 15.20 17.20 37.19
N THR D 86 14.93 16.86 35.93
CA THR D 86 13.62 16.34 35.55
C THR D 86 13.59 14.83 35.39
N VAL D 87 14.68 14.22 34.93
CA VAL D 87 14.74 12.78 34.70
C VAL D 87 15.67 12.09 35.69
N ILE D 88 16.89 12.61 35.85
CA ILE D 88 17.86 11.95 36.71
C ILE D 88 17.53 12.16 38.18
N LEU D 89 17.14 13.38 38.56
CA LEU D 89 16.88 13.66 39.97
C LEU D 89 15.70 12.89 40.53
N PRO D 90 14.52 12.82 39.88
CA PRO D 90 13.40 12.07 40.48
C PRO D 90 13.65 10.58 40.59
N ILE D 91 14.59 10.01 39.82
CA ILE D 91 14.90 8.60 39.95
C ILE D 91 15.53 8.33 41.32
N LYS D 92 16.50 9.14 41.71
CA LYS D 92 17.11 9.04 43.02
C LYS D 92 16.34 9.93 44.01
N LYS D 93 16.79 9.95 45.26
CA LYS D 93 16.17 10.74 46.32
C LYS D 93 14.67 10.46 46.40
N LYS D 94 14.32 9.18 46.39
CA LYS D 94 12.92 8.78 46.39
C LYS D 94 12.22 9.14 47.68
N HIS D 95 12.98 9.32 48.77
CA HIS D 95 12.36 9.66 50.05
C HIS D 95 11.74 11.05 50.03
N LEU D 96 12.20 11.91 49.12
CA LEU D 96 11.69 13.28 49.05
C LEU D 96 10.60 13.47 47.99
N PHE D 97 10.56 12.61 46.98
CA PHE D 97 9.63 12.76 45.88
C PHE D 97 8.44 11.80 45.94
N GLU D 98 8.43 10.87 46.89
CA GLU D 98 7.33 9.91 47.01
C GLU D 98 6.20 10.40 47.89
N ASN D 99 6.41 11.45 48.68
CA ASN D 99 5.37 11.95 49.56
C ASN D 99 4.33 12.76 48.80
N SER D 100 4.77 13.57 47.83
CA SER D 100 3.84 14.39 47.07
C SER D 100 3.08 13.55 46.06
N ARG D 101 1.98 14.11 45.56
CA ARG D 101 1.14 13.41 44.60
C ARG D 101 1.75 13.42 43.20
N LEU D 102 2.20 14.59 42.75
CA LEU D 102 2.77 14.75 41.41
C LEU D 102 4.22 15.22 41.54
N LEU D 103 5.12 14.24 41.70
CA LEU D 103 6.55 14.52 41.68
C LEU D 103 7.33 13.45 40.95
N GLN D 104 6.66 12.46 40.36
CA GLN D 104 7.35 11.41 39.62
C GLN D 104 7.87 11.96 38.30
N PRO D 105 8.89 11.33 37.72
CA PRO D 105 9.39 11.78 36.42
C PRO D 105 8.34 11.61 35.35
N PRO D 106 8.35 12.44 34.31
CA PRO D 106 7.33 12.35 33.27
C PRO D 106 7.44 11.06 32.48
N LYS D 107 6.36 10.73 31.77
CA LYS D 107 6.30 9.52 30.96
C LYS D 107 6.76 9.74 29.53
N GLY D 108 7.55 10.78 29.28
CA GLY D 108 8.04 11.06 27.94
C GLY D 108 8.90 12.29 27.87
N VAL D 109 10.02 12.21 27.15
CA VAL D 109 10.94 13.32 26.97
C VAL D 109 11.22 13.43 25.47
N LEU D 110 10.71 14.49 24.85
CA LEU D 110 10.84 14.70 23.41
C LEU D 110 12.01 15.66 23.16
N LEU D 111 13.10 15.14 22.61
CA LEU D 111 14.26 15.96 22.25
C LEU D 111 14.08 16.41 20.81
N TYR D 112 13.65 17.65 20.62
CA TYR D 112 13.38 18.17 19.29
C TYR D 112 14.30 19.35 18.99
N GLY D 113 14.35 19.71 17.71
CA GLY D 113 15.20 20.78 17.25
C GLY D 113 15.85 20.46 15.92
N PRO D 114 16.74 21.34 15.46
CA PRO D 114 17.43 21.07 14.20
C PRO D 114 18.31 19.83 14.34
N PRO D 115 18.57 19.13 13.23
CA PRO D 115 19.41 17.94 13.31
C PRO D 115 20.86 18.29 13.62
N GLY D 116 21.61 17.26 14.00
CA GLY D 116 23.01 17.44 14.31
C GLY D 116 23.34 17.36 15.80
N CYS D 117 23.57 18.51 16.42
CA CYS D 117 24.10 18.53 17.77
C CYS D 117 23.02 18.22 18.80
N GLY D 118 23.42 17.46 19.83
CA GLY D 118 22.65 17.37 21.06
C GLY D 118 21.78 16.13 21.24
N LYS D 119 21.06 15.71 20.21
CA LYS D 119 20.05 14.67 20.38
C LYS D 119 20.68 13.35 20.81
N THR D 120 21.49 12.75 19.94
CA THR D 120 22.06 11.45 20.24
C THR D 120 23.09 11.52 21.36
N LEU D 121 23.76 12.66 21.51
CA LEU D 121 24.73 12.79 22.60
C LEU D 121 24.02 12.82 23.95
N ILE D 122 22.93 13.57 24.06
CA ILE D 122 22.14 13.55 25.30
C ILE D 122 21.53 12.17 25.52
N ALA D 123 21.14 11.50 24.44
CA ALA D 123 20.62 10.14 24.57
C ALA D 123 21.67 9.20 25.15
N LYS D 124 22.91 9.30 24.67
CA LYS D 124 23.98 8.46 25.20
C LYS D 124 24.31 8.82 26.64
N ALA D 125 24.29 10.11 26.96
CA ALA D 125 24.52 10.53 28.34
C ALA D 125 23.46 9.97 29.27
N THR D 126 22.20 9.95 28.82
CA THR D 126 21.14 9.36 29.62
C THR D 126 21.26 7.84 29.69
N ALA D 127 21.79 7.22 28.64
CA ALA D 127 22.00 5.78 28.68
C ALA D 127 23.12 5.40 29.65
N LYS D 128 24.13 6.26 29.79
CA LYS D 128 25.30 5.91 30.60
C LYS D 128 25.19 6.41 32.04
N GLU D 129 25.07 7.73 32.21
CA GLU D 129 25.26 8.36 33.52
C GLU D 129 23.95 8.70 34.23
N ALA D 130 22.80 8.33 33.68
CA ALA D 130 21.53 8.70 34.30
C ALA D 130 21.10 7.72 35.38
N GLY D 131 21.55 6.47 35.34
CA GLY D 131 21.13 5.52 36.35
C GLY D 131 20.45 4.28 35.80
N CYS D 132 19.14 4.20 36.03
CA CYS D 132 18.31 3.02 35.74
C CYS D 132 18.52 2.45 34.34
N ARG D 133 18.23 1.15 34.20
CA ARG D 133 18.47 0.39 32.97
C ARG D 133 17.92 1.08 31.73
N PHE D 134 18.80 1.36 30.77
CA PHE D 134 18.41 1.97 29.51
C PHE D 134 18.11 0.89 28.48
N ILE D 135 17.13 1.16 27.62
CA ILE D 135 16.70 0.22 26.59
C ILE D 135 16.41 0.98 25.31
N ASN D 136 17.03 0.55 24.21
CA ASN D 136 16.74 1.09 22.89
C ASN D 136 15.63 0.27 22.23
N LEU D 137 14.71 0.97 21.57
CA LEU D 137 13.55 0.28 21.00
C LEU D 137 13.90 -0.37 19.66
N GLN D 138 14.49 0.40 18.73
CA GLN D 138 14.77 -0.06 17.39
C GLN D 138 13.51 -0.62 16.75
N PRO D 139 12.57 0.24 16.34
CA PRO D 139 11.24 -0.24 15.90
C PRO D 139 11.28 -1.20 14.72
N SER D 140 12.44 -1.48 14.14
CA SER D 140 12.51 -2.47 13.06
C SER D 140 12.21 -3.87 13.58
N THR D 141 12.50 -4.14 14.85
CA THR D 141 12.23 -5.45 15.42
C THR D 141 10.77 -5.62 15.84
N LEU D 142 10.02 -4.52 15.96
CA LEU D 142 8.62 -4.62 16.33
C LEU D 142 7.79 -5.16 15.17
N THR D 143 8.01 -4.63 13.97
CA THR D 143 7.29 -5.10 12.80
C THR D 143 7.75 -6.51 12.44
N ASP D 144 6.80 -7.44 12.35
CA ASP D 144 7.09 -8.83 12.04
C ASP D 144 6.32 -9.24 10.79
N LYS D 145 6.78 -10.34 10.18
CA LYS D 145 6.15 -10.81 8.95
C LYS D 145 4.82 -11.50 9.23
N TRP D 146 4.77 -12.33 10.26
CA TRP D 146 3.56 -13.10 10.55
C TRP D 146 2.48 -12.21 11.15
N TYR D 147 1.23 -12.59 10.91
CA TYR D 147 0.10 -11.82 11.41
C TYR D 147 -0.03 -11.99 12.91
N GLY D 148 -0.41 -10.91 13.59
CA GLY D 148 -0.60 -10.96 15.03
C GLY D 148 0.69 -11.11 15.82
N GLU D 149 1.80 -10.64 15.29
CA GLU D 149 3.09 -10.72 15.97
C GLU D 149 3.69 -9.36 16.32
N SER D 150 3.30 -8.29 15.62
CA SER D 150 3.84 -6.98 15.93
C SER D 150 3.19 -6.40 17.19
N GLN D 151 1.88 -6.61 17.35
CA GLN D 151 1.19 -6.09 18.52
C GLN D 151 1.67 -6.79 19.79
N LYS D 152 1.95 -8.09 19.71
CA LYS D 152 2.46 -8.80 20.87
C LYS D 152 3.83 -8.26 21.29
N LEU D 153 4.68 -7.91 20.31
CA LEU D 153 5.98 -7.32 20.64
C LEU D 153 5.81 -5.91 21.21
N ALA D 154 4.87 -5.14 20.66
CA ALA D 154 4.61 -3.81 21.21
C ALA D 154 4.12 -3.89 22.65
N ALA D 155 3.33 -4.91 22.97
CA ALA D 155 2.90 -5.11 24.35
C ALA D 155 4.06 -5.57 25.22
N ALA D 156 4.90 -6.46 24.70
CA ALA D 156 6.04 -6.95 25.47
C ALA D 156 7.03 -5.84 25.77
N VAL D 157 7.10 -4.82 24.92
CA VAL D 157 7.96 -3.67 25.20
C VAL D 157 7.59 -3.05 26.54
N PHE D 158 6.34 -2.64 26.69
CA PHE D 158 5.90 -2.03 27.94
C PHE D 158 5.85 -3.02 29.08
N SER D 159 5.59 -4.31 28.81
CA SER D 159 5.63 -5.31 29.87
C SER D 159 7.03 -5.44 30.46
N LEU D 160 8.05 -5.47 29.59
CA LEU D 160 9.43 -5.51 30.07
C LEU D 160 9.80 -4.21 30.76
N ALA D 161 9.32 -3.08 30.26
CA ALA D 161 9.59 -1.80 30.93
C ALA D 161 9.03 -1.79 32.34
N ILE D 162 7.82 -2.35 32.53
CA ILE D 162 7.24 -2.44 33.86
C ILE D 162 8.00 -3.47 34.71
N LYS D 163 8.49 -4.55 34.09
CA LYS D 163 9.19 -5.57 34.84
C LYS D 163 10.51 -5.07 35.39
N LEU D 164 11.17 -4.17 34.67
CA LEU D 164 12.45 -3.60 35.07
C LEU D 164 12.22 -2.14 35.47
N GLN D 165 11.99 -1.91 36.76
CA GLN D 165 11.78 -0.56 37.25
C GLN D 165 13.03 -0.05 37.95
N PRO D 166 13.54 1.13 37.59
CA PRO D 166 13.00 1.96 36.51
C PRO D 166 13.66 1.65 35.16
N SER D 167 13.12 2.21 34.09
CA SER D 167 13.66 1.99 32.75
C SER D 167 13.29 3.17 31.87
N ILE D 168 14.13 3.41 30.86
CA ILE D 168 13.94 4.52 29.93
C ILE D 168 13.87 3.94 28.53
N ILE D 169 12.68 3.96 27.94
CA ILE D 169 12.47 3.44 26.59
C ILE D 169 12.85 4.53 25.59
N PHE D 170 13.92 4.30 24.83
CA PHE D 170 14.40 5.25 23.85
C PHE D 170 13.94 4.86 22.46
N ILE D 171 13.35 5.81 21.75
CA ILE D 171 12.86 5.60 20.38
C ILE D 171 13.52 6.66 19.51
N ASP D 172 14.64 6.31 18.89
CA ASP D 172 15.31 7.23 17.98
C ASP D 172 14.50 7.39 16.70
N GLN D 173 14.44 8.62 16.19
CA GLN D 173 13.65 8.95 15.01
C GLN D 173 12.20 8.52 15.21
N ILE D 174 11.52 9.13 16.18
CA ILE D 174 10.17 8.75 16.55
C ILE D 174 9.17 9.42 15.63
N ASP D 175 9.66 10.21 14.68
CA ASP D 175 8.81 10.89 13.72
C ASP D 175 8.37 9.98 12.56
N SER D 176 8.84 8.74 12.53
CA SER D 176 8.47 7.78 11.50
C SER D 176 7.63 6.62 12.04
N PHE D 177 8.03 6.03 13.16
CA PHE D 177 7.26 4.94 13.74
C PHE D 177 5.91 5.43 14.25
N LEU D 178 5.93 6.37 15.19
CA LEU D 178 4.69 6.95 15.72
C LEU D 178 4.32 8.21 14.93
N ARG D 179 4.13 8.02 13.63
CA ARG D 179 3.81 9.12 12.74
C ARG D 179 2.34 9.50 12.86
N ASN D 180 1.97 10.58 12.18
CA ASN D 180 0.58 11.05 12.19
C ASN D 180 -0.34 9.99 11.59
N ARG D 181 -1.40 9.65 12.33
CA ARG D 181 -2.32 8.63 11.87
C ARG D 181 -3.12 9.12 10.68
N SER D 182 -3.38 8.20 9.75
CA SER D 182 -4.17 8.51 8.56
C SER D 182 -4.82 7.23 8.07
N SER D 183 -5.48 7.31 6.91
CA SER D 183 -6.11 6.14 6.32
C SER D 183 -5.14 5.26 5.56
N SER D 184 -4.01 5.82 5.09
CA SER D 184 -3.03 5.06 4.31
C SER D 184 -1.93 4.52 5.22
N ASP D 185 -2.35 3.72 6.20
CA ASP D 185 -1.44 3.07 7.14
C ASP D 185 -1.79 1.60 7.25
N HIS D 186 -0.78 0.76 7.42
CA HIS D 186 -1.01 -0.67 7.56
C HIS D 186 -1.76 -0.96 8.85
N GLU D 187 -2.47 -2.09 8.86
CA GLU D 187 -3.29 -2.45 10.02
C GLU D 187 -2.41 -2.78 11.23
N ALA D 188 -1.30 -3.48 11.01
CA ALA D 188 -0.43 -3.84 12.13
C ALA D 188 0.27 -2.62 12.69
N THR D 189 0.76 -1.73 11.83
CA THR D 189 1.41 -0.51 12.30
C THR D 189 0.42 0.39 13.03
N ALA D 190 -0.81 0.50 12.53
CA ALA D 190 -1.82 1.31 13.22
C ALA D 190 -2.17 0.70 14.57
N MET D 191 -2.28 -0.63 14.63
CA MET D 191 -2.58 -1.29 15.90
C MET D 191 -1.44 -1.08 16.90
N MET D 192 -0.19 -1.14 16.44
CA MET D 192 0.94 -0.89 17.33
C MET D 192 0.96 0.55 17.80
N LYS D 193 0.67 1.50 16.91
CA LYS D 193 0.64 2.90 17.30
C LYS D 193 -0.48 3.19 18.29
N ALA D 194 -1.61 2.49 18.16
CA ALA D 194 -2.68 2.67 19.14
C ALA D 194 -2.35 2.00 20.46
N GLN D 195 -1.69 0.84 20.42
CA GLN D 195 -1.33 0.16 21.66
C GLN D 195 -0.25 0.92 22.42
N PHE D 196 0.63 1.64 21.71
CA PHE D 196 1.63 2.45 22.39
C PHE D 196 0.96 3.50 23.29
N MET D 197 -0.01 4.23 22.74
CA MET D 197 -0.70 5.25 23.52
C MET D 197 -1.73 4.65 24.48
N SER D 198 -2.16 3.42 24.25
CA SER D 198 -3.06 2.76 25.19
C SER D 198 -2.32 2.14 26.37
N LEU D 199 -1.02 1.88 26.22
CA LEU D 199 -0.20 1.41 27.32
C LEU D 199 0.67 2.50 27.94
N TRP D 200 0.72 3.68 27.31
CA TRP D 200 1.47 4.80 27.88
C TRP D 200 0.79 5.33 29.14
N ASP D 201 -0.44 5.81 28.99
CA ASP D 201 -1.24 6.32 30.10
C ASP D 201 -2.67 5.78 30.01
N GLY D 202 -2.77 4.47 29.78
CA GLY D 202 -4.06 3.82 29.58
C GLY D 202 -4.79 3.51 30.87
N LEU D 203 -5.51 2.39 30.85
CA LEU D 203 -6.39 2.05 31.97
C LEU D 203 -5.61 1.60 33.19
N ASP D 204 -4.85 0.51 33.06
CA ASP D 204 -4.11 -0.07 34.17
C ASP D 204 -2.73 0.56 34.36
N THR D 205 -2.45 1.65 33.67
CA THR D 205 -1.17 2.34 33.76
C THR D 205 -1.32 3.59 34.63
N ASP D 206 -0.27 4.43 34.61
CA ASP D 206 -0.16 5.70 35.34
C ASP D 206 0.08 5.48 36.83
N HIS D 207 0.40 4.27 37.25
CA HIS D 207 0.77 4.01 38.63
C HIS D 207 2.23 4.37 38.86
N SER D 208 2.71 4.14 40.09
CA SER D 208 4.10 4.42 40.44
C SER D 208 4.97 3.31 39.86
N CYS D 209 5.37 3.48 38.61
CA CYS D 209 6.20 2.49 37.92
C CYS D 209 7.51 3.05 37.39
N GLN D 210 7.70 4.37 37.38
CA GLN D 210 8.93 5.02 36.96
C GLN D 210 9.31 4.67 35.51
N VAL D 211 8.34 4.27 34.69
CA VAL D 211 8.61 3.91 33.30
C VAL D 211 8.50 5.20 32.48
N ILE D 212 9.64 5.67 31.98
CA ILE D 212 9.72 6.89 31.19
C ILE D 212 10.11 6.54 29.76
N VAL D 213 9.44 7.17 28.80
CA VAL D 213 9.73 6.98 27.38
C VAL D 213 10.24 8.30 26.82
N MET D 214 11.41 8.25 26.19
CA MET D 214 12.01 9.42 25.59
C MET D 214 12.32 9.13 24.12
N GLY D 215 12.31 10.19 23.32
CA GLY D 215 12.58 10.07 21.90
C GLY D 215 13.18 11.33 21.32
N ALA D 216 14.21 11.18 20.50
CA ALA D 216 14.88 12.30 19.84
C ALA D 216 14.47 12.33 18.37
N THR D 217 14.02 13.51 17.92
CA THR D 217 13.56 13.66 16.54
C THR D 217 13.80 15.08 16.08
N ASN D 218 14.22 15.23 14.82
CA ASN D 218 14.44 16.54 14.23
C ASN D 218 13.21 17.10 13.54
N ARG D 219 12.16 16.29 13.36
CA ARG D 219 10.93 16.71 12.71
C ARG D 219 9.76 16.46 13.66
N PRO D 220 9.53 17.34 14.64
CA PRO D 220 8.38 17.18 15.54
C PRO D 220 7.09 17.79 15.03
N GLN D 221 7.07 18.34 13.83
CA GLN D 221 5.88 19.00 13.32
C GLN D 221 4.80 17.97 12.97
N ASP D 222 5.18 16.85 12.37
CA ASP D 222 4.24 15.82 11.95
C ASP D 222 4.39 14.54 12.78
N LEU D 223 4.60 14.70 14.09
CA LEU D 223 4.76 13.53 14.95
C LEU D 223 3.42 12.85 15.21
N ASP D 224 2.52 13.54 15.91
CA ASP D 224 1.19 13.03 16.25
C ASP D 224 0.46 14.12 17.04
N SER D 225 -0.81 13.84 17.32
CA SER D 225 -1.60 14.66 18.22
C SER D 225 -1.84 14.02 19.58
N ALA D 226 -1.87 12.69 19.64
CA ALA D 226 -2.03 11.98 20.90
C ALA D 226 -0.69 11.59 21.52
N ILE D 227 0.35 11.41 20.71
CA ILE D 227 1.68 11.11 21.25
C ILE D 227 2.36 12.39 21.72
N MET D 228 2.05 13.53 21.10
CA MET D 228 2.68 14.79 21.49
C MET D 228 2.33 15.17 22.92
N ARG D 229 1.10 14.90 23.34
CA ARG D 229 0.72 15.21 24.72
C ARG D 229 1.28 14.21 25.71
N ARG D 230 1.52 12.97 25.29
CA ARG D 230 2.11 11.97 26.16
C ARG D 230 3.60 12.20 26.39
N MET D 231 4.22 13.11 25.63
CA MET D 231 5.61 13.51 25.82
C MET D 231 5.61 14.99 26.18
N PRO D 232 5.26 15.34 27.42
CA PRO D 232 5.11 16.77 27.75
C PRO D 232 6.43 17.52 27.84
N THR D 233 7.45 16.90 28.45
CA THR D 233 8.76 17.55 28.57
C THR D 233 9.43 17.55 27.21
N ARG D 234 9.37 18.70 26.53
CA ARG D 234 9.94 18.85 25.19
C ARG D 234 11.15 19.76 25.29
N PHE D 235 12.33 19.19 25.07
CA PHE D 235 13.59 19.92 25.13
C PHE D 235 14.01 20.33 23.72
N HIS D 236 14.16 21.63 23.51
CA HIS D 236 14.56 22.17 22.22
C HIS D 236 16.09 22.27 22.18
N ILE D 237 16.71 21.40 21.38
CA ILE D 237 18.14 21.45 21.16
C ILE D 237 18.41 22.25 19.90
N ASN D 238 18.55 23.57 20.05
CA ASN D 238 18.68 24.45 18.90
C ASN D 238 20.06 24.31 18.27
N GLN D 239 20.29 25.10 17.21
CA GLN D 239 21.57 25.11 16.54
C GLN D 239 22.52 26.03 17.30
N PRO D 240 23.80 25.69 17.44
CA PRO D 240 24.70 26.48 18.28
C PRO D 240 24.82 27.94 17.85
N ALA D 241 24.70 28.85 18.80
CA ALA D 241 24.92 30.26 18.55
C ALA D 241 26.41 30.57 18.62
N LEU D 242 26.74 31.87 18.66
CA LEU D 242 28.15 32.27 18.72
C LEU D 242 28.85 31.70 19.95
N LYS D 243 28.25 31.89 21.13
CA LYS D 243 28.86 31.37 22.34
C LYS D 243 28.86 29.85 22.36
N GLN D 244 27.78 29.22 21.89
CA GLN D 244 27.73 27.76 21.85
C GLN D 244 28.73 27.21 20.84
N ARG D 245 28.89 27.88 19.70
CA ARG D 245 29.88 27.44 18.73
C ARG D 245 31.29 27.58 19.28
N GLU D 246 31.58 28.68 19.98
CA GLU D 246 32.88 28.83 20.62
C GLU D 246 33.11 27.73 21.65
N ALA D 247 32.08 27.41 22.43
CA ALA D 247 32.22 26.37 23.46
C ALA D 247 32.50 25.01 22.84
N ILE D 248 31.77 24.65 21.78
CA ILE D 248 31.98 23.34 21.18
C ILE D 248 33.33 23.30 20.45
N LEU D 249 33.75 24.41 19.85
CA LEU D 249 35.06 24.43 19.19
C LEU D 249 36.18 24.33 20.21
N LYS D 250 36.00 24.89 21.40
CA LYS D 250 37.00 24.74 22.45
C LYS D 250 36.98 23.35 23.05
N LEU D 251 35.82 22.71 23.10
CA LEU D 251 35.73 21.36 23.64
C LEU D 251 36.37 20.34 22.68
N ILE D 252 36.11 20.47 21.38
CA ILE D 252 36.63 19.52 20.42
C ILE D 252 38.16 19.58 20.37
N LEU D 253 38.71 20.80 20.32
CA LEU D 253 40.16 20.99 20.25
C LEU D 253 40.77 21.06 21.65
N LYS D 254 40.57 19.99 22.41
CA LYS D 254 41.07 19.88 23.78
C LYS D 254 42.22 18.90 23.91
N ASN D 255 42.05 17.68 23.43
CA ASN D 255 43.08 16.64 23.57
C ASN D 255 44.09 16.67 22.45
N GLU D 256 43.66 16.93 21.22
CA GLU D 256 44.58 16.95 20.09
C GLU D 256 45.53 18.13 20.18
N ASN D 257 46.71 17.97 19.57
CA ASN D 257 47.71 19.02 19.61
C ASN D 257 47.30 20.20 18.74
N VAL D 258 47.16 21.36 19.35
CA VAL D 258 46.83 22.60 18.66
C VAL D 258 47.88 23.65 19.00
N ASP D 259 48.05 24.60 18.09
CA ASP D 259 48.99 25.69 18.32
C ASP D 259 48.63 26.45 19.60
N ARG D 260 49.66 27.00 20.25
CA ARG D 260 49.47 27.59 21.58
C ARG D 260 48.50 28.77 21.54
N HIS D 261 48.65 29.67 20.56
CA HIS D 261 47.80 30.86 20.47
C HIS D 261 46.82 30.66 19.32
N VAL D 262 45.68 30.04 19.63
CA VAL D 262 44.59 29.84 18.69
C VAL D 262 43.30 30.12 19.45
N ASP D 263 42.69 31.27 19.17
CA ASP D 263 41.44 31.63 19.82
C ASP D 263 40.26 31.07 19.02
N LEU D 264 39.30 30.47 19.72
CA LEU D 264 38.15 29.86 19.06
C LEU D 264 37.01 30.83 18.84
N LEU D 265 37.17 32.10 19.22
CA LEU D 265 36.09 33.08 19.02
C LEU D 265 35.99 33.50 17.57
N GLU D 266 37.13 33.79 16.93
CA GLU D 266 37.11 34.22 15.54
C GLU D 266 36.61 33.11 14.62
N VAL D 267 36.96 31.86 14.92
CA VAL D 267 36.49 30.75 14.10
C VAL D 267 34.97 30.62 14.20
N ALA D 268 34.43 30.66 15.42
CA ALA D 268 33.00 30.55 15.60
C ALA D 268 32.27 31.72 14.97
N GLN D 269 32.86 32.91 15.01
CA GLN D 269 32.24 34.07 14.36
C GLN D 269 32.31 33.95 12.84
N GLU D 270 33.35 33.32 12.31
CA GLU D 270 33.48 33.16 10.87
C GLU D 270 32.51 32.11 10.34
N THR D 271 32.25 31.07 11.12
CA THR D 271 31.33 30.02 10.69
C THR D 271 29.92 30.58 10.49
N ASP D 272 29.28 31.03 11.57
CA ASP D 272 28.01 31.75 11.59
C ASP D 272 26.84 30.88 11.13
N GLY D 273 27.08 29.67 10.64
CA GLY D 273 25.99 28.82 10.20
C GLY D 273 26.23 27.35 10.49
N PHE D 274 27.36 27.04 11.13
CA PHE D 274 27.76 25.67 11.36
C PHE D 274 27.03 25.09 12.57
N SER D 275 26.70 23.81 12.49
CA SER D 275 26.05 23.10 13.59
C SER D 275 27.13 22.42 14.45
N GLY D 276 26.68 21.60 15.40
CA GLY D 276 27.62 20.89 16.25
C GLY D 276 28.36 19.76 15.55
N SER D 277 27.83 19.28 14.42
CA SER D 277 28.47 18.22 13.66
C SER D 277 29.35 18.74 12.54
N ASP D 278 29.06 19.93 12.01
CA ASP D 278 29.89 20.50 10.96
C ASP D 278 31.23 20.99 11.49
N LEU D 279 31.26 21.49 12.73
CA LEU D 279 32.53 21.92 13.32
C LEU D 279 33.43 20.73 13.60
N LYS D 280 32.84 19.61 14.03
CA LYS D 280 33.62 18.37 14.17
C LYS D 280 34.26 17.98 12.85
N GLU D 281 33.49 18.07 11.76
CA GLU D 281 34.05 17.75 10.45
C GLU D 281 35.13 18.74 10.04
N MET D 282 34.97 20.01 10.39
CA MET D 282 35.98 21.01 10.06
C MET D 282 37.29 20.73 10.78
N CYS D 283 37.20 20.41 12.07
CA CYS D 283 38.42 20.07 12.82
C CYS D 283 39.04 18.78 12.30
N ARG D 284 38.21 17.80 11.94
CA ARG D 284 38.75 16.57 11.36
C ARG D 284 39.45 16.83 10.03
N ASP D 285 38.88 17.73 9.22
CA ASP D 285 39.51 18.08 7.94
C ASP D 285 40.83 18.81 8.15
N ALA D 286 40.89 19.68 9.15
CA ALA D 286 42.15 20.36 9.46
C ALA D 286 43.21 19.38 9.92
N ALA D 287 42.82 18.44 10.80
CA ALA D 287 43.77 17.43 11.25
C ALA D 287 44.24 16.54 10.10
N LEU D 288 43.32 16.21 9.19
CA LEU D 288 43.68 15.36 8.05
C LEU D 288 44.60 16.11 7.10
N LEU D 289 44.38 17.41 6.91
CA LEU D 289 45.29 18.20 6.08
C LEU D 289 46.67 18.28 6.70
N CYS D 290 46.74 18.45 8.04
CA CYS D 290 48.03 18.45 8.71
C CYS D 290 48.74 17.10 8.56
N VAL D 291 47.99 16.01 8.71
CA VAL D 291 48.59 14.67 8.57
C VAL D 291 49.07 14.45 7.14
N ARG D 292 48.30 14.90 6.16
CA ARG D 292 48.71 14.74 4.76
C ARG D 292 49.97 15.56 4.47
N GLU D 293 50.05 16.78 5.00
CA GLU D 293 51.24 17.59 4.82
C GLU D 293 52.45 16.97 5.51
N TYR D 294 52.23 16.28 6.62
CA TYR D 294 53.35 15.64 7.32
C TYR D 294 53.82 14.40 6.58
N VAL D 295 52.90 13.60 6.05
CA VAL D 295 53.26 12.35 5.39
C VAL D 295 53.94 12.61 4.05
N ASN D 296 53.59 13.71 3.37
CA ASN D 296 54.18 14.00 2.08
C ASN D 296 55.69 14.14 2.14
N SER D 297 56.22 14.60 3.28
CA SER D 297 57.65 14.73 3.45
C SER D 297 58.25 13.49 4.10
N ILE D 308 51.90 15.08 13.11
CA ILE D 308 52.76 15.56 14.18
C ILE D 308 52.83 17.08 14.15
N ARG D 309 52.28 17.67 13.08
CA ARG D 309 52.28 19.12 12.94
C ARG D 309 51.03 19.71 13.56
N PRO D 310 51.15 20.70 14.43
CA PRO D 310 49.97 21.31 15.05
C PRO D 310 49.23 22.22 14.08
N VAL D 311 47.95 22.40 14.35
CA VAL D 311 47.10 23.27 13.55
C VAL D 311 47.45 24.71 13.87
N GLN D 312 48.09 25.41 12.92
CA GLN D 312 48.55 26.77 13.11
C GLN D 312 47.45 27.81 12.90
N GLN D 313 46.18 27.40 12.95
CA GLN D 313 45.00 28.23 12.77
C GLN D 313 44.83 28.72 11.34
N GLN D 314 45.78 28.44 10.45
CA GLN D 314 45.63 28.81 9.05
C GLN D 314 44.85 27.77 8.26
N ASP D 315 44.98 26.49 8.62
CA ASP D 315 44.20 25.46 7.97
C ASP D 315 42.73 25.53 8.33
N LEU D 316 42.39 26.12 9.48
CA LEU D 316 40.99 26.25 9.87
C LEU D 316 40.24 27.17 8.90
N HIS D 317 40.89 28.23 8.43
CA HIS D 317 40.23 29.15 7.51
C HIS D 317 39.88 28.46 6.19
N ARG D 318 40.86 27.76 5.60
CA ARG D 318 40.59 27.06 4.35
C ARG D 318 39.62 25.91 4.54
N ALA D 319 39.64 25.26 5.72
CA ALA D 319 38.66 24.22 6.00
C ALA D 319 37.26 24.79 6.07
N ILE D 320 37.09 25.93 6.73
CA ILE D 320 35.79 26.59 6.79
C ILE D 320 35.33 27.00 5.40
N GLU D 321 36.25 27.52 4.58
CA GLU D 321 35.89 27.93 3.23
C GLU D 321 35.44 26.74 2.39
N LYS D 322 36.16 25.62 2.48
CA LYS D 322 35.79 24.42 1.72
C LYS D 322 34.46 23.86 2.21
N MET D 323 34.24 23.86 3.53
CA MET D 323 32.97 23.36 4.05
C MET D 323 31.81 24.25 3.63
N LYS D 324 32.02 25.55 3.57
CA LYS D 324 30.96 26.45 3.12
C LYS D 324 30.69 26.27 1.63
N LYS D 325 31.74 26.10 0.83
CA LYS D 325 31.55 25.83 -0.59
C LYS D 325 30.83 24.51 -0.82
N SER D 326 31.07 23.52 0.04
CA SER D 326 30.37 22.25 -0.09
C SER D 326 28.90 22.38 0.33
N LYS D 327 28.65 23.09 1.43
CA LYS D 327 27.28 23.29 1.89
C LYS D 327 26.46 24.15 0.94
N ASP D 328 27.11 25.02 0.16
CA ASP D 328 26.39 25.83 -0.80
C ASP D 328 25.87 25.04 -2.00
N ALA D 329 26.06 23.71 -2.01
CA ALA D 329 25.58 22.89 -3.12
C ALA D 329 24.09 22.61 -3.03
N ALA D 330 23.50 22.67 -1.83
CA ALA D 330 22.07 22.40 -1.69
C ALA D 330 21.21 23.48 -2.32
N PHE D 331 21.74 24.68 -2.52
CA PHE D 331 20.98 25.77 -3.13
C PHE D 331 21.10 25.73 -4.65
N LEU E 49 17.45 -18.42 -13.21
CA LEU E 49 16.06 -18.66 -13.54
C LEU E 49 15.16 -18.46 -12.33
N SER E 50 14.89 -17.19 -12.01
CA SER E 50 14.07 -16.84 -10.86
C SER E 50 12.59 -16.82 -11.25
N GLU E 51 11.74 -16.44 -10.29
CA GLU E 51 10.31 -16.37 -10.56
C GLU E 51 9.96 -15.15 -11.40
N TYR E 52 10.46 -13.97 -11.01
CA TYR E 52 10.23 -12.78 -11.81
C TYR E 52 10.88 -12.89 -13.19
N GLU E 53 12.00 -13.61 -13.29
CA GLU E 53 12.62 -13.83 -14.58
C GLU E 53 11.69 -14.64 -15.49
N MET E 54 11.07 -15.69 -14.96
CA MET E 54 10.12 -16.48 -15.74
C MET E 54 8.86 -15.69 -16.07
N SER E 55 8.43 -14.81 -15.16
CA SER E 55 7.28 -13.96 -15.45
C SER E 55 7.59 -12.98 -16.58
N ILE E 56 8.83 -12.48 -16.62
CA ILE E 56 9.24 -11.59 -17.69
C ILE E 56 9.44 -12.36 -19.01
N ALA E 57 9.85 -13.63 -18.93
CA ALA E 57 10.06 -14.43 -20.13
C ALA E 57 8.80 -14.56 -20.98
N ALA E 58 7.62 -14.29 -20.41
CA ALA E 58 6.39 -14.34 -21.18
C ALA E 58 6.31 -13.25 -22.23
N HIS E 59 7.09 -12.17 -22.09
CA HIS E 59 7.13 -11.10 -23.08
C HIS E 59 8.34 -11.17 -23.99
N LEU E 60 9.24 -12.10 -23.77
CA LEU E 60 10.42 -12.26 -24.61
C LEU E 60 10.01 -12.80 -25.97
N VAL E 61 10.11 -11.98 -27.00
CA VAL E 61 9.76 -12.41 -28.35
C VAL E 61 10.81 -13.39 -28.85
N ASP E 62 10.36 -14.49 -29.45
CA ASP E 62 11.28 -15.49 -29.94
C ASP E 62 12.05 -14.96 -31.15
N PRO E 63 13.38 -15.11 -31.17
CA PRO E 63 14.15 -14.54 -32.29
C PRO E 63 13.94 -15.25 -33.61
N LEU E 64 13.31 -16.41 -33.63
CA LEU E 64 13.13 -17.16 -34.87
C LEU E 64 11.88 -16.72 -35.63
N ASN E 65 10.76 -16.55 -34.95
CA ASN E 65 9.50 -16.18 -35.60
C ASN E 65 9.30 -14.67 -35.47
N MET E 66 10.00 -13.93 -36.32
CA MET E 66 9.85 -12.49 -36.40
C MET E 66 9.45 -12.02 -37.79
N HIS E 67 10.04 -12.59 -38.83
CA HIS E 67 9.69 -12.31 -40.24
C HIS E 67 9.53 -10.81 -40.50
N VAL E 68 10.51 -10.04 -40.04
CA VAL E 68 10.57 -8.60 -40.27
C VAL E 68 11.98 -8.24 -40.67
N THR E 69 12.14 -7.73 -41.91
CA THR E 69 13.44 -7.32 -42.40
C THR E 69 13.40 -5.87 -42.87
N TRP E 70 14.48 -5.40 -43.50
CA TRP E 70 14.50 -4.04 -44.01
C TRP E 70 13.56 -3.84 -45.19
N SER E 71 13.17 -4.92 -45.88
CA SER E 71 12.25 -4.80 -47.00
C SER E 71 10.85 -4.41 -46.55
N ASP E 72 10.45 -4.82 -45.34
CA ASP E 72 9.13 -4.47 -44.85
C ASP E 72 9.03 -2.99 -44.49
N ILE E 73 10.16 -2.37 -44.15
CA ILE E 73 10.20 -0.95 -43.80
C ILE E 73 10.63 -0.19 -45.05
N ALA E 74 9.68 0.50 -45.67
CA ALA E 74 9.94 1.31 -46.84
C ALA E 74 9.85 2.79 -46.48
N GLY E 75 10.04 3.65 -47.48
CA GLY E 75 9.99 5.08 -47.26
C GLY E 75 11.33 5.66 -46.86
N LEU E 76 11.52 5.86 -45.56
CA LEU E 76 12.80 6.38 -45.07
C LEU E 76 13.92 5.39 -45.32
N ASP E 77 15.01 5.87 -45.91
CA ASP E 77 16.18 5.05 -46.18
C ASP E 77 17.48 5.59 -45.59
N ASP E 78 17.52 6.87 -45.20
CA ASP E 78 18.73 7.41 -44.59
C ASP E 78 18.92 6.86 -43.18
N VAL E 79 17.84 6.78 -42.40
CA VAL E 79 17.93 6.25 -41.05
C VAL E 79 18.32 4.78 -41.08
N ILE E 80 17.90 4.03 -42.09
CA ILE E 80 18.27 2.63 -42.19
C ILE E 80 19.76 2.47 -42.46
N THR E 81 20.36 3.40 -43.21
CA THR E 81 21.78 3.30 -43.52
C THR E 81 22.64 3.57 -42.30
N ASP E 82 22.34 4.63 -41.55
CA ASP E 82 23.12 4.98 -40.37
C ASP E 82 22.94 4.00 -39.23
N LEU E 83 21.83 3.25 -39.22
CA LEU E 83 21.59 2.29 -38.16
C LEU E 83 22.23 0.94 -38.45
N LYS E 84 22.44 0.61 -39.72
CA LYS E 84 23.02 -0.67 -40.07
C LYS E 84 24.49 -0.75 -39.65
N ASP E 85 25.25 0.29 -39.96
CA ASP E 85 26.68 0.30 -39.61
C ASP E 85 26.94 0.62 -38.15
N THR E 86 25.96 1.18 -37.44
CA THR E 86 26.14 1.58 -36.05
C THR E 86 25.59 0.56 -35.06
N VAL E 87 24.53 -0.16 -35.41
CA VAL E 87 23.92 -1.13 -34.52
C VAL E 87 24.12 -2.57 -34.99
N ILE E 88 23.96 -2.84 -36.28
CA ILE E 88 24.09 -4.21 -36.79
C ILE E 88 25.54 -4.59 -37.01
N LEU E 89 26.35 -3.65 -37.50
CA LEU E 89 27.76 -3.95 -37.77
C LEU E 89 28.55 -4.26 -36.50
N PRO E 90 28.47 -3.49 -35.42
CA PRO E 90 29.24 -3.85 -34.22
C PRO E 90 28.71 -5.09 -33.51
N ILE E 91 27.40 -5.35 -33.58
CA ILE E 91 26.84 -6.54 -32.93
C ILE E 91 27.34 -7.80 -33.60
N LYS E 92 27.25 -7.86 -34.93
CA LYS E 92 27.74 -9.00 -35.69
C LYS E 92 29.25 -8.88 -35.93
N LYS E 93 29.81 -9.93 -36.51
CA LYS E 93 31.24 -10.03 -36.83
C LYS E 93 32.13 -9.44 -35.74
N LYS E 94 31.86 -9.85 -34.50
CA LYS E 94 32.60 -9.38 -33.34
C LYS E 94 34.04 -9.91 -33.30
N HIS E 95 34.40 -10.82 -34.21
CA HIS E 95 35.74 -11.39 -34.25
C HIS E 95 36.72 -10.55 -35.04
N LEU E 96 36.42 -9.26 -35.25
CA LEU E 96 37.27 -8.38 -36.04
C LEU E 96 38.05 -7.40 -35.18
N PHE E 97 37.37 -6.65 -34.32
CA PHE E 97 37.99 -5.62 -33.49
C PHE E 97 37.52 -5.74 -32.05
N GLU E 98 37.52 -6.96 -31.52
CA GLU E 98 37.12 -7.17 -30.14
C GLU E 98 38.13 -6.65 -29.13
N ASN E 99 39.34 -6.30 -29.56
CA ASN E 99 40.35 -5.81 -28.63
C ASN E 99 40.05 -4.39 -28.17
N SER E 100 39.38 -3.60 -29.00
CA SER E 100 39.07 -2.23 -28.63
C SER E 100 38.06 -2.18 -27.49
N ARG E 101 38.21 -1.15 -26.65
CA ARG E 101 37.36 -1.00 -25.49
C ARG E 101 36.09 -0.19 -25.75
N LEU E 102 36.03 0.54 -26.87
CA LEU E 102 34.88 1.39 -27.17
C LEU E 102 34.36 1.16 -28.58
N LEU E 103 34.63 0.00 -29.15
CA LEU E 103 34.13 -0.36 -30.47
C LEU E 103 32.92 -1.28 -30.36
N GLN E 104 32.11 -1.08 -29.34
CA GLN E 104 30.89 -1.83 -29.09
C GLN E 104 29.67 -1.04 -29.57
N PRO E 105 28.55 -1.70 -29.83
CA PRO E 105 27.37 -0.98 -30.27
C PRO E 105 26.83 -0.09 -29.16
N PRO E 106 26.19 1.02 -29.50
CA PRO E 106 25.67 1.91 -28.46
C PRO E 106 24.48 1.29 -27.75
N LYS E 107 24.40 1.53 -26.44
CA LYS E 107 23.35 0.96 -25.60
C LYS E 107 22.19 1.93 -25.39
N GLY E 108 22.08 2.98 -26.19
CA GLY E 108 21.06 3.98 -25.98
C GLY E 108 20.35 4.44 -27.24
N VAL E 109 20.14 3.52 -28.19
CA VAL E 109 19.45 3.88 -29.43
C VAL E 109 18.03 4.31 -29.11
N LEU E 110 17.63 5.46 -29.65
CA LEU E 110 16.29 6.01 -29.41
C LEU E 110 15.73 6.54 -30.72
N LEU E 111 14.48 6.24 -31.00
CA LEU E 111 13.80 6.67 -32.22
C LEU E 111 12.57 7.48 -31.81
N TYR E 112 12.60 8.78 -32.09
CA TYR E 112 11.50 9.67 -31.75
C TYR E 112 10.82 10.18 -33.03
N GLY E 113 9.74 10.92 -32.84
CA GLY E 113 8.98 11.45 -33.94
C GLY E 113 7.49 11.33 -33.70
N PRO E 114 6.69 11.60 -34.74
CA PRO E 114 5.24 11.47 -34.60
C PRO E 114 4.86 10.02 -34.35
N PRO E 115 3.72 9.79 -33.71
CA PRO E 115 3.29 8.41 -33.44
C PRO E 115 3.03 7.65 -34.73
N GLY E 116 3.59 6.46 -34.83
CA GLY E 116 3.46 5.66 -36.02
C GLY E 116 4.67 5.77 -36.93
N CYS E 117 4.38 5.55 -38.22
CA CYS E 117 5.37 5.60 -39.32
C CYS E 117 6.69 4.92 -38.94
N GLY E 118 6.58 3.64 -38.59
CA GLY E 118 7.74 2.77 -38.48
C GLY E 118 8.51 2.86 -37.17
N LYS E 119 7.85 3.21 -36.07
CA LYS E 119 8.56 3.33 -34.79
C LYS E 119 9.12 1.99 -34.34
N THR E 120 8.24 1.02 -34.08
CA THR E 120 8.70 -0.29 -33.62
C THR E 120 9.01 -1.24 -34.77
N LEU E 121 8.67 -0.88 -36.01
CA LEU E 121 9.02 -1.72 -37.15
C LEU E 121 10.53 -1.75 -37.35
N ILE E 122 11.20 -0.62 -37.13
CA ILE E 122 12.65 -0.58 -37.25
C ILE E 122 13.29 -1.39 -36.13
N ALA E 123 12.68 -1.40 -34.93
CA ALA E 123 13.22 -2.16 -33.82
C ALA E 123 13.18 -3.66 -34.11
N LYS E 124 12.04 -4.15 -34.61
CA LYS E 124 11.92 -5.57 -34.89
C LYS E 124 12.85 -6.01 -36.01
N ALA E 125 12.94 -5.20 -37.07
CA ALA E 125 13.85 -5.53 -38.17
C ALA E 125 15.30 -5.52 -37.70
N THR E 126 15.67 -4.54 -36.86
CA THR E 126 17.02 -4.49 -36.33
C THR E 126 17.33 -5.74 -35.49
N ALA E 127 16.42 -6.08 -34.57
CA ALA E 127 16.64 -7.25 -33.73
C ALA E 127 16.67 -8.53 -34.53
N LYS E 128 15.92 -8.60 -35.64
CA LYS E 128 15.98 -9.78 -36.50
C LYS E 128 17.32 -9.85 -37.22
N GLU E 129 17.82 -8.72 -37.69
CA GLU E 129 19.15 -8.68 -38.31
C GLU E 129 20.27 -8.62 -37.29
N ALA E 130 19.98 -8.33 -36.03
CA ALA E 130 20.96 -8.41 -34.97
C ALA E 130 21.08 -9.86 -34.50
N GLY E 131 21.72 -10.08 -33.36
CA GLY E 131 21.93 -11.43 -32.87
C GLY E 131 20.68 -12.23 -32.64
N CYS E 132 19.90 -11.89 -31.61
CA CYS E 132 18.74 -12.68 -31.21
C CYS E 132 18.06 -12.03 -30.00
N ARG E 133 16.93 -12.61 -29.62
CA ARG E 133 16.21 -12.30 -28.38
C ARG E 133 15.76 -10.83 -28.33
N PHE E 134 14.86 -10.49 -29.25
CA PHE E 134 14.17 -9.21 -29.15
C PHE E 134 13.28 -9.20 -27.90
N ILE E 135 13.48 -8.20 -27.04
CA ILE E 135 12.83 -8.16 -25.74
C ILE E 135 12.08 -6.84 -25.63
N ASN E 136 10.77 -6.87 -25.89
CA ASN E 136 9.86 -5.79 -25.57
C ASN E 136 8.76 -6.32 -24.66
N LEU E 137 8.41 -5.54 -23.63
CA LEU E 137 7.43 -5.98 -22.66
C LEU E 137 6.16 -5.15 -22.72
N GLN E 138 6.22 -3.85 -22.40
CA GLN E 138 5.09 -2.92 -22.45
C GLN E 138 5.57 -1.55 -21.99
N PRO E 139 4.77 -0.49 -22.22
CA PRO E 139 5.00 0.75 -21.45
C PRO E 139 4.47 0.69 -20.03
N SER E 140 3.58 -0.26 -19.72
CA SER E 140 2.93 -0.29 -18.40
C SER E 140 2.78 -1.72 -17.87
N THR E 141 3.70 -2.63 -18.23
CA THR E 141 3.64 -3.98 -17.67
C THR E 141 4.01 -3.98 -16.19
N LEU E 142 4.83 -3.03 -15.77
CA LEU E 142 5.31 -2.93 -14.39
C LEU E 142 4.34 -2.07 -13.59
N THR E 143 4.77 -1.63 -12.40
CA THR E 143 3.92 -0.91 -11.43
C THR E 143 2.73 -1.76 -11.01
N ASP E 144 3.05 -2.91 -10.39
CA ASP E 144 2.03 -3.78 -9.85
C ASP E 144 1.47 -3.18 -8.55
N LYS E 145 0.25 -3.59 -8.20
CA LYS E 145 -0.43 -3.09 -7.01
C LYS E 145 0.10 -3.84 -5.79
N TRP E 146 1.36 -3.59 -5.48
CA TRP E 146 2.02 -4.17 -4.32
C TRP E 146 3.15 -3.23 -3.90
N TYR E 147 3.98 -3.69 -2.98
CA TYR E 147 5.15 -2.93 -2.52
C TYR E 147 6.41 -3.72 -2.86
N GLY E 148 7.33 -3.09 -3.58
CA GLY E 148 8.55 -3.75 -3.96
C GLY E 148 8.39 -4.77 -5.08
N GLU E 149 7.42 -4.55 -5.97
CA GLU E 149 7.19 -5.45 -7.09
C GLU E 149 7.43 -4.80 -8.44
N SER E 150 7.88 -3.55 -8.47
CA SER E 150 8.15 -2.83 -9.71
C SER E 150 9.65 -2.69 -9.99
N GLN E 151 10.44 -2.35 -8.96
CA GLN E 151 11.88 -2.27 -9.13
C GLN E 151 12.50 -3.65 -9.31
N LYS E 152 12.00 -4.63 -8.55
CA LYS E 152 12.47 -6.01 -8.72
C LYS E 152 12.13 -6.54 -10.10
N LEU E 153 11.03 -6.05 -10.69
CA LEU E 153 10.69 -6.47 -12.05
C LEU E 153 11.74 -5.99 -13.05
N ALA E 154 12.15 -4.73 -12.94
CA ALA E 154 13.20 -4.22 -13.82
C ALA E 154 14.53 -4.90 -13.56
N ALA E 155 14.81 -5.20 -12.29
CA ALA E 155 16.03 -5.95 -11.98
C ALA E 155 16.03 -7.32 -12.65
N ALA E 156 14.90 -8.02 -12.60
CA ALA E 156 14.79 -9.31 -13.27
C ALA E 156 14.90 -9.17 -14.77
N VAL E 157 14.32 -8.12 -15.34
CA VAL E 157 14.43 -7.87 -16.77
C VAL E 157 15.89 -7.72 -17.17
N PHE E 158 16.63 -6.87 -16.45
CA PHE E 158 18.03 -6.63 -16.79
C PHE E 158 18.88 -7.87 -16.57
N SER E 159 18.60 -8.63 -15.50
CA SER E 159 19.36 -9.86 -15.27
C SER E 159 19.11 -10.87 -16.38
N LEU E 160 17.86 -11.02 -16.81
CA LEU E 160 17.55 -11.93 -17.90
C LEU E 160 18.22 -11.48 -19.19
N ALA E 161 18.25 -10.17 -19.44
CA ALA E 161 18.93 -9.67 -20.64
C ALA E 161 20.43 -9.92 -20.58
N ILE E 162 21.03 -9.83 -19.38
CA ILE E 162 22.46 -10.10 -19.24
C ILE E 162 22.75 -11.60 -19.36
N LYS E 163 21.80 -12.45 -18.98
CA LYS E 163 22.04 -13.89 -18.96
C LYS E 163 22.46 -14.41 -20.33
N LEU E 164 21.87 -13.89 -21.40
CA LEU E 164 22.15 -14.35 -22.76
C LEU E 164 22.82 -13.24 -23.56
N GLN E 165 22.96 -13.51 -24.86
CA GLN E 165 23.60 -12.65 -25.85
C GLN E 165 22.84 -11.32 -25.95
N PRO E 166 23.37 -10.28 -26.71
CA PRO E 166 22.90 -8.89 -26.52
C PRO E 166 21.43 -8.70 -26.17
N SER E 167 20.51 -9.32 -26.93
CA SER E 167 19.09 -9.32 -26.60
C SER E 167 18.54 -7.89 -26.50
N ILE E 168 18.53 -7.23 -27.66
CA ILE E 168 18.07 -5.84 -27.78
C ILE E 168 16.77 -5.63 -27.02
N ILE E 169 16.78 -4.70 -26.08
CA ILE E 169 15.61 -4.38 -25.27
C ILE E 169 14.89 -3.20 -25.91
N PHE E 170 13.56 -3.31 -26.04
CA PHE E 170 12.75 -2.25 -26.61
C PHE E 170 11.73 -1.80 -25.55
N ILE E 171 11.78 -0.51 -25.21
CA ILE E 171 10.86 0.05 -24.23
C ILE E 171 9.90 1.00 -24.93
N ASP E 172 8.73 0.49 -25.30
CA ASP E 172 7.73 1.31 -25.98
C ASP E 172 7.23 2.41 -25.07
N GLN E 173 7.10 3.62 -25.62
CA GLN E 173 6.58 4.78 -24.90
C GLN E 173 7.38 5.03 -23.61
N ILE E 174 8.67 5.30 -23.80
CA ILE E 174 9.55 5.57 -22.66
C ILE E 174 9.32 6.98 -22.13
N ASP E 175 8.54 7.78 -22.87
CA ASP E 175 8.26 9.17 -22.49
C ASP E 175 7.56 9.25 -21.14
N SER E 176 6.49 8.48 -20.97
CA SER E 176 5.72 8.51 -19.73
C SER E 176 6.35 7.64 -18.66
N PHE E 177 6.99 6.54 -19.05
CA PHE E 177 7.64 5.66 -18.08
C PHE E 177 8.83 6.36 -17.42
N LEU E 178 9.70 6.95 -18.22
CA LEU E 178 10.94 7.57 -17.75
C LEU E 178 10.87 9.09 -17.85
N ARG E 179 9.72 9.67 -17.50
CA ARG E 179 9.54 11.11 -17.56
C ARG E 179 10.51 11.82 -16.63
N ASN E 180 10.63 13.13 -16.81
CA ASN E 180 11.59 13.94 -16.08
C ASN E 180 11.42 13.78 -14.58
N ARG E 181 12.55 13.61 -13.89
CA ARG E 181 12.53 13.41 -12.45
C ARG E 181 12.13 14.69 -11.73
N SER E 182 11.36 14.54 -10.66
CA SER E 182 10.89 15.68 -9.87
C SER E 182 10.62 15.21 -8.45
N SER E 183 10.27 16.16 -7.59
CA SER E 183 9.96 15.87 -6.20
C SER E 183 8.47 15.95 -5.89
N SER E 184 7.67 16.49 -6.79
CA SER E 184 6.24 16.62 -6.54
C SER E 184 5.46 15.37 -6.96
N ASP E 185 6.03 14.55 -7.84
CA ASP E 185 5.36 13.34 -8.29
C ASP E 185 5.29 12.31 -7.16
N HIS E 186 4.54 11.24 -7.42
CA HIS E 186 4.41 10.16 -6.44
C HIS E 186 5.77 9.51 -6.20
N GLU E 187 6.17 9.45 -4.94
CA GLU E 187 7.51 8.99 -4.60
C GLU E 187 7.57 7.47 -4.53
N ALA E 188 7.10 6.81 -5.59
CA ALA E 188 7.17 5.35 -5.68
C ALA E 188 7.76 4.96 -7.03
N THR E 189 7.54 5.81 -8.05
CA THR E 189 8.12 5.59 -9.36
C THR E 189 9.42 6.36 -9.57
N ALA E 190 9.69 7.38 -8.73
CA ALA E 190 10.95 8.10 -8.82
C ALA E 190 12.12 7.21 -8.41
N MET E 191 11.96 6.47 -7.31
CA MET E 191 12.96 5.48 -6.94
C MET E 191 13.13 4.41 -8.01
N MET E 192 12.04 4.02 -8.67
CA MET E 192 12.12 3.06 -9.76
C MET E 192 12.83 3.62 -10.98
N LYS E 193 12.51 4.86 -11.38
CA LYS E 193 13.18 5.47 -12.52
C LYS E 193 14.62 5.82 -12.21
N ALA E 194 15.01 5.88 -10.93
CA ALA E 194 16.41 6.03 -10.57
C ALA E 194 17.15 4.70 -10.52
N GLN E 195 16.51 3.64 -10.02
CA GLN E 195 17.07 2.30 -10.09
C GLN E 195 17.26 1.84 -11.52
N PHE E 196 16.38 2.24 -12.44
CA PHE E 196 16.57 1.92 -13.85
C PHE E 196 17.88 2.51 -14.36
N MET E 197 18.17 3.76 -14.01
CA MET E 197 19.42 4.38 -14.43
C MET E 197 20.61 3.71 -13.74
N SER E 198 20.47 3.39 -12.44
CA SER E 198 21.56 2.76 -11.72
C SER E 198 21.88 1.38 -12.25
N LEU E 199 20.89 0.69 -12.83
CA LEU E 199 21.11 -0.64 -13.38
C LEU E 199 21.45 -0.62 -14.87
N TRP E 200 21.14 0.47 -15.58
CA TRP E 200 21.50 0.57 -16.99
C TRP E 200 23.02 0.52 -17.18
N ASP E 201 23.73 1.49 -16.60
CA ASP E 201 25.19 1.54 -16.66
C ASP E 201 25.69 1.89 -15.26
N GLY E 202 25.99 0.86 -14.47
CA GLY E 202 26.43 1.05 -13.10
C GLY E 202 27.73 0.35 -12.78
N LEU E 203 27.72 -0.47 -11.72
CA LEU E 203 28.95 -1.12 -11.28
C LEU E 203 29.21 -2.41 -12.05
N ASP E 204 28.19 -3.26 -12.19
CA ASP E 204 28.38 -4.55 -12.82
C ASP E 204 28.29 -4.50 -14.34
N THR E 205 27.80 -3.39 -14.90
CA THR E 205 27.63 -3.27 -16.34
C THR E 205 28.96 -2.90 -17.00
N ASP E 206 28.88 -2.47 -18.26
CA ASP E 206 30.03 -2.02 -19.05
C ASP E 206 31.00 -3.16 -19.35
N HIS E 207 30.49 -4.39 -19.39
CA HIS E 207 31.27 -5.55 -19.78
C HIS E 207 31.00 -5.86 -21.26
N SER E 208 31.51 -7.00 -21.72
CA SER E 208 31.33 -7.41 -23.11
C SER E 208 30.03 -8.24 -23.25
N CYS E 209 28.93 -7.61 -22.87
CA CYS E 209 27.61 -8.24 -22.94
C CYS E 209 26.78 -7.76 -24.12
N GLN E 210 27.08 -6.58 -24.66
CA GLN E 210 26.40 -6.01 -25.82
C GLN E 210 24.91 -5.77 -25.58
N VAL E 211 24.49 -5.78 -24.31
CA VAL E 211 23.08 -5.57 -23.98
C VAL E 211 22.71 -4.14 -24.35
N ILE E 212 21.89 -3.98 -25.39
CA ILE E 212 21.54 -2.69 -25.94
C ILE E 212 20.07 -2.43 -25.70
N VAL E 213 19.75 -1.29 -25.09
CA VAL E 213 18.38 -0.90 -24.78
C VAL E 213 17.92 0.12 -25.81
N MET E 214 16.74 -0.11 -26.38
CA MET E 214 16.16 0.76 -27.39
C MET E 214 14.89 1.40 -26.84
N GLY E 215 14.72 2.69 -27.12
CA GLY E 215 13.58 3.45 -26.64
C GLY E 215 12.72 3.98 -27.77
N ALA E 216 11.58 4.54 -27.39
CA ALA E 216 10.65 5.12 -28.36
C ALA E 216 9.82 6.18 -27.64
N THR E 217 9.62 7.31 -28.33
CA THR E 217 8.89 8.42 -27.73
C THR E 217 8.32 9.30 -28.84
N ASN E 218 7.37 10.15 -28.45
CA ASN E 218 6.74 11.08 -29.37
C ASN E 218 7.08 12.54 -29.09
N ARG E 219 7.71 12.82 -27.95
CA ARG E 219 8.08 14.18 -27.59
C ARG E 219 9.27 14.16 -26.64
N PRO E 220 10.49 13.93 -27.15
CA PRO E 220 11.68 13.79 -26.29
C PRO E 220 12.25 15.12 -25.81
N GLN E 221 11.37 16.00 -25.35
CA GLN E 221 11.77 17.28 -24.77
C GLN E 221 11.66 17.31 -23.25
N ASP E 222 10.71 16.58 -22.69
CA ASP E 222 10.54 16.45 -21.25
C ASP E 222 10.86 15.03 -20.77
N LEU E 223 11.74 14.33 -21.48
CA LEU E 223 12.05 12.95 -21.12
C LEU E 223 12.89 12.90 -19.85
N ASP E 224 14.11 13.45 -19.90
CA ASP E 224 15.01 13.45 -18.75
C ASP E 224 16.28 14.24 -19.05
N SER E 225 17.15 14.37 -18.04
CA SER E 225 18.47 14.95 -18.22
C SER E 225 19.61 13.96 -18.00
N ALA E 226 19.36 12.87 -17.25
CA ALA E 226 20.35 11.83 -17.07
C ALA E 226 20.06 10.57 -17.87
N ILE E 227 18.83 10.35 -18.28
CA ILE E 227 18.50 9.22 -19.15
C ILE E 227 18.88 9.51 -20.60
N MET E 228 18.70 10.75 -21.05
CA MET E 228 19.16 11.13 -22.38
C MET E 228 20.68 11.04 -22.52
N ARG E 229 21.41 11.06 -21.40
CA ARG E 229 22.85 10.92 -21.45
C ARG E 229 23.25 9.52 -21.90
N ARG E 230 22.69 8.49 -21.28
CA ARG E 230 22.98 7.11 -21.68
C ARG E 230 22.30 6.74 -22.98
N MET E 231 21.56 7.65 -23.61
CA MET E 231 20.99 7.44 -24.93
C MET E 231 21.68 8.38 -25.92
N PRO E 232 22.89 8.06 -26.34
CA PRO E 232 23.66 9.02 -27.15
C PRO E 232 23.27 9.04 -28.62
N THR E 233 22.92 7.88 -29.16
CA THR E 233 22.54 7.75 -30.57
C THR E 233 21.02 7.78 -30.66
N ARG E 234 20.47 8.93 -31.02
CA ARG E 234 19.03 9.12 -31.13
C ARG E 234 18.68 9.42 -32.59
N PHE E 235 18.03 8.47 -33.24
CA PHE E 235 17.57 8.67 -34.60
C PHE E 235 16.23 9.42 -34.61
N HIS E 236 15.95 10.09 -35.72
CA HIS E 236 14.75 10.91 -35.87
C HIS E 236 13.86 10.31 -36.95
N ILE E 237 12.94 9.45 -36.53
CA ILE E 237 11.91 8.96 -37.45
C ILE E 237 10.97 10.12 -37.74
N ASN E 238 10.99 10.61 -38.96
CA ASN E 238 10.28 11.82 -39.34
C ASN E 238 8.91 11.48 -39.91
N GLN E 239 8.23 12.47 -40.47
CA GLN E 239 6.96 12.28 -41.16
C GLN E 239 7.25 11.92 -42.60
N PRO E 240 6.44 11.04 -43.23
CA PRO E 240 6.73 10.63 -44.61
C PRO E 240 7.03 11.79 -45.57
N ALA E 241 6.24 12.86 -45.49
CA ALA E 241 6.48 14.08 -46.23
C ALA E 241 6.55 13.88 -47.73
N LEU E 242 5.45 13.40 -48.32
CA LEU E 242 5.22 13.47 -49.77
C LEU E 242 6.07 12.48 -50.56
N LYS E 243 7.01 11.80 -49.90
CA LYS E 243 7.82 10.80 -50.58
C LYS E 243 7.73 9.43 -49.93
N GLN E 244 7.94 9.34 -48.62
CA GLN E 244 7.83 8.05 -47.94
C GLN E 244 6.39 7.54 -47.95
N ARG E 245 5.41 8.45 -48.03
CA ARG E 245 4.02 8.02 -48.18
C ARG E 245 3.83 7.26 -49.49
N GLU E 246 4.33 7.83 -50.59
CA GLU E 246 4.24 7.14 -51.88
C GLU E 246 5.04 5.84 -51.86
N ALA E 247 6.20 5.84 -51.19
CA ALA E 247 7.01 4.63 -51.13
C ALA E 247 6.28 3.51 -50.39
N ILE E 248 5.69 3.82 -49.23
CA ILE E 248 4.99 2.78 -48.48
C ILE E 248 3.70 2.38 -49.18
N LEU E 249 3.09 3.30 -49.93
CA LEU E 249 1.91 2.94 -50.72
C LEU E 249 2.28 1.95 -51.83
N LYS E 250 3.40 2.19 -52.52
CA LYS E 250 3.86 1.24 -53.52
C LYS E 250 4.30 -0.07 -52.90
N LEU E 251 4.80 -0.03 -51.66
CA LEU E 251 5.23 -1.26 -51.00
C LEU E 251 4.03 -2.12 -50.61
N ILE E 252 3.03 -1.52 -49.97
CA ILE E 252 1.91 -2.31 -49.45
C ILE E 252 1.06 -2.88 -50.58
N LEU E 253 1.00 -2.20 -51.72
CA LEU E 253 0.22 -2.66 -52.86
C LEU E 253 0.96 -3.68 -53.72
N LYS E 254 2.10 -4.20 -53.26
CA LYS E 254 2.85 -5.18 -54.03
C LYS E 254 2.26 -6.58 -53.87
N ASN E 255 2.21 -7.07 -52.64
CA ASN E 255 1.65 -8.40 -52.35
C ASN E 255 0.19 -8.21 -51.97
N GLU E 256 -0.68 -8.17 -52.97
CA GLU E 256 -2.10 -7.94 -52.78
C GLU E 256 -2.85 -8.49 -54.00
N ASN E 257 -4.09 -8.06 -54.17
CA ASN E 257 -4.94 -8.56 -55.25
C ASN E 257 -4.52 -7.93 -56.57
N VAL E 258 -5.38 -8.05 -57.59
CA VAL E 258 -5.05 -7.66 -58.96
C VAL E 258 -4.40 -6.27 -58.99
N ASP E 259 -5.07 -5.29 -58.38
CA ASP E 259 -4.52 -3.93 -58.23
C ASP E 259 -4.18 -3.33 -59.59
N ARG E 260 -5.22 -3.07 -60.36
CA ARG E 260 -5.09 -2.46 -61.69
C ARG E 260 -4.26 -1.19 -61.64
N HIS E 261 -3.69 -0.80 -62.78
CA HIS E 261 -2.68 0.25 -62.83
C HIS E 261 -3.24 1.57 -62.30
N VAL E 262 -2.73 2.00 -61.16
CA VAL E 262 -3.04 3.30 -60.59
C VAL E 262 -1.73 3.83 -59.97
N ASP E 263 -1.21 4.92 -60.53
CA ASP E 263 0.07 5.45 -60.09
C ASP E 263 -0.04 6.03 -58.69
N LEU E 264 0.85 5.59 -57.80
CA LEU E 264 0.88 6.12 -56.44
C LEU E 264 1.34 7.57 -56.41
N LEU E 265 2.02 8.04 -57.46
CA LEU E 265 2.41 9.45 -57.54
C LEU E 265 1.18 10.35 -57.63
N GLU E 266 0.10 9.85 -58.23
CA GLU E 266 -1.14 10.62 -58.29
C GLU E 266 -1.66 10.93 -56.90
N VAL E 267 -1.97 9.89 -56.13
CA VAL E 267 -2.42 10.07 -54.75
C VAL E 267 -1.15 10.05 -53.89
N ALA E 268 -0.50 11.21 -53.85
CA ALA E 268 0.68 11.44 -53.02
C ALA E 268 0.59 12.73 -52.23
N GLN E 269 0.00 13.77 -52.81
CA GLN E 269 -0.18 15.05 -52.12
C GLN E 269 -1.61 15.28 -51.66
N GLU E 270 -2.58 14.57 -52.24
CA GLU E 270 -3.98 14.67 -51.84
C GLU E 270 -4.38 13.49 -50.95
N THR E 271 -3.40 12.78 -50.40
CA THR E 271 -3.64 11.66 -49.52
C THR E 271 -3.68 12.14 -48.06
N ASP E 272 -3.62 11.20 -47.13
CA ASP E 272 -3.55 11.55 -45.71
C ASP E 272 -2.36 12.47 -45.45
N GLY E 273 -2.60 13.52 -44.68
CA GLY E 273 -1.56 14.51 -44.44
C GLY E 273 -0.37 13.96 -43.64
N PHE E 274 -0.59 12.92 -42.85
CA PHE E 274 0.44 12.37 -41.99
C PHE E 274 0.02 10.97 -41.58
N SER E 275 0.75 10.39 -40.62
CA SER E 275 0.38 9.13 -39.97
C SER E 275 0.30 7.99 -40.99
N GLY E 276 1.47 7.62 -41.51
CA GLY E 276 1.60 6.50 -42.43
C GLY E 276 0.95 5.23 -41.94
N SER E 277 0.80 5.08 -40.62
CA SER E 277 0.05 3.95 -40.07
C SER E 277 -1.40 3.98 -40.53
N ASP E 278 -1.95 5.17 -40.77
CA ASP E 278 -3.29 5.27 -41.34
C ASP E 278 -3.29 5.00 -42.83
N LEU E 279 -2.17 5.26 -43.51
CA LEU E 279 -2.04 4.81 -44.90
C LEU E 279 -2.05 3.29 -44.97
N LYS E 280 -1.44 2.63 -43.97
CA LYS E 280 -1.60 1.19 -43.85
C LYS E 280 -3.07 0.83 -43.61
N GLU E 281 -3.79 1.68 -42.89
CA GLU E 281 -5.22 1.50 -42.66
C GLU E 281 -6.06 2.02 -43.82
N MET E 282 -5.49 2.83 -44.71
CA MET E 282 -6.24 3.37 -45.84
C MET E 282 -6.46 2.30 -46.90
N CYS E 283 -5.43 1.52 -47.21
CA CYS E 283 -5.59 0.42 -48.17
C CYS E 283 -6.53 -0.64 -47.63
N ARG E 284 -6.61 -0.78 -46.30
CA ARG E 284 -7.60 -1.68 -45.72
C ARG E 284 -9.02 -1.25 -46.07
N ASP E 285 -9.27 0.06 -46.12
CA ASP E 285 -10.59 0.54 -46.51
C ASP E 285 -10.88 0.22 -47.97
N ALA E 286 -9.88 0.34 -48.85
CA ALA E 286 -10.07 -0.04 -50.24
C ALA E 286 -10.34 -1.54 -50.37
N ALA E 287 -9.64 -2.35 -49.58
CA ALA E 287 -9.86 -3.79 -49.62
C ALA E 287 -11.27 -4.14 -49.15
N LEU E 288 -11.72 -3.54 -48.05
CA LEU E 288 -13.06 -3.82 -47.56
C LEU E 288 -14.12 -3.30 -48.50
N LEU E 289 -13.86 -2.19 -49.20
CA LEU E 289 -14.81 -1.70 -50.19
C LEU E 289 -14.87 -2.62 -51.41
N CYS E 290 -13.74 -3.21 -51.79
CA CYS E 290 -13.71 -4.12 -52.92
C CYS E 290 -14.30 -5.49 -52.60
N VAL E 291 -14.23 -5.92 -51.34
CA VAL E 291 -14.80 -7.21 -50.96
C VAL E 291 -16.25 -7.08 -50.49
N ARG E 292 -16.70 -5.87 -50.14
CA ARG E 292 -18.06 -5.65 -49.68
C ARG E 292 -19.01 -5.23 -50.80
N GLU E 293 -18.50 -4.92 -51.99
CA GLU E 293 -19.35 -4.50 -53.08
C GLU E 293 -19.86 -5.68 -53.91
N TYR E 294 -19.10 -6.78 -53.96
CA TYR E 294 -19.48 -7.91 -54.80
C TYR E 294 -20.59 -8.75 -54.19
N VAL E 295 -20.86 -8.61 -52.89
CA VAL E 295 -21.93 -9.38 -52.26
C VAL E 295 -23.30 -8.94 -52.74
N ASN E 296 -23.42 -7.70 -53.22
CA ASN E 296 -24.71 -7.22 -53.73
C ASN E 296 -25.09 -7.90 -55.04
N SER E 297 -24.10 -8.32 -55.83
CA SER E 297 -24.36 -8.99 -57.09
C SER E 297 -24.41 -10.50 -56.91
N ILE E 308 -12.56 -9.28 -55.05
CA ILE E 308 -12.52 -9.77 -56.42
C ILE E 308 -12.49 -8.60 -57.40
N ARG E 309 -13.30 -7.58 -57.12
CA ARG E 309 -13.34 -6.40 -57.97
C ARG E 309 -12.01 -5.66 -57.90
N PRO E 310 -11.40 -5.30 -59.03
CA PRO E 310 -10.13 -4.59 -58.99
C PRO E 310 -10.27 -3.19 -58.41
N VAL E 311 -9.17 -2.69 -57.84
CA VAL E 311 -9.17 -1.35 -57.26
C VAL E 311 -8.97 -0.31 -58.36
N GLN E 312 -9.24 0.94 -58.02
CA GLN E 312 -9.07 2.05 -58.94
C GLN E 312 -8.85 3.33 -58.12
N GLN E 313 -8.94 4.48 -58.79
CA GLN E 313 -8.77 5.74 -58.10
C GLN E 313 -9.98 6.09 -57.24
N GLN E 314 -11.15 5.54 -57.58
CA GLN E 314 -12.37 5.91 -56.87
C GLN E 314 -12.33 5.43 -55.42
N ASP E 315 -12.00 4.16 -55.20
CA ASP E 315 -11.98 3.62 -53.84
C ASP E 315 -10.88 4.27 -53.01
N LEU E 316 -9.71 4.50 -53.61
CA LEU E 316 -8.63 5.17 -52.88
C LEU E 316 -9.02 6.58 -52.49
N HIS E 317 -9.64 7.32 -53.42
CA HIS E 317 -10.08 8.68 -53.11
C HIS E 317 -11.15 8.68 -52.01
N ARG E 318 -12.07 7.71 -52.06
CA ARG E 318 -13.10 7.64 -51.04
C ARG E 318 -12.50 7.30 -49.69
N ALA E 319 -11.49 6.42 -49.66
CA ALA E 319 -10.79 6.13 -48.41
C ALA E 319 -10.09 7.37 -47.88
N ILE E 320 -9.50 8.17 -48.77
CA ILE E 320 -8.85 9.40 -48.34
C ILE E 320 -9.86 10.37 -47.74
N GLU E 321 -11.01 10.52 -48.40
CA GLU E 321 -12.04 11.42 -47.86
C GLU E 321 -12.59 10.91 -46.53
N LYS E 322 -12.70 9.58 -46.38
CA LYS E 322 -13.17 9.03 -45.11
C LYS E 322 -12.16 9.29 -43.99
N MET E 323 -10.87 9.09 -44.28
CA MET E 323 -9.85 9.35 -43.28
C MET E 323 -9.78 10.83 -42.93
N LYS E 324 -10.04 11.71 -43.90
CA LYS E 324 -10.07 13.14 -43.61
C LYS E 324 -11.28 13.52 -42.78
N LYS E 325 -12.43 12.91 -43.04
CA LYS E 325 -13.61 13.16 -42.23
C LYS E 325 -13.47 12.61 -40.82
N SER E 326 -12.67 11.54 -40.66
CA SER E 326 -12.43 11.00 -39.33
C SER E 326 -11.68 11.98 -38.45
N LYS E 327 -10.87 12.85 -39.06
CA LYS E 327 -10.11 13.86 -38.32
C LYS E 327 -10.99 15.05 -37.99
N MET F 66 -23.31 -24.46 -30.97
CA MET F 66 -23.96 -23.16 -30.81
C MET F 66 -25.27 -23.09 -31.59
N HIS F 67 -26.38 -22.95 -30.86
CA HIS F 67 -27.70 -22.87 -31.46
C HIS F 67 -28.17 -21.43 -31.68
N VAL F 68 -27.27 -20.46 -31.53
CA VAL F 68 -27.64 -19.07 -31.72
C VAL F 68 -27.79 -18.76 -33.21
N THR F 69 -28.58 -17.74 -33.50
CA THR F 69 -28.84 -17.31 -34.88
C THR F 69 -28.53 -15.83 -35.01
N TRP F 70 -27.95 -15.46 -36.16
CA TRP F 70 -27.61 -14.05 -36.39
C TRP F 70 -28.85 -13.19 -36.55
N SER F 71 -29.88 -13.72 -37.23
CA SER F 71 -31.11 -12.97 -37.43
C SER F 71 -31.91 -12.82 -36.14
N ASP F 72 -31.75 -13.74 -35.19
CA ASP F 72 -32.49 -13.65 -33.94
C ASP F 72 -31.98 -12.50 -33.08
N ILE F 73 -30.67 -12.30 -33.04
CA ILE F 73 -30.07 -11.23 -32.25
C ILE F 73 -30.15 -9.94 -33.05
N ALA F 74 -31.08 -9.06 -32.68
CA ALA F 74 -31.25 -7.79 -33.35
C ALA F 74 -30.40 -6.72 -32.66
N GLY F 75 -30.61 -5.46 -33.02
CA GLY F 75 -29.87 -4.37 -32.43
C GLY F 75 -29.09 -3.54 -33.43
N LEU F 76 -27.76 -3.55 -33.32
CA LEU F 76 -26.90 -2.77 -34.21
C LEU F 76 -26.77 -3.52 -35.53
N ASP F 77 -27.54 -3.10 -36.52
CA ASP F 77 -27.47 -3.75 -37.84
C ASP F 77 -26.18 -3.41 -38.56
N ASP F 78 -25.64 -2.21 -38.35
CA ASP F 78 -24.38 -1.84 -38.98
C ASP F 78 -23.22 -2.67 -38.43
N VAL F 79 -23.18 -2.85 -37.10
CA VAL F 79 -22.16 -3.69 -36.50
C VAL F 79 -22.31 -5.14 -36.94
N ILE F 80 -23.55 -5.59 -37.16
CA ILE F 80 -23.77 -6.95 -37.64
C ILE F 80 -23.18 -7.13 -39.03
N THR F 81 -23.37 -6.14 -39.91
CA THR F 81 -22.81 -6.22 -41.25
C THR F 81 -21.29 -6.13 -41.20
N ASP F 82 -20.75 -5.24 -40.37
CA ASP F 82 -19.30 -5.15 -40.22
C ASP F 82 -18.70 -6.48 -39.77
N LEU F 83 -19.38 -7.16 -38.83
CA LEU F 83 -18.92 -8.47 -38.39
C LEU F 83 -19.01 -9.48 -39.52
N LYS F 84 -20.20 -9.64 -40.11
CA LYS F 84 -20.41 -10.59 -41.19
C LYS F 84 -19.54 -10.32 -42.40
N ASP F 85 -18.89 -9.15 -42.48
CA ASP F 85 -17.88 -8.93 -43.50
C ASP F 85 -16.49 -9.29 -42.99
N THR F 86 -16.02 -8.61 -41.95
CA THR F 86 -14.64 -8.77 -41.48
C THR F 86 -14.40 -10.17 -40.96
N VAL F 87 -15.15 -10.60 -39.93
CA VAL F 87 -14.89 -11.89 -39.32
C VAL F 87 -15.31 -13.05 -40.21
N ILE F 88 -16.27 -12.83 -41.13
CA ILE F 88 -16.72 -13.90 -42.01
C ILE F 88 -15.99 -13.91 -43.34
N LEU F 89 -15.01 -13.02 -43.54
CA LEU F 89 -14.11 -13.14 -44.68
C LEU F 89 -13.45 -14.51 -44.66
N PRO F 90 -13.24 -15.11 -43.49
CA PRO F 90 -12.76 -16.49 -43.45
C PRO F 90 -13.77 -17.48 -44.01
N ILE F 91 -15.07 -17.21 -43.84
CA ILE F 91 -16.09 -18.06 -44.44
C ILE F 91 -16.16 -17.88 -45.95
N LYS F 92 -15.64 -16.77 -46.47
CA LYS F 92 -15.60 -16.52 -47.91
C LYS F 92 -14.56 -17.43 -48.53
N LYS F 93 -14.83 -17.94 -49.73
CA LYS F 93 -13.94 -18.87 -50.40
C LYS F 93 -12.67 -18.15 -50.85
N LYS F 94 -11.80 -18.91 -51.50
CA LYS F 94 -10.53 -18.38 -52.00
C LYS F 94 -10.77 -17.32 -53.07
N HIS F 95 -9.69 -16.67 -53.48
CA HIS F 95 -9.64 -15.58 -54.46
C HIS F 95 -10.33 -14.31 -53.97
N LEU F 96 -10.85 -14.30 -52.75
CA LEU F 96 -11.47 -13.11 -52.16
C LEU F 96 -10.69 -12.60 -50.95
N PHE F 97 -10.36 -13.48 -50.00
CA PHE F 97 -9.56 -13.11 -48.85
C PHE F 97 -8.19 -13.76 -48.81
N GLU F 98 -7.98 -14.85 -49.56
CA GLU F 98 -6.69 -15.52 -49.59
C GLU F 98 -5.79 -15.01 -50.71
N ASN F 99 -6.34 -14.31 -51.69
CA ASN F 99 -5.52 -13.79 -52.79
C ASN F 99 -4.66 -12.62 -52.31
N SER F 100 -5.28 -11.60 -51.74
CA SER F 100 -4.56 -10.44 -51.24
C SER F 100 -4.06 -10.70 -49.82
N ARG F 101 -2.86 -10.20 -49.54
CA ARG F 101 -2.27 -10.39 -48.21
C ARG F 101 -2.93 -9.52 -47.15
N LEU F 102 -3.41 -8.34 -47.53
CA LEU F 102 -4.05 -7.42 -46.59
C LEU F 102 -5.54 -7.66 -46.45
N LEU F 103 -6.15 -8.44 -47.35
CA LEU F 103 -7.58 -8.71 -47.29
C LEU F 103 -7.94 -9.82 -46.30
N GLN F 104 -6.95 -10.45 -45.68
CA GLN F 104 -7.24 -11.51 -44.73
C GLN F 104 -7.89 -10.91 -43.47
N PRO F 105 -8.75 -11.66 -42.79
CA PRO F 105 -9.40 -11.14 -41.59
C PRO F 105 -8.42 -11.03 -40.44
N PRO F 106 -8.73 -10.23 -39.42
CA PRO F 106 -7.81 -10.09 -38.29
C PRO F 106 -7.74 -11.36 -37.46
N LYS F 107 -6.54 -11.64 -36.96
CA LYS F 107 -6.29 -12.82 -36.13
C LYS F 107 -6.47 -12.46 -34.66
N GLY F 108 -7.28 -13.25 -33.96
CA GLY F 108 -7.53 -13.02 -32.55
C GLY F 108 -8.44 -11.83 -32.29
N VAL F 109 -9.66 -11.90 -32.80
CA VAL F 109 -10.62 -10.81 -32.60
C VAL F 109 -11.05 -10.76 -31.15
N LEU F 110 -11.18 -9.55 -30.62
CA LEU F 110 -11.57 -9.33 -29.23
C LEU F 110 -12.95 -8.68 -29.17
N LEU F 111 -13.58 -8.82 -28.01
CA LEU F 111 -14.90 -8.25 -27.76
C LEU F 111 -14.90 -7.62 -26.37
N TYR F 112 -15.31 -6.35 -26.30
CA TYR F 112 -15.34 -5.63 -25.04
C TYR F 112 -16.46 -4.60 -25.09
N GLY F 113 -16.88 -4.17 -23.91
CA GLY F 113 -17.93 -3.18 -23.79
C GLY F 113 -18.59 -3.21 -22.43
N PRO F 114 -19.91 -3.08 -22.40
CA PRO F 114 -20.63 -3.10 -21.13
C PRO F 114 -20.80 -4.52 -20.62
N PRO F 115 -21.14 -4.69 -19.34
CA PRO F 115 -21.32 -6.05 -18.82
C PRO F 115 -22.55 -6.71 -19.40
N GLY F 116 -22.41 -7.96 -19.80
CA GLY F 116 -23.52 -8.68 -20.40
C GLY F 116 -23.85 -8.11 -21.77
N CYS F 117 -25.13 -7.80 -21.99
CA CYS F 117 -25.61 -7.23 -23.26
C CYS F 117 -25.24 -8.13 -24.44
N GLY F 118 -25.32 -9.44 -24.23
CA GLY F 118 -24.99 -10.38 -25.28
C GLY F 118 -23.51 -10.49 -25.54
N LYS F 119 -22.73 -10.67 -24.47
CA LYS F 119 -21.27 -10.81 -24.63
C LYS F 119 -20.93 -12.09 -25.38
N THR F 120 -21.32 -13.23 -24.83
CA THR F 120 -21.08 -14.51 -25.51
C THR F 120 -22.05 -14.71 -26.67
N LEU F 121 -23.21 -14.05 -26.64
CA LEU F 121 -24.17 -14.20 -27.73
C LEU F 121 -23.62 -13.64 -29.03
N ILE F 122 -22.84 -12.56 -28.95
CA ILE F 122 -22.24 -11.99 -30.17
C ILE F 122 -21.26 -12.97 -30.79
N ALA F 123 -20.42 -13.59 -29.96
CA ALA F 123 -19.47 -14.58 -30.47
C ALA F 123 -20.20 -15.80 -31.03
N LYS F 124 -21.27 -16.24 -30.35
CA LYS F 124 -22.03 -17.37 -30.85
C LYS F 124 -22.67 -17.07 -32.20
N ALA F 125 -23.21 -15.85 -32.37
CA ALA F 125 -23.80 -15.48 -33.64
C ALA F 125 -22.75 -15.34 -34.73
N THR F 126 -21.57 -14.82 -34.39
CA THR F 126 -20.49 -14.71 -35.37
C THR F 126 -19.98 -16.09 -35.79
N ALA F 127 -19.99 -17.05 -34.87
CA ALA F 127 -19.56 -18.41 -35.21
C ALA F 127 -20.62 -19.17 -36.00
N LYS F 128 -21.90 -18.91 -35.72
CA LYS F 128 -22.97 -19.63 -36.40
C LYS F 128 -23.22 -19.08 -37.80
N GLU F 129 -23.23 -17.74 -37.95
CA GLU F 129 -23.48 -17.14 -39.25
C GLU F 129 -22.36 -17.45 -40.24
N ALA F 130 -21.11 -17.48 -39.76
CA ALA F 130 -19.98 -17.79 -40.62
C ALA F 130 -19.73 -19.28 -40.76
N GLY F 131 -20.42 -20.12 -39.98
CA GLY F 131 -20.22 -21.55 -40.06
C GLY F 131 -18.86 -22.04 -39.63
N CYS F 132 -18.14 -21.23 -38.84
CA CYS F 132 -16.82 -21.63 -38.38
C CYS F 132 -16.92 -22.53 -37.15
N ARG F 133 -15.98 -23.47 -37.05
CA ARG F 133 -15.96 -24.37 -35.91
C ARG F 133 -15.60 -23.62 -34.64
N PHE F 134 -16.22 -24.01 -33.54
CA PHE F 134 -16.01 -23.39 -32.24
C PHE F 134 -15.64 -24.44 -31.22
N ILE F 135 -14.96 -24.00 -30.16
CA ILE F 135 -14.53 -24.88 -29.08
C ILE F 135 -14.37 -24.05 -27.81
N ASN F 136 -14.88 -24.57 -26.70
CA ASN F 136 -14.79 -23.86 -25.43
C ASN F 136 -13.40 -24.04 -24.83
N LEU F 137 -12.81 -22.93 -24.37
CA LEU F 137 -11.47 -22.98 -23.79
C LEU F 137 -11.52 -23.42 -22.33
N GLN F 138 -12.52 -22.97 -21.58
CA GLN F 138 -12.70 -23.27 -20.17
C GLN F 138 -11.43 -22.94 -19.39
N PRO F 139 -11.12 -21.65 -19.21
CA PRO F 139 -9.90 -21.29 -18.46
C PRO F 139 -9.95 -21.67 -16.99
N SER F 140 -11.15 -21.92 -16.43
CA SER F 140 -11.23 -22.32 -15.03
C SER F 140 -10.70 -23.73 -14.82
N THR F 141 -10.81 -24.59 -15.82
CA THR F 141 -10.32 -25.96 -15.71
C THR F 141 -8.82 -26.02 -15.97
N GLU F 149 1.57 -28.63 -16.14
CA GLU F 149 0.26 -29.19 -16.43
C GLU F 149 -0.62 -28.19 -17.17
N SER F 150 -0.59 -26.93 -16.71
CA SER F 150 -1.39 -25.88 -17.34
C SER F 150 -0.86 -25.55 -18.73
N GLN F 151 0.47 -25.37 -18.84
CA GLN F 151 1.06 -25.04 -20.13
C GLN F 151 0.89 -26.19 -21.13
N LYS F 152 1.04 -27.43 -20.67
CA LYS F 152 0.88 -28.57 -21.55
C LYS F 152 -0.56 -28.68 -22.04
N LEU F 153 -1.53 -28.48 -21.14
CA LEU F 153 -2.93 -28.52 -21.54
C LEU F 153 -3.27 -27.40 -22.51
N ALA F 154 -2.72 -26.20 -22.27
CA ALA F 154 -2.97 -25.09 -23.19
C ALA F 154 -2.37 -25.37 -24.56
N ALA F 155 -1.15 -25.93 -24.61
CA ALA F 155 -0.54 -26.27 -25.88
C ALA F 155 -1.33 -27.35 -26.61
N ALA F 156 -1.84 -28.34 -25.87
CA ALA F 156 -2.65 -29.37 -26.49
C ALA F 156 -3.95 -28.81 -27.05
N VAL F 157 -4.58 -27.90 -26.30
CA VAL F 157 -5.82 -27.28 -26.79
C VAL F 157 -5.55 -26.43 -28.02
N PHE F 158 -4.43 -25.71 -28.03
CA PHE F 158 -4.08 -24.91 -29.20
C PHE F 158 -3.81 -25.78 -30.41
N SER F 159 -3.11 -26.90 -30.21
CA SER F 159 -2.85 -27.82 -31.32
C SER F 159 -4.14 -28.45 -31.84
N LEU F 160 -5.05 -28.79 -30.94
CA LEU F 160 -6.33 -29.36 -31.37
C LEU F 160 -7.17 -28.34 -32.12
N ALA F 161 -7.11 -27.07 -31.70
CA ALA F 161 -7.87 -26.04 -32.40
C ALA F 161 -7.24 -25.70 -33.75
N ILE F 162 -5.92 -25.79 -33.87
CA ILE F 162 -5.26 -25.48 -35.12
C ILE F 162 -5.26 -26.65 -36.09
N LYS F 163 -5.47 -27.87 -35.60
CA LYS F 163 -5.48 -29.04 -36.49
C LYS F 163 -6.70 -29.02 -37.41
N LEU F 164 -7.89 -29.02 -36.82
CA LEU F 164 -9.13 -28.99 -37.59
C LEU F 164 -9.37 -27.57 -38.08
N GLN F 165 -8.81 -27.27 -39.26
CA GLN F 165 -8.97 -25.94 -39.81
C GLN F 165 -10.18 -25.87 -40.75
N PRO F 166 -11.00 -24.82 -40.65
CA PRO F 166 -10.83 -23.71 -39.71
C PRO F 166 -11.54 -23.95 -38.38
N SER F 167 -11.12 -23.24 -37.34
CA SER F 167 -11.71 -23.40 -36.02
C SER F 167 -11.47 -22.14 -35.21
N ILE F 168 -12.40 -21.85 -34.31
CA ILE F 168 -12.33 -20.70 -33.42
C ILE F 168 -12.27 -21.20 -31.98
N ILE F 169 -11.39 -20.60 -31.20
CA ILE F 169 -11.20 -20.95 -29.79
C ILE F 169 -11.82 -19.84 -28.96
N PHE F 170 -12.97 -20.12 -28.35
CA PHE F 170 -13.69 -19.16 -27.52
C PHE F 170 -13.36 -19.41 -26.05
N ILE F 171 -13.06 -18.34 -25.33
CA ILE F 171 -12.71 -18.42 -23.91
C ILE F 171 -13.74 -17.63 -23.11
N ASP F 172 -13.94 -18.05 -21.87
CA ASP F 172 -14.89 -17.40 -20.97
C ASP F 172 -14.14 -16.58 -19.93
N GLN F 173 -14.48 -15.29 -19.85
CA GLN F 173 -13.86 -14.36 -18.89
C GLN F 173 -12.35 -14.30 -19.07
N ILE F 174 -11.93 -13.88 -20.27
CA ILE F 174 -10.51 -13.76 -20.57
C ILE F 174 -9.89 -12.53 -19.91
N ASP F 175 -10.71 -11.57 -19.46
CA ASP F 175 -10.17 -10.38 -18.81
C ASP F 175 -9.52 -10.71 -17.48
N SER F 176 -10.05 -11.71 -16.76
CA SER F 176 -9.51 -12.11 -15.47
C SER F 176 -8.82 -13.47 -15.52
N PHE F 177 -8.59 -14.01 -16.71
CA PHE F 177 -7.93 -15.30 -16.85
C PHE F 177 -6.42 -15.18 -16.67
N ALA F 188 2.53 -23.31 -15.96
CA ALA F 188 2.51 -21.88 -15.65
C ALA F 188 1.60 -21.14 -16.61
N THR F 189 0.89 -20.13 -16.07
CA THR F 189 -0.02 -19.34 -16.90
C THR F 189 0.74 -18.48 -17.89
N ALA F 190 1.87 -17.90 -17.46
CA ALA F 190 2.65 -17.05 -18.35
C ALA F 190 3.27 -17.87 -19.48
N MET F 191 3.82 -19.04 -19.17
CA MET F 191 4.37 -19.90 -20.21
C MET F 191 3.30 -20.38 -21.17
N MET F 192 2.11 -20.69 -20.65
CA MET F 192 1.01 -21.11 -21.50
C MET F 192 0.58 -19.98 -22.44
N LYS F 193 0.51 -18.75 -21.90
CA LYS F 193 0.14 -17.60 -22.74
C LYS F 193 1.20 -17.34 -23.81
N ALA F 194 2.48 -17.47 -23.44
CA ALA F 194 3.54 -17.27 -24.42
C ALA F 194 3.49 -18.32 -25.52
N GLN F 195 3.25 -19.59 -25.14
CA GLN F 195 3.14 -20.65 -26.13
C GLN F 195 1.94 -20.44 -27.04
N PHE F 196 0.81 -19.99 -26.48
CA PHE F 196 -0.37 -19.73 -27.30
C PHE F 196 -0.11 -18.58 -28.26
N MET F 197 0.58 -17.53 -27.80
CA MET F 197 0.89 -16.41 -28.67
C MET F 197 1.84 -16.84 -29.80
N SER F 198 2.85 -17.65 -29.47
CA SER F 198 3.76 -18.14 -30.50
C SER F 198 3.03 -19.01 -31.51
N LEU F 199 2.13 -19.87 -31.05
CA LEU F 199 1.37 -20.72 -31.96
C LEU F 199 0.46 -19.89 -32.85
N TRP F 200 -0.18 -18.87 -32.29
CA TRP F 200 -1.03 -18.00 -33.10
C TRP F 200 -0.22 -17.24 -34.14
N ASP F 201 0.96 -16.76 -33.75
CA ASP F 201 1.82 -16.05 -34.70
C ASP F 201 2.26 -16.98 -35.82
N GLY F 202 2.65 -18.22 -35.48
CA GLY F 202 3.04 -19.17 -36.50
C GLY F 202 1.90 -19.53 -37.44
N LEU F 203 0.69 -19.69 -36.88
CA LEU F 203 -0.47 -19.99 -37.71
C LEU F 203 -0.80 -18.83 -38.65
N ASP F 204 -0.73 -17.59 -38.14
CA ASP F 204 -0.99 -16.43 -38.99
C ASP F 204 0.08 -16.28 -40.06
N THR F 205 1.32 -16.65 -39.76
CA THR F 205 2.38 -16.60 -40.77
C THR F 205 2.23 -17.72 -41.79
N ASP F 206 1.60 -18.84 -41.39
CA ASP F 206 1.40 -19.96 -42.30
C ASP F 206 0.08 -19.84 -43.06
N HIS F 207 -1.03 -19.74 -42.34
CA HIS F 207 -2.36 -19.64 -42.94
C HIS F 207 -2.99 -18.29 -42.63
N SER F 208 -3.90 -17.88 -43.50
CA SER F 208 -4.57 -16.58 -43.35
C SER F 208 -5.42 -16.53 -42.09
N CYS F 209 -6.46 -17.36 -42.01
CA CYS F 209 -7.41 -17.34 -40.90
C CYS F 209 -7.78 -18.75 -40.47
N GLN F 210 -6.77 -19.62 -40.34
CA GLN F 210 -7.05 -21.01 -39.96
C GLN F 210 -7.60 -21.10 -38.54
N VAL F 211 -6.82 -20.64 -37.56
CA VAL F 211 -7.21 -20.71 -36.16
C VAL F 211 -7.53 -19.29 -35.70
N ILE F 212 -8.80 -19.06 -35.36
CA ILE F 212 -9.25 -17.78 -34.86
C ILE F 212 -9.44 -17.86 -33.35
N VAL F 213 -9.40 -16.71 -32.69
CA VAL F 213 -9.54 -16.63 -31.24
C VAL F 213 -10.47 -15.47 -30.92
N MET F 214 -11.65 -15.79 -30.36
CA MET F 214 -12.63 -14.78 -29.95
C MET F 214 -13.18 -15.20 -28.59
N GLY F 215 -12.54 -14.75 -27.52
CA GLY F 215 -12.96 -15.09 -26.18
C GLY F 215 -12.80 -13.96 -25.19
N ALA F 216 -12.51 -12.75 -25.69
CA ALA F 216 -12.29 -11.62 -24.82
C ALA F 216 -13.59 -11.18 -24.15
N THR F 217 -13.52 -10.92 -22.85
CA THR F 217 -14.67 -10.47 -22.07
C THR F 217 -14.66 -8.95 -21.97
N ASN F 218 -15.56 -8.42 -21.14
CA ASN F 218 -15.66 -6.97 -20.97
C ASN F 218 -14.48 -6.46 -20.15
N ARG F 219 -14.42 -5.13 -20.00
CA ARG F 219 -13.37 -4.43 -19.26
C ARG F 219 -11.99 -4.78 -19.80
N PRO F 220 -11.69 -4.42 -21.04
CA PRO F 220 -10.37 -4.74 -21.62
C PRO F 220 -9.32 -3.64 -21.46
N GLN F 221 -9.59 -2.61 -20.65
CA GLN F 221 -8.61 -1.54 -20.47
C GLN F 221 -7.39 -2.03 -19.71
N ASP F 222 -7.61 -2.85 -18.68
CA ASP F 222 -6.53 -3.40 -17.87
C ASP F 222 -6.76 -4.90 -17.64
N LEU F 223 -7.20 -5.60 -18.68
CA LEU F 223 -7.47 -7.03 -18.56
C LEU F 223 -6.19 -7.80 -18.24
N ASP F 224 -5.22 -7.76 -19.15
CA ASP F 224 -3.96 -8.48 -18.97
C ASP F 224 -2.95 -7.92 -19.97
N SER F 225 -1.68 -8.26 -19.76
CA SER F 225 -0.60 -7.82 -20.62
C SER F 225 0.27 -9.00 -21.05
N ALA F 226 -0.35 -10.15 -21.33
CA ALA F 226 0.41 -11.32 -21.75
C ALA F 226 0.79 -11.21 -23.22
N ILE F 227 -0.20 -11.13 -24.10
CA ILE F 227 0.01 -11.03 -25.54
C ILE F 227 -0.88 -9.90 -26.04
N MET F 228 -0.31 -8.70 -26.19
CA MET F 228 -1.09 -7.56 -26.65
C MET F 228 -1.28 -7.59 -28.17
N ARG F 229 -0.28 -8.05 -28.91
CA ARG F 229 -0.38 -8.11 -30.36
C ARG F 229 -1.32 -9.21 -30.83
N ARG F 230 -1.67 -10.16 -29.96
CA ARG F 230 -2.56 -11.23 -30.36
C ARG F 230 -3.98 -10.72 -30.59
N MET F 231 -4.44 -9.78 -29.77
CA MET F 231 -5.78 -9.23 -29.90
C MET F 231 -5.69 -7.76 -30.32
N PRO F 232 -5.48 -7.47 -31.60
CA PRO F 232 -5.37 -6.08 -32.03
C PRO F 232 -6.69 -5.53 -32.56
N THR F 233 -7.68 -6.40 -32.72
CA THR F 233 -8.99 -6.02 -33.25
C THR F 233 -10.05 -6.20 -32.16
N ARG F 234 -10.89 -5.18 -32.00
CA ARG F 234 -11.95 -5.22 -31.00
C ARG F 234 -13.00 -4.18 -31.37
N PHE F 235 -14.20 -4.37 -30.80
CA PHE F 235 -15.32 -3.46 -31.02
C PHE F 235 -16.02 -3.20 -29.71
N HIS F 236 -16.30 -1.92 -29.44
CA HIS F 236 -16.97 -1.52 -28.20
C HIS F 236 -18.46 -1.77 -28.34
N ILE F 237 -18.91 -2.90 -27.82
CA ILE F 237 -20.32 -3.29 -27.88
C ILE F 237 -21.03 -2.64 -26.69
N ASN F 238 -21.75 -1.56 -26.96
CA ASN F 238 -22.50 -0.83 -25.95
C ASN F 238 -23.95 -0.66 -26.42
N GLN F 239 -24.70 0.15 -25.68
CA GLN F 239 -26.09 0.44 -26.05
C GLN F 239 -26.12 1.18 -27.38
N PRO F 240 -26.60 0.52 -28.45
CA PRO F 240 -26.58 1.17 -29.77
C PRO F 240 -27.42 2.44 -29.83
N ALA F 241 -28.72 2.32 -29.54
CA ALA F 241 -29.65 3.44 -29.60
C ALA F 241 -30.97 2.99 -29.00
N LEU F 242 -31.96 3.90 -29.01
CA LEU F 242 -33.29 3.56 -28.52
C LEU F 242 -34.06 2.72 -29.53
N LYS F 243 -33.84 2.95 -30.82
CA LYS F 243 -34.50 2.14 -31.85
C LYS F 243 -34.02 0.69 -31.81
N GLN F 244 -32.72 0.48 -31.59
CA GLN F 244 -32.23 -0.89 -31.42
C GLN F 244 -32.82 -1.56 -30.19
N ARG F 245 -32.98 -0.81 -29.10
CA ARG F 245 -33.61 -1.35 -27.90
C ARG F 245 -35.06 -1.72 -28.18
N GLU F 246 -35.78 -0.88 -28.92
CA GLU F 246 -37.16 -1.19 -29.27
C GLU F 246 -37.23 -2.43 -30.15
N ALA F 247 -36.31 -2.57 -31.11
CA ALA F 247 -36.30 -3.74 -31.96
C ALA F 247 -36.00 -5.00 -31.16
N ILE F 248 -35.06 -4.91 -30.20
CA ILE F 248 -34.74 -6.06 -29.37
C ILE F 248 -35.93 -6.43 -28.49
N LEU F 249 -36.64 -5.43 -27.96
CA LEU F 249 -37.83 -5.71 -27.15
C LEU F 249 -38.92 -6.36 -27.98
N LYS F 250 -39.10 -5.91 -29.22
CA LYS F 250 -40.10 -6.50 -30.09
C LYS F 250 -39.72 -7.93 -30.48
N LEU F 251 -38.43 -8.20 -30.66
CA LEU F 251 -38.00 -9.55 -31.02
C LEU F 251 -38.04 -10.50 -29.83
N ILE F 252 -37.87 -9.99 -28.61
CA ILE F 252 -37.87 -10.86 -27.44
C ILE F 252 -39.26 -11.05 -26.84
N LEU F 253 -40.14 -10.05 -26.96
CA LEU F 253 -41.46 -10.15 -26.37
C LEU F 253 -42.45 -10.90 -27.26
N LYS F 254 -42.15 -11.04 -28.55
CA LYS F 254 -43.06 -11.73 -29.46
C LYS F 254 -42.84 -13.24 -29.40
N ASN F 255 -42.87 -13.79 -28.19
CA ASN F 255 -42.74 -15.24 -27.99
C ASN F 255 -43.88 -15.81 -27.16
N GLU F 256 -44.33 -15.09 -26.14
CA GLU F 256 -45.43 -15.52 -25.28
C GLU F 256 -46.70 -14.76 -25.65
N ASN F 257 -47.75 -14.96 -24.86
CA ASN F 257 -49.03 -14.29 -25.09
C ASN F 257 -48.98 -12.88 -24.49
N VAL F 258 -49.31 -11.89 -25.31
CA VAL F 258 -49.32 -10.50 -24.89
C VAL F 258 -50.63 -9.85 -25.32
N ASP F 259 -50.97 -8.75 -24.66
CA ASP F 259 -52.20 -8.04 -24.98
C ASP F 259 -52.10 -7.36 -26.34
N ARG F 260 -53.27 -7.10 -26.93
CA ARG F 260 -53.29 -6.44 -28.23
C ARG F 260 -52.85 -4.98 -28.12
N HIS F 261 -53.37 -4.25 -27.14
CA HIS F 261 -52.98 -2.86 -26.97
C HIS F 261 -51.54 -2.73 -26.48
N VAL F 262 -51.05 -3.73 -25.75
CA VAL F 262 -49.68 -3.70 -25.26
C VAL F 262 -48.72 -3.94 -26.42
N ASP F 263 -47.81 -3.00 -26.64
CA ASP F 263 -46.83 -3.08 -27.71
C ASP F 263 -45.43 -2.87 -27.15
N LEU F 264 -44.46 -3.56 -27.73
CA LEU F 264 -43.08 -3.42 -27.27
C LEU F 264 -42.52 -2.03 -27.56
N LEU F 265 -42.98 -1.40 -28.64
CA LEU F 265 -42.52 -0.04 -28.96
C LEU F 265 -43.01 0.96 -27.91
N GLU F 266 -44.25 0.80 -27.45
CA GLU F 266 -44.78 1.70 -26.42
C GLU F 266 -44.03 1.52 -25.10
N VAL F 267 -43.54 0.32 -24.82
CA VAL F 267 -42.78 0.09 -23.60
C VAL F 267 -41.37 0.63 -23.75
N ALA F 268 -40.76 0.49 -24.93
CA ALA F 268 -39.43 1.02 -25.16
C ALA F 268 -39.41 2.54 -25.21
N GLN F 269 -40.53 3.16 -25.60
CA GLN F 269 -40.61 4.62 -25.58
C GLN F 269 -40.54 5.18 -24.17
N GLU F 270 -40.87 4.38 -23.15
CA GLU F 270 -40.79 4.80 -21.76
C GLU F 270 -39.69 4.11 -20.99
N THR F 271 -39.01 3.12 -21.58
CA THR F 271 -37.90 2.47 -20.89
C THR F 271 -36.76 3.44 -20.62
N ASP F 272 -36.62 4.47 -21.46
CA ASP F 272 -35.64 5.53 -21.26
C ASP F 272 -34.21 4.99 -21.26
N GLY F 273 -33.86 4.29 -22.33
CA GLY F 273 -32.49 3.84 -22.51
C GLY F 273 -32.07 2.66 -21.67
N PHE F 274 -32.91 1.64 -21.55
CA PHE F 274 -32.52 0.45 -20.82
C PHE F 274 -31.50 -0.36 -21.61
N SER F 275 -30.64 -1.07 -20.89
CA SER F 275 -29.57 -1.84 -21.51
C SER F 275 -30.15 -3.04 -22.26
N GLY F 276 -29.26 -3.78 -22.95
CA GLY F 276 -29.70 -4.93 -23.71
C GLY F 276 -30.30 -6.01 -22.83
N SER F 277 -29.57 -6.41 -21.78
CA SER F 277 -30.08 -7.40 -20.85
C SER F 277 -31.19 -6.84 -19.95
N ASP F 278 -31.41 -5.53 -19.98
CA ASP F 278 -32.45 -4.93 -19.14
C ASP F 278 -33.85 -5.20 -19.69
N LEU F 279 -34.00 -5.24 -21.02
CA LEU F 279 -35.32 -5.51 -21.59
C LEU F 279 -35.77 -6.94 -21.31
N LYS F 280 -34.85 -7.90 -21.38
CA LYS F 280 -35.20 -9.29 -21.09
C LYS F 280 -35.64 -9.44 -19.64
N GLU F 281 -34.91 -8.83 -18.72
CA GLU F 281 -35.28 -8.92 -17.30
C GLU F 281 -36.57 -8.16 -17.03
N MET F 282 -36.82 -7.06 -17.74
CA MET F 282 -38.09 -6.36 -17.57
C MET F 282 -39.26 -7.19 -18.06
N CYS F 283 -39.11 -7.87 -19.20
CA CYS F 283 -40.15 -8.75 -19.68
C CYS F 283 -40.36 -9.93 -18.72
N ARG F 284 -39.27 -10.45 -18.15
CA ARG F 284 -39.40 -11.53 -17.18
C ARG F 284 -40.14 -11.05 -15.93
N ASP F 285 -39.86 -9.84 -15.47
CA ASP F 285 -40.57 -9.30 -14.31
C ASP F 285 -42.04 -9.06 -14.63
N ALA F 286 -42.35 -8.60 -15.84
CA ALA F 286 -43.74 -8.43 -16.24
C ALA F 286 -44.47 -9.76 -16.27
N ALA F 287 -43.83 -10.80 -16.82
CA ALA F 287 -44.44 -12.12 -16.83
C ALA F 287 -44.63 -12.66 -15.41
N LEU F 288 -43.67 -12.40 -14.53
CA LEU F 288 -43.78 -12.86 -13.14
C LEU F 288 -44.93 -12.13 -12.43
N LEU F 289 -45.10 -10.84 -12.69
CA LEU F 289 -46.24 -10.12 -12.13
C LEU F 289 -47.56 -10.66 -12.67
N CYS F 290 -47.62 -10.93 -13.97
CA CYS F 290 -48.85 -11.49 -14.55
C CYS F 290 -49.15 -12.87 -13.98
N VAL F 291 -48.11 -13.65 -13.66
CA VAL F 291 -48.35 -14.96 -13.06
C VAL F 291 -48.80 -14.81 -11.61
N ARG F 292 -48.16 -13.93 -10.85
CA ARG F 292 -48.55 -13.70 -9.47
C ARG F 292 -49.97 -13.16 -9.36
N GLU F 293 -50.42 -12.44 -10.39
CA GLU F 293 -51.80 -11.95 -10.40
C GLU F 293 -52.80 -13.10 -10.33
N TYR F 294 -52.46 -14.26 -10.90
CA TYR F 294 -53.31 -15.43 -10.83
C TYR F 294 -53.00 -16.32 -9.64
N VAL F 295 -51.72 -16.40 -9.23
CA VAL F 295 -51.38 -17.20 -8.06
C VAL F 295 -52.00 -16.60 -6.79
N ASN F 296 -52.10 -15.27 -6.72
CA ASN F 296 -52.69 -14.65 -5.54
C ASN F 296 -54.18 -14.96 -5.43
N SER F 297 -54.87 -15.14 -6.56
CA SER F 297 -56.29 -15.45 -6.56
C SER F 297 -56.51 -16.91 -6.21
N ILE F 308 -51.58 -16.26 -15.33
CA ILE F 308 -52.32 -17.07 -16.29
C ILE F 308 -52.76 -16.22 -17.47
N ARG F 309 -53.20 -14.99 -17.17
CA ARG F 309 -53.64 -14.09 -18.22
C ARG F 309 -52.44 -13.55 -18.99
N PRO F 310 -52.68 -13.01 -20.20
CA PRO F 310 -51.56 -12.47 -20.97
C PRO F 310 -51.04 -11.17 -20.38
N VAL F 311 -49.78 -10.87 -20.69
CA VAL F 311 -49.16 -9.65 -20.19
C VAL F 311 -49.81 -8.44 -20.85
N GLN F 312 -49.96 -7.37 -20.07
CA GLN F 312 -50.58 -6.14 -20.55
C GLN F 312 -49.60 -4.98 -20.41
N GLN F 313 -50.03 -3.80 -20.86
CA GLN F 313 -49.17 -2.62 -20.79
C GLN F 313 -48.98 -2.16 -19.35
N GLN F 314 -49.98 -2.35 -18.49
CA GLN F 314 -49.85 -1.93 -17.11
C GLN F 314 -48.79 -2.74 -16.37
N ASP F 315 -48.77 -4.06 -16.58
CA ASP F 315 -47.76 -4.90 -15.94
C ASP F 315 -46.36 -4.55 -16.44
N LEU F 316 -46.24 -4.29 -17.75
CA LEU F 316 -44.94 -3.91 -18.30
C LEU F 316 -44.48 -2.57 -17.73
N HIS F 317 -45.40 -1.61 -17.60
CA HIS F 317 -45.04 -0.32 -17.01
C HIS F 317 -44.62 -0.47 -15.56
N ARG F 318 -45.33 -1.31 -14.80
CA ARG F 318 -44.97 -1.53 -13.40
C ARG F 318 -43.60 -2.20 -13.29
N ALA F 319 -43.33 -3.17 -14.17
CA ALA F 319 -42.01 -3.82 -14.15
C ALA F 319 -40.91 -2.84 -14.52
N ILE F 320 -41.16 -1.96 -15.50
CA ILE F 320 -40.16 -0.97 -15.87
C ILE F 320 -39.92 0.01 -14.73
N GLU F 321 -40.99 0.41 -14.03
CA GLU F 321 -40.83 1.30 -12.89
C GLU F 321 -40.05 0.64 -11.77
N LYS F 322 -40.31 -0.63 -11.51
CA LYS F 322 -39.56 -1.35 -10.48
C LYS F 322 -38.09 -1.50 -10.87
N MET F 323 -37.82 -1.77 -12.15
CA MET F 323 -36.43 -1.89 -12.60
C MET F 323 -35.70 -0.55 -12.51
N LYS F 324 -36.40 0.55 -12.82
CA LYS F 324 -35.79 1.86 -12.69
C LYS F 324 -35.56 2.23 -11.24
N LYS F 325 -36.46 1.83 -10.33
CA LYS F 325 -36.24 2.08 -8.91
C LYS F 325 -35.11 1.23 -8.38
N SER F 326 -34.90 0.04 -8.94
CA SER F 326 -33.81 -0.84 -8.56
C SER F 326 -32.53 -0.60 -9.35
N LYS F 327 -32.57 0.27 -10.35
CA LYS F 327 -31.40 0.56 -11.16
C LYS F 327 -30.39 1.41 -10.39
N UNK G 1 0.40 1.38 -2.52
CA UNK G 1 1.07 0.15 -2.11
C UNK G 1 0.58 -0.30 -0.73
N UNK G 2 0.69 -1.59 -0.45
CA UNK G 2 0.26 -2.13 0.83
C UNK G 2 1.01 -3.43 1.15
N UNK G 3 1.65 -3.48 2.31
CA UNK G 3 2.40 -4.66 2.73
C UNK G 3 1.44 -5.76 3.15
N UNK G 4 1.92 -7.01 3.07
CA UNK G 4 1.08 -8.16 3.42
C UNK G 4 1.65 -8.91 4.62
N UNK G 5 0.76 -9.54 5.39
CA UNK G 5 1.16 -10.31 6.56
C UNK G 5 0.64 -11.73 6.46
N UNK G 6 1.53 -12.71 6.55
CA UNK G 6 1.16 -14.11 6.44
C UNK G 6 0.67 -14.67 7.77
N UNK G 7 0.05 -15.86 7.70
CA UNK G 7 -0.45 -16.52 8.91
C UNK G 7 -0.13 -18.00 8.86
N UNK G 8 0.43 -18.51 9.96
CA UNK G 8 0.81 -19.92 10.04
C UNK G 8 -0.41 -20.81 10.15
N UNK G 9 -0.21 -22.11 9.98
CA UNK G 9 -1.29 -23.08 10.07
C UNK G 9 -0.86 -24.32 10.86
N UNK G 10 -1.53 -24.56 11.98
CA UNK G 10 -1.21 -25.70 12.83
C UNK G 10 -1.64 -27.00 12.18
PG ATP H . -5.91 9.57 24.02
O1G ATP H . -7.02 10.48 23.56
O2G ATP H . -4.66 9.65 23.18
O3G ATP H . -6.36 8.16 24.34
PB ATP H . -6.48 10.15 26.69
O1B ATP H . -7.64 11.06 26.37
O2B ATP H . -6.74 8.71 27.05
O3B ATP H . -5.47 10.18 25.43
PA ATP H . -5.85 10.34 29.38
O1A ATP H . -5.11 9.04 29.58
O2A ATP H . -7.34 10.41 29.66
O3A ATP H . -5.61 10.82 27.87
O5' ATP H . -5.13 11.45 30.29
C5' ATP H . -5.09 11.25 31.70
C4' ATP H . -4.41 12.41 32.42
O4' ATP H . -5.18 13.61 32.28
C3' ATP H . -4.31 12.10 33.90
O3' ATP H . -2.93 12.10 34.30
C2' ATP H . -5.06 13.21 34.60
O2' ATP H . -4.23 13.79 35.61
C1' ATP H . -5.39 14.24 33.54
N9 ATP H . -6.81 14.67 33.63
C8 ATP H . -7.61 14.90 32.56
N7 ATP H . -8.85 15.29 32.93
C5 ATP H . -8.87 15.32 34.28
C6 ATP H . -9.88 15.65 35.30
N6 ATP H . -11.13 16.03 34.96
N1 ATP H . -9.51 15.56 36.61
C2 ATP H . -8.26 15.19 36.96
N3 ATP H . -7.30 14.88 36.07
C4 ATP H . -7.53 14.92 34.73
MG MG I . -6.73 6.72 26.42
PG ATP J . -25.50 -4.19 9.46
O1G ATP J . -25.61 -3.14 8.37
O2G ATP J . -24.21 -4.16 10.24
O3G ATP J . -25.94 -5.56 9.03
PB ATP J . -28.17 -3.97 10.22
O1B ATP J . -28.53 -3.20 8.97
O2B ATP J . -28.45 -5.45 10.29
O3B ATP J . -26.61 -3.75 10.54
PA ATP J . -30.45 -3.55 11.79
O1A ATP J . -30.64 -5.03 12.00
O2A ATP J . -31.29 -2.84 10.76
O3A ATP J . -28.89 -3.28 11.48
O5' ATP J . -30.70 -2.84 13.22
C5' ATP J . -31.59 -3.47 14.14
C4' ATP J . -32.17 -2.44 15.10
O4' ATP J . -32.78 -1.39 14.37
C3' ATP J . -33.23 -3.09 15.98
O3' ATP J . -32.88 -2.99 17.36
C2' ATP J . -34.51 -2.32 15.71
O2' ATP J . -35.04 -1.82 16.94
C1' ATP J . -34.14 -1.17 14.80
N9 ATP J . -35.02 -1.17 13.60
C8 ATP J . -34.58 -1.24 12.32
N7 ATP J . -35.62 -1.22 11.46
C5 ATP J . -36.75 -1.13 12.17
C6 ATP J . -38.19 -1.06 11.87
N6 ATP J . -38.65 -1.08 10.60
N1 ATP J . -39.05 -0.97 12.92
C2 ATP J . -38.61 -0.95 14.19
N3 ATP J . -37.31 -1.01 14.53
C4 ATP J . -36.35 -1.10 13.59
MG MG K . -26.74 -6.52 10.75
PG ATP L . 24.23 9.40 -13.47
O1G ATP L . 24.66 10.78 -13.02
O2G ATP L . 22.93 9.37 -14.22
O3G ATP L . 24.38 8.33 -12.41
PB ATP L . 26.87 8.86 -14.20
O1B ATP L . 27.40 10.23 -13.88
O2B ATP L . 27.02 7.75 -13.18
O3B ATP L . 25.33 9.00 -14.59
PA ATP L . 28.74 7.28 -15.51
O1A ATP L . 28.12 5.90 -15.40
O2A ATP L . 29.74 7.73 -14.48
O3A ATP L . 27.55 8.35 -15.57
O5' ATP L . 29.45 7.37 -16.95
C5' ATP L . 30.52 6.47 -17.23
C4' ATP L . 31.08 6.67 -18.63
O4' ATP L . 31.73 7.94 -18.74
C3' ATP L . 32.12 5.60 -18.93
O3' ATP L . 31.72 4.83 -20.07
C2' ATP L . 33.40 6.33 -19.23
O2' ATP L . 33.93 5.91 -20.49
C1' ATP L . 33.04 7.82 -19.30
N9 ATP L . 33.98 8.63 -18.49
C8 ATP L . 33.61 9.68 -17.73
N7 ATP L . 34.66 10.25 -17.12
C5 ATP L . 35.76 9.57 -17.48
C6 ATP L . 37.21 9.66 -17.19
N6 ATP L . 37.70 10.61 -16.36
N1 ATP L . 38.03 8.74 -17.77
C2 ATP L . 37.55 7.79 -18.60
N3 ATP L . 36.25 7.67 -18.90
C4 ATP L . 35.31 8.51 -18.39
MG MG M . 25.55 6.42 -12.60
PG ATP N . 19.38 13.36 13.65
O1G ATP N . 18.89 14.76 13.93
O2G ATP N . 19.30 12.94 12.21
O3G ATP N . 18.89 12.33 14.64
PB ATP N . 21.50 13.60 15.45
O1B ATP N . 20.99 14.92 15.99
O2B ATP N . 21.20 12.33 16.20
O3B ATP N . 20.96 13.44 13.95
PA ATP N . 24.05 13.16 16.44
O1A ATP N . 24.16 11.66 16.27
O2A ATP N . 23.57 13.73 17.75
O3A ATP N . 23.09 13.71 15.27
O5' ATP N . 25.50 13.79 16.13
C5' ATP N . 26.59 13.39 16.95
C4' ATP N . 27.88 14.09 16.56
O4' ATP N . 27.79 15.49 16.84
C3' ATP N . 29.04 13.53 17.37
O3' ATP N . 30.02 12.98 16.49
C2' ATP N . 29.62 14.71 18.13
O2' ATP N . 31.03 14.79 17.89
C1' ATP N . 28.92 15.96 17.59
N9 ATP N . 28.44 16.83 18.68
C8 ATP N . 27.27 17.50 18.66
N7 ATP N . 27.10 18.24 19.79
C5 ATP N . 28.17 18.04 20.56
C6 ATP N . 28.63 18.53 21.89
N6 ATP N . 27.87 19.38 22.62
N1 ATP N . 29.83 18.10 22.34
C2 ATP N . 30.59 17.25 21.63
N3 ATP N . 30.25 16.78 20.41
C4 ATP N . 29.06 17.13 19.83
MG MG O . 20.20 10.55 15.89
PG ATP P . 3.26 2.57 -30.77
O1G ATP P . 3.71 3.99 -30.57
O2G ATP P . 1.94 2.23 -30.13
O3G ATP P . 4.34 1.54 -30.55
PB ATP P . 4.11 2.79 -33.43
O1B ATP P . 4.44 4.27 -33.35
O2B ATP P . 5.22 1.79 -33.22
O3B ATP P . 2.95 2.50 -32.36
PA ATP P . 4.23 1.84 -36.07
O1A ATP P . 5.19 2.88 -36.58
O2A ATP P . 4.75 0.51 -35.64
O3A ATP P . 3.40 2.50 -34.84
O5' ATP P . 3.11 1.59 -37.21
C5' ATP P . 1.99 0.75 -36.96
C4' ATP P . 1.75 -0.09 -38.20
O4' ATP P . 1.84 0.72 -39.38
C3' ATP P . 2.81 -1.18 -38.32
O3' ATP P . 2.22 -2.46 -38.16
C2' ATP P . 3.38 -1.05 -39.72
O2' ATP P . 3.17 -2.27 -40.45
C1' ATP P . 2.63 0.09 -40.39
N9 ATP P . 3.59 1.07 -40.95
C8 ATP P . 3.71 2.35 -40.56
N7 ATP P . 4.69 2.98 -41.26
C5 ATP P . 5.21 2.09 -42.13
C6 ATP P . 6.26 2.11 -43.15
N6 ATP P . 6.98 3.24 -43.42
N1 ATP P . 6.49 0.97 -43.84
C2 ATP P . 5.79 -0.16 -43.59
N3 ATP P . 4.82 -0.24 -42.67
C4 ATP P . 4.48 0.83 -41.92
#